data_1W5K
# 
_entry.id   1W5K 
# 
_audit_conform.dict_name       mmcif_pdbx.dic 
_audit_conform.dict_version    5.398 
_audit_conform.dict_location   http://mmcif.pdb.org/dictionaries/ascii/mmcif_pdbx.dic 
# 
loop_
_database_2.database_id 
_database_2.database_code 
_database_2.pdbx_database_accession 
_database_2.pdbx_DOI 
PDB   1W5K         pdb_00001w5k 10.2210/pdb1w5k/pdb 
PDBE  EBI-20711    ?            ?                   
WWPDB D_1290020711 ?            ?                   
# 
loop_
_pdbx_audit_revision_history.ordinal 
_pdbx_audit_revision_history.data_content_type 
_pdbx_audit_revision_history.major_revision 
_pdbx_audit_revision_history.minor_revision 
_pdbx_audit_revision_history.revision_date 
1 'Structure model' 1 0 2004-09-24 
2 'Structure model' 1 1 2011-05-08 
3 'Structure model' 1 2 2011-07-13 
4 'Structure model' 1 3 2017-06-28 
5 'Structure model' 1 4 2019-05-08 
6 'Structure model' 1 5 2024-11-06 
# 
_pdbx_audit_revision_details.ordinal             1 
_pdbx_audit_revision_details.revision_ordinal    1 
_pdbx_audit_revision_details.data_content_type   'Structure model' 
_pdbx_audit_revision_details.provider            repository 
_pdbx_audit_revision_details.type                'Initial release' 
_pdbx_audit_revision_details.description         ? 
_pdbx_audit_revision_details.details             ? 
# 
loop_
_pdbx_audit_revision_group.ordinal 
_pdbx_audit_revision_group.revision_ordinal 
_pdbx_audit_revision_group.data_content_type 
_pdbx_audit_revision_group.group 
1  2 'Structure model' 'Version format compliance' 
2  3 'Structure model' 'Version format compliance' 
3  4 'Structure model' 'Refinement description'    
4  5 'Structure model' 'Data collection'           
5  5 'Structure model' 'Derived calculations'      
6  5 'Structure model' 'Experimental preparation'  
7  6 'Structure model' 'Data collection'           
8  6 'Structure model' 'Database references'       
9  6 'Structure model' Other                       
10 6 'Structure model' 'Structure summary'         
# 
loop_
_pdbx_audit_revision_category.ordinal 
_pdbx_audit_revision_category.revision_ordinal 
_pdbx_audit_revision_category.data_content_type 
_pdbx_audit_revision_category.category 
1  4 'Structure model' software                  
2  5 'Structure model' database_PDB_rev          
3  5 'Structure model' database_PDB_rev_record   
4  5 'Structure model' exptl_crystal_grow        
5  5 'Structure model' struct_conn               
6  6 'Structure model' chem_comp_atom            
7  6 'Structure model' chem_comp_bond            
8  6 'Structure model' database_2                
9  6 'Structure model' pdbx_database_status      
10 6 'Structure model' pdbx_entry_details        
11 6 'Structure model' pdbx_modification_feature 
# 
loop_
_pdbx_audit_revision_item.ordinal 
_pdbx_audit_revision_item.revision_ordinal 
_pdbx_audit_revision_item.data_content_type 
_pdbx_audit_revision_item.item 
1 4 'Structure model' '_software.name'                               
2 5 'Structure model' '_exptl_crystal_grow.method'                   
3 5 'Structure model' '_struct_conn.pdbx_leaving_atom_flag'          
4 6 'Structure model' '_database_2.pdbx_DOI'                         
5 6 'Structure model' '_database_2.pdbx_database_accession'          
6 6 'Structure model' '_pdbx_database_status.status_code_sf'         
7 6 'Structure model' '_pdbx_entry_details.has_protein_modification' 
# 
_pdbx_database_status.status_code                     REL 
_pdbx_database_status.entry_id                        1W5K 
_pdbx_database_status.deposit_site                    PDBE 
_pdbx_database_status.process_site                    PDBE 
_pdbx_database_status.SG_entry                        . 
_pdbx_database_status.recvd_initial_deposition_date   2004-08-07 
_pdbx_database_status.pdb_format_compatible           Y 
_pdbx_database_status.status_code_sf                  REL 
_pdbx_database_status.status_code_mr                  ? 
_pdbx_database_status.status_code_cs                  ? 
_pdbx_database_status.methods_development_category    ? 
_pdbx_database_status.status_code_nmr_data            ? 
# 
loop_
_pdbx_database_related.db_name 
_pdbx_database_related.db_id 
_pdbx_database_related.content_type 
_pdbx_database_related.details 
PDB 1CE9 unspecified 'HELIX CAPPING IN THE GCN4 LEUCINE ZIPPER' 
PDB 1DGC unspecified 'GCN4 LEUCINE ZIPPER COMPLEXED WITH SPECIFIC ATF/CREB SITE DEOXYRIBONUCLEIC ACID' 
PDB 1ENV unspecified 'ATOMIC STRUCTURE OF THE ECTODOMAIN FROM HIV -1 GP41' 
PDB 1FAV unspecified 'THE STRUCTURE OF AN HIV-1 SPECIFIC CELL ENTRY INHIBITOR INCOMPLEX WITH THE HIV-1 GP41 TRIMERIC CORE' 
PDB 1GCL unspecified 'GCN4 LEUCINE ZIPPER CORE MUTANT P-LI' 
PDB 1GCM unspecified 'GCN4 LEUCINE ZIPPER CORE MUTANT P-LI' 
PDB 1GK6 unspecified 'HUMAN VIMENTIN COIL 2B FRAGMENT LINKED TO GCN4 LEUCINE ZIPPER (Z2B)' 
PDB 1GZL unspecified 
'CRYSTAL STRUCTURE OF C14LINKMID/IQN17: A CROSS-LINKED INHIBITOR OF HIV-1 ENTRY BOUND TO THE GP41 HYDROPHOBIC POCKET'          
PDB 1IHQ unspecified 
'GLYTM1BZIP: A CHIMERIC PEPTIDE MODEL OF THE N-TERMINUS OF ARAT SHORT ALPHA TROPOMYOSIN WITH THE N-TERMINUS ENCODED BYEXON 1B' 
PDB 1IJ0 unspecified 'COILED COIL TRIMER GCN4-PVLS SER AT BURIED D POSITION' 
PDB 1IJ1 unspecified 'GCN4-PVLT COILED-COIL TRIMER WITH THREONINE AT THE D(12)POSITION' 
PDB 1IJ2 unspecified 'GCN4-PVTL COILED-COIL TRIMER WITH THREONINE AT THE A(16)POSITION' 
PDB 1IJ3 unspecified 'GCN4-PVSL COILED-COIL TRIMER WITH SERINE AT THE A(16)POSITION' 
PDB 1KQL unspecified 'CRYSTAL STRUCTURE OF THE C-TERMINAL REGION OF STRIATEDMUSCLE ALPHA-TROPOMYOSIN AT 2.7 ANGSTROM RESOLUTION' 
PDB 1LD4 unspecified 'PLACEMENT OF THE STRUCTURAL PROTEINS IN SINDBIS VIRUS' 
PDB 1LLM unspecified 'CRYSTAL STRUCTURE OF A ZIF23-GCN4 CHIMERA BOUND TO DNA' 
PDB 1NKN unspecified 
'VISUALIZING AN UNSTABLE COILED COIL: THE CRYSTAL STRUCTUREOF AN N-TERMINAL SEGMENT OF THE SCALLOP MYOSIN ROD'                 
PDB 1PIQ unspecified 'CRYSTAL STRUCTURE OF GCN4-PIQ, A TRIMERIC COILED COIL WITH BURIED POLAR RESIDUES' 
PDB 1RB1 unspecified 'GCN4-LEUCINE ZIPPER CORE MUTANT AS N16A TRIGONAL AUTOMATICSOLUTION' 
PDB 1RB4 unspecified 'ANTIPARALLEL TRIMER OF GCN4-LEUCINE ZIPPER CORE MUTANT ASN16A TETRAGONAL AUTOMATIC SOLUTION' 
PDB 1RB5 unspecified 'ANTIPARALLEL TRIMER OF GCN4-LEUCINE ZIPPER CORE MUTANT ASN16A TRIGONAL FORM' 
PDB 1RB6 unspecified 'ANTIPARALLEL TRIMER OF GCN4-LEUCINE ZIPPER CORE MUTANT ASN16A TETRAGONAL FORM' 
PDB 1SWI unspecified 'GCN4-LEUCINE ZIPPER CORE MUTANT AS N16A COMPLEXED WITH BENZENE' 
PDB 1TMZ unspecified 'TMZIP: A CHIMERIC PEPTIDE MODEL OF THE N- TERMINUS OF ALPHA TROPOMYOSIN, NMR, 15 STRUCTURES' 
PDB 1M6T unspecified 'CRYSTAL STRUCTURE OF B562RIL, A REDESIGNED FOUR HELIX BUNDLE' 
PDB 1UNT unspecified 'STRUCTURE BASED ENGINEERING OF INTERNAL MOLECULAR SURFACES OF FOUR HELIX BUNDLES' 
PDB 1UNU unspecified 'STRUCTURE BASED ENGINEERING OF INTERNAL MOLECULAR SURFACES OF FOUR HELIX BUNDLES' 
PDB 1UNV unspecified 'STRUCTURE BASED ENGINEERING OF INTERNAL MOLECULAR SURFACES OF FOUR HELIX BUNDLES' 
PDB 1UNW unspecified 'STRUCTURE BASED ENGINEERING OF INTERNAL MOLECULAR SURFACES OF FOUR HELIX BUNDLES' 
PDB 1UNX unspecified 'STRUCTURE BASED ENGINEERING OF INTERNAL MOLECULAR SURFACES OF FOUR HELIX BUNDLES' 
PDB 1UNY unspecified 'STRUCTURE BASED ENGINEERING OF INTERNAL MOLECULAR SURFACES OF FOUR HELIX BUNDLES' 
PDB 1UNZ unspecified 'STRUCTURE BASED ENGINEERING OF INTERNAL MOLECULAR SURFACES OF FOUR HELIX BUNDLES' 
PDB 1UO0 unspecified 'STRUCTURE BASED ENGINEERING OF INTERNAL MOLECULAR SURFACES OF FOUR HELIX BUNDLES' 
PDB 1UO1 unspecified 'STRUCTURE BASED ENGINEERING OF INTERNAL MOLECULAR SURFACES OF FOUR HELIX BUNDLES' 
PDB 1UO2 unspecified 'STRUCTURE BASED ENGINEERING OF INTERNAL MOLECULAR SURFACES OF FOUR HELIX BUNDLES' 
PDB 1UO3 unspecified 'STRUCTURE BASED ENGINEERING OF INTERNAL MOLECULAR SURFACES OF FOUR HELIX BUNDLES' 
PDB 1UO4 unspecified 'STRUCTURE BASED ENGINEERING OF INTERNAL MOLECULAR SURFACES OF FOUR HELIX BUNDLES' 
PDB 1UO5 unspecified 'STRUCTURE BASED ENGINEERING OF INTERNAL MOLECULAR SURFACES OF FOUR HELIX BUNDLES' 
PDB 1VZL unspecified 'AN ANTI-PARALLEL FOUR HELIX BUNDLE MUTANT PLI-E20C' 
PDB 1YSA unspecified 'GCN4 (BASIC REGION, LEUCINE ZIPPER) COMPLEX WITH AP-1 DEOXYRIBONUCLEIC ACID' 
PDB 1ZII unspecified 'GCN4-LEUCINE ZIPPER CORE MUTANT ASN16ABA IN THE DIMERIC STATE' 
PDB 1ZIJ unspecified 'GCN4-LEUCINE ZIPPER CORE MUTANT ASN16ABA IN THE TRIMERIC STATE' 
PDB 1ZIK unspecified 'GCN4-LEUCINE ZIPPER CORE MUTANT ASN16LYS IN THE DIMERIC STATE' 
PDB 1ZIL unspecified 'GCN4-LEUCINE ZIPPER CORE MUTANT ASN16GLN IN THE DIMERIC STATE' 
PDB 1ZIM unspecified 'GCN4-LEUCINE ZIPPER CORE MUTANT ASN16GLN IN THE TRIMERIC STATE' 
PDB 1ZTA unspecified 'LEUCINE ZIPPER MONOMER (NMR, 20 STRUCTURES)' 
PDB 2DGC unspecified 'GCN4 BASIC DOMAIN, LEUCINE ZIPPER COMPLEXED WITH ATF/CREB SITE DEOXYRIBONUCLEIC ACID' 
PDB 2ZTA unspecified 'GCN4 LEUCINE ZIPPER' 
PDB 1W5G unspecified 'AN ANTI-PARALLEL FOUR HELIX BUNDLE.' 
PDB 1W5H unspecified 'AN ANTI-PARALLEL FOUR HELIX BUNDLE.' 
PDB 1W5I unspecified 'ABA DOES NOT AFFECT TOPOLOGY OF PLI.' 
PDB 1W5J unspecified 'AN ANTI-PARALLEL FOUR HELIX BUNDLE' 
PDB 1W5L unspecified 'AN ANTI-PARALLEL TO PARALLEL SWITCH.' 
# 
loop_
_audit_author.name 
_audit_author.pdbx_ordinal 
'Yadav, M.K.'   1 
'Leman, L.J.'   2 
'Stout, C.D.'   3 
'Ghadiri, M.R.' 4 
# 
_citation.id                        primary 
_citation.title                     
;Coiled Coils at the Edge of Configurational Heterogeneity. Structural Analyses of Parallel and Antiparallel Homotetrameric Coiled Coils Reveal Configurational Sensitivity to a Single Solvent-Exposed Amino Acid Substitution.
;
_citation.journal_abbrev            Biochemistry 
_citation.journal_volume            45 
_citation.page_first                4463 
_citation.page_last                 ? 
_citation.year                      2006 
_citation.journal_id_ASTM           BICHAW 
_citation.country                   US 
_citation.journal_id_ISSN           0006-2960 
_citation.journal_id_CSD            0033 
_citation.book_publisher            ? 
_citation.pdbx_database_id_PubMed   16584182 
_citation.pdbx_database_id_DOI      10.1021/BI060092Q 
# 
loop_
_citation_author.citation_id 
_citation_author.name 
_citation_author.ordinal 
_citation_author.identifier_ORCID 
primary 'Yadav, M.K.'   1 ? 
primary 'Leman, L.J.'   2 ? 
primary 'Price, D.J.'   3 ? 
primary 'Brooks, C.L.'  4 ? 
primary 'Stout, C.D.'   5 ? 
primary 'Ghadiri, M.R.' 6 ? 
# 
loop_
_entity.id 
_entity.type 
_entity.src_method 
_entity.pdbx_description 
_entity.formula_weight 
_entity.pdbx_number_of_molecules 
_entity.pdbx_ec 
_entity.pdbx_mutation 
_entity.pdbx_fragment 
_entity.details 
1 polymer syn 'GENERAL CONTROL PROTEIN GCN4' 4269.016 4  ? YES ? ? 
2 water   nat water                          18.015   93 ? ?   ? ? 
# 
_entity_name_com.entity_id   1 
_entity_name_com.name        'AMINO ACID BIOSYNTHESIS REGULATORY PROTEIN, KHHC33' 
# 
_entity_poly.entity_id                      1 
_entity_poly.type                           'polypeptide(L)' 
_entity_poly.nstd_linkage                   no 
_entity_poly.nstd_monomer                   yes 
_entity_poly.pdbx_seq_one_letter_code       '(TYZ)RMRQIEDRLEEILSKLHHICNELARIRRLLGER' 
_entity_poly.pdbx_seq_one_letter_code_can   XRMRQIEDRLEEILSKLHHICNELARIRRLLGER 
_entity_poly.pdbx_strand_id                 A,B,C,D 
_entity_poly.pdbx_target_identifier         ? 
# 
_pdbx_entity_nonpoly.entity_id   2 
_pdbx_entity_nonpoly.name        water 
_pdbx_entity_nonpoly.comp_id     HOH 
# 
loop_
_entity_poly_seq.entity_id 
_entity_poly_seq.num 
_entity_poly_seq.mon_id 
_entity_poly_seq.hetero 
1 1  TYZ n 
1 2  ARG n 
1 3  MET n 
1 4  ARG n 
1 5  GLN n 
1 6  ILE n 
1 7  GLU n 
1 8  ASP n 
1 9  ARG n 
1 10 LEU n 
1 11 GLU n 
1 12 GLU n 
1 13 ILE n 
1 14 LEU n 
1 15 SER n 
1 16 LYS n 
1 17 LEU n 
1 18 HIS n 
1 19 HIS n 
1 20 ILE n 
1 21 CYS n 
1 22 ASN n 
1 23 GLU n 
1 24 LEU n 
1 25 ALA n 
1 26 ARG n 
1 27 ILE n 
1 28 ARG n 
1 29 ARG n 
1 30 LEU n 
1 31 LEU n 
1 32 GLY n 
1 33 GLU n 
1 34 ARG n 
# 
_pdbx_entity_src_syn.entity_id              1 
_pdbx_entity_src_syn.pdbx_src_id            1 
_pdbx_entity_src_syn.pdbx_alt_source_flag   sample 
_pdbx_entity_src_syn.pdbx_beg_seq_num       ? 
_pdbx_entity_src_syn.pdbx_end_seq_num       ? 
_pdbx_entity_src_syn.organism_scientific    'SACCHAROMYCES CEREVISIAE' 
_pdbx_entity_src_syn.organism_common_name   
;BAKER'S YEAST
;
_pdbx_entity_src_syn.ncbi_taxonomy_id       4932 
_pdbx_entity_src_syn.details                ? 
# 
loop_
_chem_comp.id 
_chem_comp.type 
_chem_comp.mon_nstd_flag 
_chem_comp.name 
_chem_comp.pdbx_synonyms 
_chem_comp.formula 
_chem_comp.formula_weight 
ALA 'L-peptide linking' y ALANINE                       ? 'C3 H7 N O2'     89.093  
ARG 'L-peptide linking' y ARGININE                      ? 'C6 H15 N4 O2 1' 175.209 
ASN 'L-peptide linking' y ASPARAGINE                    ? 'C4 H8 N2 O3'    132.118 
ASP 'L-peptide linking' y 'ASPARTIC ACID'               ? 'C4 H7 N O4'     133.103 
CYS 'L-peptide linking' y CYSTEINE                      ? 'C3 H7 N O2 S'   121.158 
GLN 'L-peptide linking' y GLUTAMINE                     ? 'C5 H10 N2 O3'   146.144 
GLU 'L-peptide linking' y 'GLUTAMIC ACID'               ? 'C5 H9 N O4'     147.129 
GLY 'peptide linking'   y GLYCINE                       ? 'C2 H5 N O2'     75.067  
HIS 'L-peptide linking' y HISTIDINE                     ? 'C6 H10 N3 O2 1' 156.162 
HOH non-polymer         . WATER                         ? 'H2 O'           18.015  
ILE 'L-peptide linking' y ISOLEUCINE                    ? 'C6 H13 N O2'    131.173 
LEU 'L-peptide linking' y LEUCINE                       ? 'C6 H13 N O2'    131.173 
LYS 'L-peptide linking' y LYSINE                        ? 'C6 H15 N2 O2 1' 147.195 
MET 'L-peptide linking' y METHIONINE                    ? 'C5 H11 N O2 S'  149.211 
SER 'L-peptide linking' y SERINE                        ? 'C3 H7 N O3'     105.093 
TYR 'L-peptide linking' y TYROSINE                      ? 'C9 H11 N O3'    181.189 
TYZ non-polymer         . 'PARA ACETAMIDO BENZOIC ACID' ? 'C9 H9 N O3'     179.173 
VAL 'L-peptide linking' y VALINE                        ? 'C5 H11 N O2'    117.146 
# 
loop_
_pdbx_poly_seq_scheme.asym_id 
_pdbx_poly_seq_scheme.entity_id 
_pdbx_poly_seq_scheme.seq_id 
_pdbx_poly_seq_scheme.mon_id 
_pdbx_poly_seq_scheme.ndb_seq_num 
_pdbx_poly_seq_scheme.pdb_seq_num 
_pdbx_poly_seq_scheme.auth_seq_num 
_pdbx_poly_seq_scheme.pdb_mon_id 
_pdbx_poly_seq_scheme.auth_mon_id 
_pdbx_poly_seq_scheme.pdb_strand_id 
_pdbx_poly_seq_scheme.pdb_ins_code 
_pdbx_poly_seq_scheme.hetero 
A 1 1  TYZ 1  1  1  TYZ TYZ A . n 
A 1 2  ARG 2  2  2  ARG ARG A . n 
A 1 3  MET 3  3  3  MET MET A . n 
A 1 4  ARG 4  4  4  ARG ARG A . n 
A 1 5  GLN 5  5  5  GLN GLN A . n 
A 1 6  ILE 6  6  6  ILE ILE A . n 
A 1 7  GLU 7  7  7  GLU GLU A . n 
A 1 8  ASP 8  8  8  ASP ASP A . n 
A 1 9  ARG 9  9  9  ARG ARG A . n 
A 1 10 LEU 10 10 10 LEU LEU A . n 
A 1 11 GLU 11 11 11 GLU GLU A . n 
A 1 12 GLU 12 12 12 GLU GLU A . n 
A 1 13 ILE 13 13 13 ILE ILE A . n 
A 1 14 LEU 14 14 14 LEU LEU A . n 
A 1 15 SER 15 15 15 SER SER A . n 
A 1 16 LYS 16 16 16 LYS LYS A . n 
A 1 17 LEU 17 17 17 LEU LEU A . n 
A 1 18 HIS 18 18 18 HIS HIS A . n 
A 1 19 HIS 19 19 19 HIS HIS A . n 
A 1 20 ILE 20 20 20 ILE ILE A . n 
A 1 21 CYS 21 21 21 CYS CYS A . n 
A 1 22 ASN 22 22 22 ASN ASN A . n 
A 1 23 GLU 23 23 23 GLU GLU A . n 
A 1 24 LEU 24 24 24 LEU LEU A . n 
A 1 25 ALA 25 25 25 ALA ALA A . n 
A 1 26 ARG 26 26 26 ARG ARG A . n 
A 1 27 ILE 27 27 27 ILE ILE A . n 
A 1 28 ARG 28 28 28 ARG ARG A . n 
A 1 29 ARG 29 29 29 ARG ARG A . n 
A 1 30 LEU 30 30 30 LEU LEU A . n 
A 1 31 LEU 31 31 31 LEU LEU A . n 
A 1 32 GLY 32 32 32 GLY GLY A . n 
A 1 33 GLU 33 33 33 GLU GLU A . n 
A 1 34 ARG 34 34 34 ARG ARG A . n 
B 1 1  TYZ 1  0  ?  ?   ?   B . n 
B 1 2  ARG 2  1  1  ARG ARG B . n 
B 1 3  MET 3  2  2  MET MET B . n 
B 1 4  ARG 4  3  3  ARG ARG B . n 
B 1 5  GLN 5  4  4  GLN GLN B . n 
B 1 6  ILE 6  5  5  ILE ILE B . n 
B 1 7  GLU 7  6  6  GLU GLU B . n 
B 1 8  ASP 8  7  7  ASP ASP B . n 
B 1 9  ARG 9  8  8  ARG ARG B . n 
B 1 10 LEU 10 9  9  LEU LEU B . n 
B 1 11 GLU 11 10 10 GLU GLU B . n 
B 1 12 GLU 12 11 11 GLU GLU B . n 
B 1 13 ILE 13 12 12 ILE ILE B . n 
B 1 14 LEU 14 13 13 LEU LEU B . n 
B 1 15 SER 15 14 14 SER SER B . n 
B 1 16 LYS 16 15 15 LYS LYS B . n 
B 1 17 LEU 17 16 16 LEU LEU B . n 
B 1 18 HIS 18 17 17 HIS HIS B . n 
B 1 19 HIS 19 18 18 HIS HIS B . n 
B 1 20 ILE 20 19 19 ILE ILE B . n 
B 1 21 CYS 21 20 20 CYS CYS B . n 
B 1 22 ASN 22 21 21 ASN ASN B . n 
B 1 23 GLU 23 22 22 GLU GLU B . n 
B 1 24 LEU 24 23 23 LEU LEU B . n 
B 1 25 ALA 25 24 24 ALA ALA B . n 
B 1 26 ARG 26 25 25 ARG ARG B . n 
B 1 27 ILE 27 26 26 ILE ILE B . n 
B 1 28 ARG 28 27 27 ARG ARG B . n 
B 1 29 ARG 29 28 28 ARG ARG B . n 
B 1 30 LEU 30 29 29 LEU LEU B . n 
B 1 31 LEU 31 30 30 LEU LEU B . n 
B 1 32 GLY 32 31 31 GLY GLY B . n 
B 1 33 GLU 33 32 32 GLU GLU B . n 
B 1 34 ARG 34 33 33 ARG ARG B . n 
C 1 1  TYZ 1  0  ?  ?   ?   C . n 
C 1 2  ARG 2  1  1  ARG ARG C . n 
C 1 3  MET 3  2  2  MET MET C . n 
C 1 4  ARG 4  3  3  ARG ARG C . n 
C 1 5  GLN 5  4  4  GLN GLN C . n 
C 1 6  ILE 6  5  5  ILE ILE C . n 
C 1 7  GLU 7  6  6  GLU GLU C . n 
C 1 8  ASP 8  7  7  ASP ASP C . n 
C 1 9  ARG 9  8  8  ARG ARG C . n 
C 1 10 LEU 10 9  9  LEU LEU C . n 
C 1 11 GLU 11 10 10 GLU GLU C . n 
C 1 12 GLU 12 11 11 GLU GLU C . n 
C 1 13 ILE 13 12 12 ILE ILE C . n 
C 1 14 LEU 14 13 13 LEU LEU C . n 
C 1 15 SER 15 14 14 SER SER C . n 
C 1 16 LYS 16 15 15 LYS LYS C . n 
C 1 17 LEU 17 16 16 LEU LEU C . n 
C 1 18 HIS 18 17 17 HIS HIS C . n 
C 1 19 HIS 19 18 18 HIS HIS C . n 
C 1 20 ILE 20 19 19 ILE ILE C . n 
C 1 21 CYS 21 20 20 CYS CYS C . n 
C 1 22 ASN 22 21 21 ASN ASN C . n 
C 1 23 GLU 23 22 22 GLU GLU C . n 
C 1 24 LEU 24 23 23 LEU LEU C . n 
C 1 25 ALA 25 24 24 ALA ALA C . n 
C 1 26 ARG 26 25 25 ARG ARG C . n 
C 1 27 ILE 27 26 26 ILE ILE C . n 
C 1 28 ARG 28 27 27 ARG ARG C . n 
C 1 29 ARG 29 28 28 ARG ARG C . n 
C 1 30 LEU 30 29 29 LEU LEU C . n 
C 1 31 LEU 31 30 30 LEU LEU C . n 
C 1 32 GLY 32 31 31 GLY GLY C . n 
C 1 33 GLU 33 32 32 GLU GLU C . n 
C 1 34 ARG 34 33 33 ARG ARG C . n 
D 1 1  TYZ 1  0  ?  ?   ?   D . n 
D 1 2  ARG 2  1  1  ARG ARG D . n 
D 1 3  MET 3  2  2  MET MET D . n 
D 1 4  ARG 4  3  3  ARG ARG D . n 
D 1 5  GLN 5  4  4  GLN GLN D . n 
D 1 6  ILE 6  5  5  ILE ILE D . n 
D 1 7  GLU 7  6  6  GLU GLU D . n 
D 1 8  ASP 8  7  7  ASP ASP D . n 
D 1 9  ARG 9  8  8  ARG ARG D . n 
D 1 10 LEU 10 9  9  LEU LEU D . n 
D 1 11 GLU 11 10 10 GLU GLU D . n 
D 1 12 GLU 12 11 11 GLU GLU D . n 
D 1 13 ILE 13 12 12 ILE ILE D . n 
D 1 14 LEU 14 13 13 LEU LEU D . n 
D 1 15 SER 15 14 14 SER SER D . n 
D 1 16 LYS 16 15 15 LYS LYS D . n 
D 1 17 LEU 17 16 16 LEU LEU D . n 
D 1 18 HIS 18 17 17 HIS HIS D . n 
D 1 19 HIS 19 18 18 HIS HIS D . n 
D 1 20 ILE 20 19 19 ILE ILE D . n 
D 1 21 CYS 21 20 20 CYS CYS D . n 
D 1 22 ASN 22 21 21 ASN ASN D . n 
D 1 23 GLU 23 22 22 GLU GLU D . n 
D 1 24 LEU 24 23 23 LEU LEU D . n 
D 1 25 ALA 25 24 24 ALA ALA D . n 
D 1 26 ARG 26 25 25 ARG ARG D . n 
D 1 27 ILE 27 26 26 ILE ILE D . n 
D 1 28 ARG 28 27 27 ARG ARG D . n 
D 1 29 ARG 29 28 28 ARG ARG D . n 
D 1 30 LEU 30 29 29 LEU LEU D . n 
D 1 31 LEU 31 30 30 LEU LEU D . n 
D 1 32 GLY 32 31 31 GLY GLY D . n 
D 1 33 GLU 33 32 32 GLU GLU D . n 
D 1 34 ARG 34 33 33 ARG ARG D . n 
# 
loop_
_pdbx_nonpoly_scheme.asym_id 
_pdbx_nonpoly_scheme.entity_id 
_pdbx_nonpoly_scheme.mon_id 
_pdbx_nonpoly_scheme.ndb_seq_num 
_pdbx_nonpoly_scheme.pdb_seq_num 
_pdbx_nonpoly_scheme.auth_seq_num 
_pdbx_nonpoly_scheme.pdb_mon_id 
_pdbx_nonpoly_scheme.auth_mon_id 
_pdbx_nonpoly_scheme.pdb_strand_id 
_pdbx_nonpoly_scheme.pdb_ins_code 
E 2 HOH 1  2001 2001 HOH HOH A . 
E 2 HOH 2  2002 2002 HOH HOH A . 
E 2 HOH 3  2003 2003 HOH HOH A . 
E 2 HOH 4  2004 2004 HOH HOH A . 
E 2 HOH 5  2005 2005 HOH HOH A . 
E 2 HOH 6  2006 2006 HOH HOH A . 
E 2 HOH 7  2007 2007 HOH HOH A . 
E 2 HOH 8  2008 2008 HOH HOH A . 
E 2 HOH 9  2009 2009 HOH HOH A . 
E 2 HOH 10 2010 2010 HOH HOH A . 
E 2 HOH 11 2011 2011 HOH HOH A . 
E 2 HOH 12 2012 2012 HOH HOH A . 
E 2 HOH 13 2013 2013 HOH HOH A . 
E 2 HOH 14 2014 2014 HOH HOH A . 
E 2 HOH 15 2015 2015 HOH HOH A . 
E 2 HOH 16 2016 2016 HOH HOH A . 
E 2 HOH 17 2017 2017 HOH HOH A . 
E 2 HOH 18 2018 2018 HOH HOH A . 
E 2 HOH 19 2019 2019 HOH HOH A . 
E 2 HOH 20 2020 2020 HOH HOH A . 
E 2 HOH 21 2021 2021 HOH HOH A . 
E 2 HOH 22 2022 2022 HOH HOH A . 
E 2 HOH 23 2023 2023 HOH HOH A . 
E 2 HOH 24 2024 2024 HOH HOH A . 
E 2 HOH 25 2025 2025 HOH HOH A . 
F 2 HOH 1  2001 2001 HOH HOH B . 
F 2 HOH 2  2002 2002 HOH HOH B . 
F 2 HOH 3  2003 2003 HOH HOH B . 
F 2 HOH 4  2004 2004 HOH HOH B . 
F 2 HOH 5  2005 2005 HOH HOH B . 
F 2 HOH 6  2006 2006 HOH HOH B . 
F 2 HOH 7  2007 2007 HOH HOH B . 
F 2 HOH 8  2008 2008 HOH HOH B . 
F 2 HOH 9  2009 2009 HOH HOH B . 
F 2 HOH 10 2010 2010 HOH HOH B . 
F 2 HOH 11 2011 2011 HOH HOH B . 
F 2 HOH 12 2012 2012 HOH HOH B . 
F 2 HOH 13 2013 2013 HOH HOH B . 
F 2 HOH 14 2014 2014 HOH HOH B . 
F 2 HOH 15 2015 2015 HOH HOH B . 
F 2 HOH 16 2016 2016 HOH HOH B . 
F 2 HOH 17 2017 2017 HOH HOH B . 
F 2 HOH 18 2018 2018 HOH HOH B . 
F 2 HOH 19 2019 2019 HOH HOH B . 
F 2 HOH 20 2020 2020 HOH HOH B . 
F 2 HOH 21 2021 2021 HOH HOH B . 
F 2 HOH 22 2022 2022 HOH HOH B . 
F 2 HOH 23 2023 2023 HOH HOH B . 
F 2 HOH 24 2024 2024 HOH HOH B . 
F 2 HOH 25 2025 2025 HOH HOH B . 
G 2 HOH 1  2001 2001 HOH HOH C . 
G 2 HOH 2  2002 2002 HOH HOH C . 
G 2 HOH 3  2003 2003 HOH HOH C . 
G 2 HOH 4  2004 2004 HOH HOH C . 
G 2 HOH 5  2005 2005 HOH HOH C . 
G 2 HOH 6  2006 2006 HOH HOH C . 
G 2 HOH 7  2007 2007 HOH HOH C . 
G 2 HOH 8  2008 2008 HOH HOH C . 
G 2 HOH 9  2009 2009 HOH HOH C . 
G 2 HOH 10 2010 2010 HOH HOH C . 
G 2 HOH 11 2011 2011 HOH HOH C . 
G 2 HOH 12 2012 2012 HOH HOH C . 
G 2 HOH 13 2013 2013 HOH HOH C . 
G 2 HOH 14 2014 2014 HOH HOH C . 
G 2 HOH 15 2015 2015 HOH HOH C . 
G 2 HOH 16 2016 2016 HOH HOH C . 
H 2 HOH 1  2001 2001 HOH HOH D . 
H 2 HOH 2  2002 2002 HOH HOH D . 
H 2 HOH 3  2003 2003 HOH HOH D . 
H 2 HOH 4  2004 2004 HOH HOH D . 
H 2 HOH 5  2005 2005 HOH HOH D . 
H 2 HOH 6  2006 2006 HOH HOH D . 
H 2 HOH 7  2007 2007 HOH HOH D . 
H 2 HOH 8  2008 2008 HOH HOH D . 
H 2 HOH 9  2009 2009 HOH HOH D . 
H 2 HOH 10 2010 2010 HOH HOH D . 
H 2 HOH 11 2011 2011 HOH HOH D . 
H 2 HOH 12 2012 2012 HOH HOH D . 
H 2 HOH 13 2013 2013 HOH HOH D . 
H 2 HOH 14 2014 2014 HOH HOH D . 
H 2 HOH 15 2015 2015 HOH HOH D . 
H 2 HOH 16 2016 2016 HOH HOH D . 
H 2 HOH 17 2017 2017 HOH HOH D . 
H 2 HOH 18 2018 2018 HOH HOH D . 
H 2 HOH 19 2019 2019 HOH HOH D . 
H 2 HOH 20 2020 2020 HOH HOH D . 
H 2 HOH 21 2021 2021 HOH HOH D . 
H 2 HOH 22 2022 2022 HOH HOH D . 
H 2 HOH 23 2023 2023 HOH HOH D . 
H 2 HOH 24 2024 2024 HOH HOH D . 
H 2 HOH 25 2025 2025 HOH HOH D . 
H 2 HOH 26 2026 2026 HOH HOH D . 
H 2 HOH 27 2027 2027 HOH HOH D . 
# 
loop_
_pdbx_unobs_or_zero_occ_atoms.id 
_pdbx_unobs_or_zero_occ_atoms.PDB_model_num 
_pdbx_unobs_or_zero_occ_atoms.polymer_flag 
_pdbx_unobs_or_zero_occ_atoms.occupancy_flag 
_pdbx_unobs_or_zero_occ_atoms.auth_asym_id 
_pdbx_unobs_or_zero_occ_atoms.auth_comp_id 
_pdbx_unobs_or_zero_occ_atoms.auth_seq_id 
_pdbx_unobs_or_zero_occ_atoms.PDB_ins_code 
_pdbx_unobs_or_zero_occ_atoms.auth_atom_id 
_pdbx_unobs_or_zero_occ_atoms.label_alt_id 
_pdbx_unobs_or_zero_occ_atoms.label_asym_id 
_pdbx_unobs_or_zero_occ_atoms.label_comp_id 
_pdbx_unobs_or_zero_occ_atoms.label_seq_id 
_pdbx_unobs_or_zero_occ_atoms.label_atom_id 
1  1 Y 1 A ARG 29 ? CD  ? A ARG 29 CD  
2  1 Y 1 A ARG 29 ? NE  ? A ARG 29 NE  
3  1 Y 1 A ARG 29 ? CZ  ? A ARG 29 CZ  
4  1 Y 1 A ARG 29 ? NH1 ? A ARG 29 NH1 
5  1 Y 1 A ARG 29 ? NH2 ? A ARG 29 NH2 
6  1 Y 1 B ARG 1  ? NE  ? B ARG 2  NE  
7  1 Y 1 B ARG 1  ? CZ  ? B ARG 2  CZ  
8  1 Y 1 B ARG 1  ? NH1 ? B ARG 2  NH1 
9  1 Y 1 B ARG 1  ? NH2 ? B ARG 2  NH2 
10 1 Y 1 B ARG 3  ? CG  ? B ARG 4  CG  
11 1 Y 1 B ARG 3  ? CD  ? B ARG 4  CD  
12 1 Y 1 B ARG 3  ? NE  ? B ARG 4  NE  
13 1 Y 1 B ARG 3  ? CZ  ? B ARG 4  CZ  
14 1 Y 1 B ARG 3  ? NH1 ? B ARG 4  NH1 
15 1 Y 1 B ARG 3  ? NH2 ? B ARG 4  NH2 
16 1 Y 1 B HIS 18 ? ND1 ? B HIS 19 ND1 
17 1 Y 1 B HIS 18 ? CD2 ? B HIS 19 CD2 
18 1 Y 1 B HIS 18 ? CE1 ? B HIS 19 CE1 
19 1 Y 1 B HIS 18 ? NE2 ? B HIS 19 NE2 
20 1 Y 1 B GLU 22 ? CD  ? B GLU 23 CD  
21 1 Y 1 B GLU 22 ? OE1 ? B GLU 23 OE1 
22 1 Y 1 B GLU 22 ? OE2 ? B GLU 23 OE2 
23 1 Y 1 B GLU 32 ? CD  ? B GLU 33 CD  
24 1 Y 1 B GLU 32 ? OE1 ? B GLU 33 OE1 
25 1 Y 1 B GLU 32 ? OE2 ? B GLU 33 OE2 
26 1 Y 1 C ARG 3  ? CD  ? C ARG 4  CD  
27 1 Y 1 C ARG 3  ? NE  ? C ARG 4  NE  
28 1 Y 1 C ARG 3  ? CZ  ? C ARG 4  CZ  
29 1 Y 1 C ARG 3  ? NH1 ? C ARG 4  NH1 
30 1 Y 1 C ARG 3  ? NH2 ? C ARG 4  NH2 
31 1 Y 1 C GLU 11 ? CG  ? C GLU 12 CG  
32 1 Y 1 C GLU 11 ? CD  ? C GLU 12 CD  
33 1 Y 1 C GLU 11 ? OE1 ? C GLU 12 OE1 
34 1 Y 1 C GLU 11 ? OE2 ? C GLU 12 OE2 
35 1 Y 1 C LYS 15 ? CE  ? C LYS 16 CE  
36 1 Y 1 C LYS 15 ? NZ  ? C LYS 16 NZ  
37 1 Y 1 C HIS 17 ? ND1 ? C HIS 18 ND1 
38 1 Y 1 C HIS 17 ? CD2 ? C HIS 18 CD2 
39 1 Y 1 C HIS 17 ? CE1 ? C HIS 18 CE1 
40 1 Y 1 C HIS 17 ? NE2 ? C HIS 18 NE2 
41 1 Y 1 C ARG 28 ? CD  ? C ARG 29 CD  
42 1 Y 1 C ARG 28 ? NE  ? C ARG 29 NE  
43 1 Y 1 C ARG 28 ? CZ  ? C ARG 29 CZ  
44 1 Y 1 C ARG 28 ? NH1 ? C ARG 29 NH1 
45 1 Y 1 C ARG 28 ? NH2 ? C ARG 29 NH2 
46 1 Y 1 C LEU 29 ? CD1 ? C LEU 30 CD1 
47 1 Y 1 C LEU 29 ? CD2 ? C LEU 30 CD2 
48 1 Y 1 D ARG 1  ? CB  ? D ARG 2  CB  
49 1 Y 1 D ARG 1  ? CG  ? D ARG 2  CG  
50 1 Y 1 D ARG 1  ? CD  ? D ARG 2  CD  
51 1 Y 1 D ARG 1  ? NE  ? D ARG 2  NE  
52 1 Y 1 D ARG 1  ? CZ  ? D ARG 2  CZ  
53 1 Y 1 D ARG 1  ? NH1 ? D ARG 2  NH1 
54 1 Y 1 D ARG 1  ? NH2 ? D ARG 2  NH2 
55 1 Y 1 D ARG 3  ? CG  ? D ARG 4  CG  
56 1 Y 1 D ARG 3  ? CD  ? D ARG 4  CD  
57 1 Y 1 D ARG 3  ? NE  ? D ARG 4  NE  
58 1 Y 1 D ARG 3  ? CZ  ? D ARG 4  CZ  
59 1 Y 1 D ARG 3  ? NH1 ? D ARG 4  NH1 
60 1 Y 1 D ARG 3  ? NH2 ? D ARG 4  NH2 
61 1 Y 1 D GLN 4  ? CD  ? D GLN 5  CD  
62 1 Y 1 D GLN 4  ? OE1 ? D GLN 5  OE1 
63 1 Y 1 D GLN 4  ? NE2 ? D GLN 5  NE2 
64 1 Y 1 D ARG 8  ? CD  ? D ARG 9  CD  
65 1 Y 1 D ARG 8  ? NE  ? D ARG 9  NE  
66 1 Y 1 D ARG 8  ? CZ  ? D ARG 9  CZ  
67 1 Y 1 D ARG 8  ? NH1 ? D ARG 9  NH1 
68 1 Y 1 D ARG 8  ? NH2 ? D ARG 9  NH2 
69 1 Y 1 D ARG 27 ? NE  ? D ARG 28 NE  
70 1 Y 1 D ARG 27 ? CZ  ? D ARG 28 CZ  
71 1 Y 1 D ARG 27 ? NH1 ? D ARG 28 NH1 
72 1 Y 1 D ARG 27 ? NH2 ? D ARG 28 NH2 
73 1 Y 1 D GLU 32 ? CD  ? D GLU 33 CD  
74 1 Y 1 D GLU 32 ? OE1 ? D GLU 33 OE1 
75 1 Y 1 D GLU 32 ? OE2 ? D GLU 33 OE2 
# 
loop_
_software.name 
_software.classification 
_software.version 
_software.citation_id 
_software.pdbx_ordinal 
CrystalClear  'data reduction' '(MSC/RIGAKU)' ? 1 
CrystalClear  'data scaling'   '(MSC/RIGAKU)' ? 2 
SOLVE/RESOLVE phasing          .              ? 3 
ARP/wARP      phasing          .              ? 4 
REFMAC        refinement       5.1.24         ? 5 
# 
_cell.entry_id           1W5K 
_cell.length_a           33.886 
_cell.length_b           37.311 
_cell.length_c           104.105 
_cell.angle_alpha        90.00 
_cell.angle_beta         90.00 
_cell.angle_gamma        90.00 
_cell.Z_PDB              16 
_cell.pdbx_unique_axis   ? 
# 
_symmetry.entry_id                         1W5K 
_symmetry.space_group_name_H-M             'P 21 21 2' 
_symmetry.pdbx_full_space_group_name_H-M   ? 
_symmetry.cell_setting                     ? 
_symmetry.Int_Tables_number                18 
# 
_exptl.entry_id          1W5K 
_exptl.method            'X-RAY DIFFRACTION' 
_exptl.crystals_number   3 
# 
_exptl_crystal.id                    1 
_exptl_crystal.density_meas          ? 
_exptl_crystal.density_Matthews      2 
_exptl_crystal.density_percent_sol   38.9 
_exptl_crystal.description           
;STRUCTURE WAS ORIGINALLY SOLVED BETWEEN SIRAS PHASING BETWEEN 2SEMET PEPTIDE AND IT'S DERIVATIVE SOAKED WITH 50MM KAUCN2
;
# 
_exptl_crystal_grow.crystal_id      1 
_exptl_crystal_grow.method          'VAPOR DIFFUSION, HANGING DROP' 
_exptl_crystal_grow.temp            ? 
_exptl_crystal_grow.temp_details    ? 
_exptl_crystal_grow.pH              5.00 
_exptl_crystal_grow.pdbx_pH_range   ? 
_exptl_crystal_grow.pdbx_details    
'HANGING DROP, 1UL OF 10MG/ML PEPTIDE IN WATER, 1UL 100MM CAPS, 30% PEG 400, PH 10.5, 1UL OF 50MM TCEP IN WATER' 
# 
_diffrn.id                     1 
_diffrn.ambient_temp           93.0 
_diffrn.ambient_temp_details   ? 
_diffrn.crystal_id             1 
# 
_diffrn_detector.diffrn_id              1 
_diffrn_detector.detector               ? 
_diffrn_detector.type                   ? 
_diffrn_detector.pdbx_collection_date   2003-01-09 
_diffrn_detector.details                ? 
# 
_diffrn_radiation.diffrn_id                        1 
_diffrn_radiation.wavelength_id                    1 
_diffrn_radiation.pdbx_monochromatic_or_laue_m_l   M 
_diffrn_radiation.monochromator                    'NI FILTER' 
_diffrn_radiation.pdbx_diffrn_protocol             'SINGLE WAVELENGTH' 
_diffrn_radiation.pdbx_scattering_type             x-ray 
# 
_diffrn_radiation_wavelength.id           1 
_diffrn_radiation_wavelength.wavelength   1.5418 
_diffrn_radiation_wavelength.wt           1.0 
# 
_diffrn_source.diffrn_id                   1 
_diffrn_source.source                      'ROTATING ANODE' 
_diffrn_source.type                        'RIGAKU RU200' 
_diffrn_source.pdbx_synchrotron_site       ? 
_diffrn_source.pdbx_synchrotron_beamline   ? 
_diffrn_source.pdbx_wavelength             1.5418 
_diffrn_source.pdbx_wavelength_list        ? 
# 
_reflns.pdbx_diffrn_id               1 
_reflns.pdbx_ordinal                 1 
_reflns.entry_id                     1W5K 
_reflns.observed_criterion_sigma_I   2.000 
_reflns.observed_criterion_sigma_F   ? 
_reflns.d_resolution_low             37.310 
_reflns.d_resolution_high            1.920 
_reflns.number_obs                   19519 
_reflns.number_all                   ? 
_reflns.percent_possible_obs         98.7 
_reflns.pdbx_Rmerge_I_obs            0.05000 
_reflns.pdbx_Rsym_value              ? 
_reflns.pdbx_netI_over_sigmaI        9.4000 
_reflns.B_iso_Wilson_estimate        ? 
_reflns.pdbx_redundancy              2.690 
# 
_reflns_shell.pdbx_diffrn_id         1 
_reflns_shell.pdbx_ordinal           1 
_reflns_shell.d_res_high             1.92 
_reflns_shell.d_res_low              1.99 
_reflns_shell.percent_possible_all   96.5 
_reflns_shell.Rmerge_I_obs           0.25000 
_reflns_shell.pdbx_Rsym_value        ? 
_reflns_shell.meanI_over_sigI_obs    2.300 
_reflns_shell.pdbx_redundancy        2.23 
# 
_refine.pdbx_refine_id                           'X-RAY DIFFRACTION' 
_refine.entry_id                                 1W5K 
_refine.pdbx_diffrn_id                           1 
_refine.pdbx_TLS_residual_ADP_flag               ? 
_refine.ls_number_reflns_obs                     10007 
_refine.ls_number_reflns_all                     ? 
_refine.pdbx_ls_sigma_I                          ? 
_refine.pdbx_ls_sigma_F                          ? 
_refine.pdbx_data_cutoff_high_absF               ? 
_refine.pdbx_data_cutoff_low_absF                ? 
_refine.pdbx_data_cutoff_high_rms_absF           ? 
_refine.ls_d_res_low                             105.41 
_refine.ls_d_res_high                            1.92 
_refine.ls_percent_reflns_obs                    98.4 
_refine.ls_R_factor_obs                          0.251 
_refine.ls_R_factor_all                          ? 
_refine.ls_R_factor_R_work                       0.249 
_refine.ls_R_factor_R_free                       0.307 
_refine.ls_R_factor_R_free_error                 ? 
_refine.ls_R_factor_R_free_error_details         ? 
_refine.ls_percent_reflns_R_free                 4.800 
_refine.ls_number_reflns_R_free                  501 
_refine.ls_number_parameters                     ? 
_refine.ls_number_restraints                     ? 
_refine.occupancy_min                            ? 
_refine.occupancy_max                            ? 
_refine.correlation_coeff_Fo_to_Fc               0.915 
_refine.correlation_coeff_Fo_to_Fc_free          0.868 
_refine.B_iso_mean                               23.86 
_refine.aniso_B[1][1]                            1.48000 
_refine.aniso_B[2][2]                            -0.29000 
_refine.aniso_B[3][3]                            -1.19000 
_refine.aniso_B[1][2]                            0.00000 
_refine.aniso_B[1][3]                            0.00000 
_refine.aniso_B[2][3]                            0.00000 
_refine.solvent_model_details                    'BABINET MODEL WITH MASK' 
_refine.solvent_model_param_ksol                 ? 
_refine.solvent_model_param_bsol                 ? 
_refine.pdbx_solvent_vdw_probe_radii             1.40 
_refine.pdbx_solvent_ion_probe_radii             0.80 
_refine.pdbx_solvent_shrinkage_radii             0.80 
_refine.pdbx_ls_cross_valid_method               THROUGHOUT 
_refine.details                                  'HYDROGENS HAVE BEEN ADDED IN THE RIDING POSITIONS.' 
_refine.pdbx_starting_model                      ? 
_refine.pdbx_method_to_determine_struct          SIRAS 
_refine.pdbx_isotropic_thermal_model             ? 
_refine.pdbx_stereochemistry_target_values       'MAXIMUM LIKELIHOOD' 
_refine.pdbx_stereochem_target_val_spec_case     ? 
_refine.pdbx_R_Free_selection_details            RANDOM 
_refine.pdbx_overall_ESU_R                       0.232 
_refine.pdbx_overall_ESU_R_Free                  0.208 
_refine.overall_SU_ML                            0.127 
_refine.pdbx_overall_phase_error                 ? 
_refine.overall_SU_B                             4.294 
_refine.overall_SU_R_Cruickshank_DPI             ? 
_refine.pdbx_overall_SU_R_free_Cruickshank_DPI   ? 
_refine.pdbx_overall_SU_R_Blow_DPI               ? 
_refine.pdbx_overall_SU_R_free_Blow_DPI          ? 
# 
_refine_hist.pdbx_refine_id                   'X-RAY DIFFRACTION' 
_refine_hist.cycle_id                         LAST 
_refine_hist.pdbx_number_atoms_protein        1081 
_refine_hist.pdbx_number_atoms_nucleic_acid   0 
_refine_hist.pdbx_number_atoms_ligand         0 
_refine_hist.number_atoms_solvent             93 
_refine_hist.number_atoms_total               1174 
_refine_hist.d_res_high                       1.92 
_refine_hist.d_res_low                        105.41 
# 
loop_
_refine_ls_restr.type 
_refine_ls_restr.dev_ideal 
_refine_ls_restr.dev_ideal_target 
_refine_ls_restr.weight 
_refine_ls_restr.number 
_refine_ls_restr.pdbx_refine_id 
_refine_ls_restr.pdbx_restraint_function 
r_bond_refined_d             0.008 0.021 ? 1101 'X-RAY DIFFRACTION' ? 
r_bond_other_d               0.006 0.020 ? 1106 'X-RAY DIFFRACTION' ? 
r_angle_refined_deg          1.020 2.005 ? 1460 'X-RAY DIFFRACTION' ? 
r_angle_other_deg            0.701 3.000 ? 2531 'X-RAY DIFFRACTION' ? 
r_dihedral_angle_1_deg       3.096 5.000 ? 132  'X-RAY DIFFRACTION' ? 
r_dihedral_angle_2_deg       ?     ?     ? ?    'X-RAY DIFFRACTION' ? 
r_dihedral_angle_3_deg       ?     ?     ? ?    'X-RAY DIFFRACTION' ? 
r_dihedral_angle_4_deg       ?     ?     ? ?    'X-RAY DIFFRACTION' ? 
r_chiral_restr               0.049 0.200 ? 168  'X-RAY DIFFRACTION' ? 
r_gen_planes_refined         0.004 0.020 ? 1201 'X-RAY DIFFRACTION' ? 
r_gen_planes_other           0.004 0.020 ? 229  'X-RAY DIFFRACTION' ? 
r_nbd_refined                0.191 0.200 ? 260  'X-RAY DIFFRACTION' ? 
r_nbd_other                  0.242 0.200 ? 1228 'X-RAY DIFFRACTION' ? 
r_nbtor_refined              ?     ?     ? ?    'X-RAY DIFFRACTION' ? 
r_nbtor_other                0.090 0.200 ? 632  'X-RAY DIFFRACTION' ? 
r_xyhbond_nbd_refined        0.152 0.200 ? 33   'X-RAY DIFFRACTION' ? 
r_xyhbond_nbd_other          ?     ?     ? ?    'X-RAY DIFFRACTION' ? 
r_metal_ion_refined          ?     ?     ? ?    'X-RAY DIFFRACTION' ? 
r_metal_ion_other            ?     ?     ? ?    'X-RAY DIFFRACTION' ? 
r_symmetry_vdw_refined       0.176 0.200 ? 21   'X-RAY DIFFRACTION' ? 
r_symmetry_vdw_other         0.266 0.200 ? 105  'X-RAY DIFFRACTION' ? 
r_symmetry_hbond_refined     0.249 0.200 ? 16   'X-RAY DIFFRACTION' ? 
r_symmetry_hbond_other       ?     ?     ? ?    'X-RAY DIFFRACTION' ? 
r_symmetry_metal_ion_refined ?     ?     ? ?    'X-RAY DIFFRACTION' ? 
r_symmetry_metal_ion_other   ?     ?     ? ?    'X-RAY DIFFRACTION' ? 
r_mcbond_it                  0.573 1.500 ? 672  'X-RAY DIFFRACTION' ? 
r_mcbond_other               ?     ?     ? ?    'X-RAY DIFFRACTION' ? 
r_mcangle_it                 0.906 2.000 ? 1071 'X-RAY DIFFRACTION' ? 
r_mcangle_other              ?     ?     ? ?    'X-RAY DIFFRACTION' ? 
r_scbond_it                  1.611 3.000 ? 429  'X-RAY DIFFRACTION' ? 
r_scbond_other               ?     ?     ? ?    'X-RAY DIFFRACTION' ? 
r_scangle_it                 2.888 4.500 ? 389  'X-RAY DIFFRACTION' ? 
r_scangle_other              ?     ?     ? ?    'X-RAY DIFFRACTION' ? 
r_long_range_B_refined       ?     ?     ? ?    'X-RAY DIFFRACTION' ? 
r_long_range_B_other         ?     ?     ? ?    'X-RAY DIFFRACTION' ? 
r_rigid_bond_restr           ?     ?     ? ?    'X-RAY DIFFRACTION' ? 
r_sphericity_free            ?     ?     ? ?    'X-RAY DIFFRACTION' ? 
r_sphericity_bonded          ?     ?     ? ?    'X-RAY DIFFRACTION' ? 
# 
_refine_ls_shell.pdbx_refine_id                   'X-RAY DIFFRACTION' 
_refine_ls_shell.pdbx_total_number_of_bins_used   20 
_refine_ls_shell.d_res_high                       1.92 
_refine_ls_shell.d_res_low                        1.97 
_refine_ls_shell.number_reflns_R_work             733 
_refine_ls_shell.R_factor_R_work                  0.2790 
_refine_ls_shell.percent_reflns_obs               ? 
_refine_ls_shell.R_factor_R_free                  0.2940 
_refine_ls_shell.R_factor_R_free_error            ? 
_refine_ls_shell.percent_reflns_R_free            ? 
_refine_ls_shell.number_reflns_R_free             28 
_refine_ls_shell.number_reflns_all                ? 
_refine_ls_shell.R_factor_all                     ? 
# 
_struct.entry_id                  1W5K 
_struct.title                     'AN ANTI-PARALLEL FOUR HELIX BUNDLE' 
_struct.pdbx_model_details        ? 
_struct.pdbx_CASP_flag            ? 
_struct.pdbx_model_type_details   ? 
# 
_struct_keywords.entry_id        1W5K 
_struct_keywords.pdbx_keywords   'FOUR HELIX BUNDLE' 
_struct_keywords.text            'FOUR HELIX BUNDLE, ANTIPARALLEL FOUR HELIX BUNDLE' 
# 
loop_
_struct_asym.id 
_struct_asym.pdbx_blank_PDB_chainid_flag 
_struct_asym.pdbx_modified 
_struct_asym.entity_id 
_struct_asym.details 
A N N 1 ? 
B N N 1 ? 
C N N 1 ? 
D N N 1 ? 
E N N 2 ? 
F N N 2 ? 
G N N 2 ? 
H N N 2 ? 
# 
loop_
_struct_ref.id 
_struct_ref.db_name 
_struct_ref.db_code 
_struct_ref.entity_id 
_struct_ref.pdbx_seq_one_letter_code 
_struct_ref.pdbx_align_begin 
_struct_ref.pdbx_db_accession 
_struct_ref.pdbx_db_isoform 
1 PDB 1W5K       1 ? ? 1W5K   ? 
2 UNP GCN4_YEAST 1 ? ? P03069 ? 
# 
loop_
_struct_ref_seq.align_id 
_struct_ref_seq.ref_id 
_struct_ref_seq.pdbx_PDB_id_code 
_struct_ref_seq.pdbx_strand_id 
_struct_ref_seq.seq_align_beg 
_struct_ref_seq.pdbx_seq_align_beg_ins_code 
_struct_ref_seq.seq_align_end 
_struct_ref_seq.pdbx_seq_align_end_ins_code 
_struct_ref_seq.pdbx_db_accession 
_struct_ref_seq.db_align_beg 
_struct_ref_seq.pdbx_db_align_beg_ins_code 
_struct_ref_seq.db_align_end 
_struct_ref_seq.pdbx_db_align_end_ins_code 
_struct_ref_seq.pdbx_auth_seq_align_beg 
_struct_ref_seq.pdbx_auth_seq_align_end 
1 1 1W5K A 1 ? 1  ? 1W5K   1   ? 1   ? 1 1  
2 2 1W5K A 2 ? 34 ? P03069 249 ? 281 ? 2 34 
3 1 1W5K B 1 ? 1  ? 1W5K   0   ? 0   ? 0 0  
4 2 1W5K B 2 ? 34 ? P03069 249 ? 281 ? 1 33 
5 1 1W5K C 1 ? 1  ? 1W5K   0   ? 0   ? 0 0  
6 2 1W5K C 2 ? 34 ? P03069 249 ? 281 ? 1 33 
7 1 1W5K D 1 ? 1  ? 1W5K   0   ? 0   ? 0 0  
8 2 1W5K D 2 ? 34 ? P03069 249 ? 281 ? 1 33 
# 
loop_
_struct_ref_seq_dif.align_id 
_struct_ref_seq_dif.pdbx_pdb_id_code 
_struct_ref_seq_dif.mon_id 
_struct_ref_seq_dif.pdbx_pdb_strand_id 
_struct_ref_seq_dif.seq_num 
_struct_ref_seq_dif.pdbx_pdb_ins_code 
_struct_ref_seq_dif.pdbx_seq_db_name 
_struct_ref_seq_dif.pdbx_seq_db_accession_code 
_struct_ref_seq_dif.db_mon_id 
_struct_ref_seq_dif.pdbx_seq_db_seq_num 
_struct_ref_seq_dif.details 
_struct_ref_seq_dif.pdbx_auth_seq_num 
_struct_ref_seq_dif.pdbx_ordinal 
1 1W5K ARG A 4  ? UNP P03069 LYS 251 'engineered mutation' 4  1  
1 1W5K ILE A 6  ? UNP P03069 LEU 253 conflict              6  2  
1 1W5K ARG A 9  ? UNP P03069 LYS 256 'engineered mutation' 9  3  
1 1W5K LEU A 10 ? UNP P03069 VAL 257 conflict              10 4  
1 1W5K ILE A 13 ? UNP P03069 LEU 260 conflict              13 5  
1 1W5K LEU A 17 ? UNP P03069 ASN 264 conflict              17 6  
1 1W5K HIS A 18 ? UNP P03069 TYR 265 'engineered mutation' 18 7  
1 1W5K ILE A 20 ? UNP P03069 LEU 267 conflict              20 8  
1 1W5K CYS A 21 ? UNP P03069 GLU 268 'engineered mutation' 21 9  
1 1W5K LEU A 24 ? UNP P03069 VAL 271 conflict              24 10 
1 1W5K ILE A 27 ? UNP P03069 LEU 274 conflict              27 11 
1 1W5K ARG A 28 ? UNP P03069 LYS 275 'engineered mutation' 28 12 
1 1W5K ARG A 29 ? UNP P03069 LYS 276 'engineered mutation' 29 13 
1 1W5K LEU A 31 ? UNP P03069 VAL 278 conflict              31 14 
3 1W5K ARG B 4  ? UNP P03069 LYS 251 'engineered mutation' 3  15 
3 1W5K ILE B 6  ? UNP P03069 LEU 253 conflict              5  16 
3 1W5K ARG B 9  ? UNP P03069 LYS 256 'engineered mutation' 8  17 
3 1W5K LEU B 10 ? UNP P03069 VAL 257 conflict              9  18 
3 1W5K ILE B 13 ? UNP P03069 LEU 260 conflict              12 19 
3 1W5K LEU B 17 ? UNP P03069 ASN 264 conflict              16 20 
3 1W5K HIS B 18 ? UNP P03069 TYR 265 'engineered mutation' 17 21 
3 1W5K ILE B 20 ? UNP P03069 LEU 267 conflict              19 22 
3 1W5K CYS B 21 ? UNP P03069 GLU 268 'engineered mutation' 20 23 
3 1W5K LEU B 24 ? UNP P03069 VAL 271 conflict              23 24 
3 1W5K ILE B 27 ? UNP P03069 LEU 274 conflict              26 25 
3 1W5K ARG B 28 ? UNP P03069 LYS 275 'engineered mutation' 27 26 
3 1W5K ARG B 29 ? UNP P03069 LYS 276 'engineered mutation' 28 27 
3 1W5K LEU B 31 ? UNP P03069 VAL 278 conflict              30 28 
5 1W5K ARG C 4  ? UNP P03069 LYS 251 'engineered mutation' 3  29 
5 1W5K ILE C 6  ? UNP P03069 LEU 253 conflict              5  30 
5 1W5K ARG C 9  ? UNP P03069 LYS 256 'engineered mutation' 8  31 
5 1W5K LEU C 10 ? UNP P03069 VAL 257 conflict              9  32 
5 1W5K ILE C 13 ? UNP P03069 LEU 260 conflict              12 33 
5 1W5K LEU C 17 ? UNP P03069 ASN 264 conflict              16 34 
5 1W5K HIS C 18 ? UNP P03069 TYR 265 'engineered mutation' 17 35 
5 1W5K ILE C 20 ? UNP P03069 LEU 267 conflict              19 36 
5 1W5K CYS C 21 ? UNP P03069 GLU 268 'engineered mutation' 20 37 
5 1W5K LEU C 24 ? UNP P03069 VAL 271 conflict              23 38 
5 1W5K ILE C 27 ? UNP P03069 LEU 274 conflict              26 39 
5 1W5K ARG C 28 ? UNP P03069 LYS 275 'engineered mutation' 27 40 
5 1W5K ARG C 29 ? UNP P03069 LYS 276 'engineered mutation' 28 41 
5 1W5K LEU C 31 ? UNP P03069 VAL 278 conflict              30 42 
7 1W5K ARG D 4  ? UNP P03069 LYS 251 'engineered mutation' 3  43 
7 1W5K ILE D 6  ? UNP P03069 LEU 253 conflict              5  44 
7 1W5K ARG D 9  ? UNP P03069 LYS 256 'engineered mutation' 8  45 
7 1W5K LEU D 10 ? UNP P03069 VAL 257 conflict              9  46 
7 1W5K ILE D 13 ? UNP P03069 LEU 260 conflict              12 47 
7 1W5K LEU D 17 ? UNP P03069 ASN 264 conflict              16 48 
7 1W5K HIS D 18 ? UNP P03069 TYR 265 'engineered mutation' 17 49 
7 1W5K ILE D 20 ? UNP P03069 LEU 267 conflict              19 50 
7 1W5K CYS D 21 ? UNP P03069 GLU 268 'engineered mutation' 20 51 
7 1W5K LEU D 24 ? UNP P03069 VAL 271 conflict              23 52 
7 1W5K ILE D 27 ? UNP P03069 LEU 274 conflict              26 53 
7 1W5K ARG D 28 ? UNP P03069 LYS 275 'engineered mutation' 27 54 
7 1W5K ARG D 29 ? UNP P03069 LYS 276 'engineered mutation' 28 55 
7 1W5K LEU D 31 ? UNP P03069 VAL 278 conflict              30 56 
# 
loop_
_pdbx_struct_assembly.id 
_pdbx_struct_assembly.details 
_pdbx_struct_assembly.method_details 
_pdbx_struct_assembly.oligomeric_details 
_pdbx_struct_assembly.oligomeric_count 
1 author_and_software_defined_assembly PQS tetrameric 4 
2 author_and_software_defined_assembly PQS tetrameric 4 
# 
loop_
_pdbx_struct_assembly_gen.assembly_id 
_pdbx_struct_assembly_gen.oper_expression 
_pdbx_struct_assembly_gen.asym_id_list 
1 1,2 A,B,E,F 
2 1,2 C,D,G,H 
# 
loop_
_pdbx_struct_oper_list.id 
_pdbx_struct_oper_list.type 
_pdbx_struct_oper_list.name 
_pdbx_struct_oper_list.symmetry_operation 
_pdbx_struct_oper_list.matrix[1][1] 
_pdbx_struct_oper_list.matrix[1][2] 
_pdbx_struct_oper_list.matrix[1][3] 
_pdbx_struct_oper_list.vector[1] 
_pdbx_struct_oper_list.matrix[2][1] 
_pdbx_struct_oper_list.matrix[2][2] 
_pdbx_struct_oper_list.matrix[2][3] 
_pdbx_struct_oper_list.vector[2] 
_pdbx_struct_oper_list.matrix[3][1] 
_pdbx_struct_oper_list.matrix[3][2] 
_pdbx_struct_oper_list.matrix[3][3] 
_pdbx_struct_oper_list.vector[3] 
1 'identity operation'         1_555 x,y,z     1.0000000000  0.0000000000 0.0000000000  0.0000000000  0.0000000000 1.0000000000 0.0000000000  0.0000000000 0.0000000000  0.0000000000  1.0000000000  0.0000000000 
2 'crystal symmetry operation' 2_655 -x+1,-y,z -0.9999568353 0.0092072867 -0.0012463260 -3.2820494431 0.0092072867 0.9639707160 -0.2658489884 1.2425805680 -0.0012463260 -0.2658489884 -0.9640138806 9.0659478976 
# 
_struct_biol.id   1 
# 
loop_
_struct_conf.conf_type_id 
_struct_conf.id 
_struct_conf.pdbx_PDB_helix_id 
_struct_conf.beg_label_comp_id 
_struct_conf.beg_label_asym_id 
_struct_conf.beg_label_seq_id 
_struct_conf.pdbx_beg_PDB_ins_code 
_struct_conf.end_label_comp_id 
_struct_conf.end_label_asym_id 
_struct_conf.end_label_seq_id 
_struct_conf.pdbx_end_PDB_ins_code 
_struct_conf.beg_auth_comp_id 
_struct_conf.beg_auth_asym_id 
_struct_conf.beg_auth_seq_id 
_struct_conf.end_auth_comp_id 
_struct_conf.end_auth_asym_id 
_struct_conf.end_auth_seq_id 
_struct_conf.pdbx_PDB_helix_class 
_struct_conf.details 
_struct_conf.pdbx_PDB_helix_length 
HELX_P HELX_P1 1 ARG A 2 ? GLU A 33 ? ARG A 2 GLU A 33 1 ? 32 
HELX_P HELX_P2 2 ARG B 2 ? GLU B 33 ? ARG B 1 GLU B 32 1 ? 32 
HELX_P HELX_P3 3 ARG C 2 ? GLU C 33 ? ARG C 1 GLU C 32 1 ? 32 
HELX_P HELX_P4 4 ARG D 2 ? GLU D 33 ? ARG D 1 GLU D 32 1 ? 32 
# 
_struct_conf_type.id          HELX_P 
_struct_conf_type.criteria    ? 
_struct_conf_type.reference   ? 
# 
_struct_conn.id                            covale1 
_struct_conn.conn_type_id                  covale 
_struct_conn.pdbx_leaving_atom_flag        both 
_struct_conn.pdbx_PDB_id                   ? 
_struct_conn.ptnr1_label_asym_id           A 
_struct_conn.ptnr1_label_comp_id           TYZ 
_struct_conn.ptnr1_label_seq_id            1 
_struct_conn.ptnr1_label_atom_id           C7 
_struct_conn.pdbx_ptnr1_label_alt_id       ? 
_struct_conn.pdbx_ptnr1_PDB_ins_code       ? 
_struct_conn.pdbx_ptnr1_standard_comp_id   ? 
_struct_conn.ptnr1_symmetry                1_555 
_struct_conn.ptnr2_label_asym_id           A 
_struct_conn.ptnr2_label_comp_id           ARG 
_struct_conn.ptnr2_label_seq_id            2 
_struct_conn.ptnr2_label_atom_id           N 
_struct_conn.pdbx_ptnr2_label_alt_id       ? 
_struct_conn.pdbx_ptnr2_PDB_ins_code       ? 
_struct_conn.ptnr1_auth_asym_id            A 
_struct_conn.ptnr1_auth_comp_id            TYZ 
_struct_conn.ptnr1_auth_seq_id             1 
_struct_conn.ptnr2_auth_asym_id            A 
_struct_conn.ptnr2_auth_comp_id            ARG 
_struct_conn.ptnr2_auth_seq_id             2 
_struct_conn.ptnr2_symmetry                1_555 
_struct_conn.pdbx_ptnr3_label_atom_id      ? 
_struct_conn.pdbx_ptnr3_label_seq_id       ? 
_struct_conn.pdbx_ptnr3_label_comp_id      ? 
_struct_conn.pdbx_ptnr3_label_asym_id      ? 
_struct_conn.pdbx_ptnr3_label_alt_id       ? 
_struct_conn.pdbx_ptnr3_PDB_ins_code       ? 
_struct_conn.details                       ? 
_struct_conn.pdbx_dist_value               1.329 
_struct_conn.pdbx_value_order              ? 
_struct_conn.pdbx_role                     ? 
# 
_struct_conn_type.id          covale 
_struct_conn_type.criteria    ? 
_struct_conn_type.reference   ? 
# 
_pdbx_modification_feature.ordinal                            1 
_pdbx_modification_feature.label_comp_id                      TYZ 
_pdbx_modification_feature.label_asym_id                      A 
_pdbx_modification_feature.label_seq_id                       1 
_pdbx_modification_feature.label_alt_id                       ? 
_pdbx_modification_feature.modified_residue_label_comp_id     . 
_pdbx_modification_feature.modified_residue_label_asym_id     . 
_pdbx_modification_feature.modified_residue_label_seq_id      . 
_pdbx_modification_feature.modified_residue_label_alt_id      . 
_pdbx_modification_feature.auth_comp_id                       TYZ 
_pdbx_modification_feature.auth_asym_id                       A 
_pdbx_modification_feature.auth_seq_id                        1 
_pdbx_modification_feature.PDB_ins_code                       ? 
_pdbx_modification_feature.symmetry                           1_555 
_pdbx_modification_feature.modified_residue_auth_comp_id      . 
_pdbx_modification_feature.modified_residue_auth_asym_id      . 
_pdbx_modification_feature.modified_residue_auth_seq_id       . 
_pdbx_modification_feature.modified_residue_PDB_ins_code      . 
_pdbx_modification_feature.modified_residue_symmetry          . 
_pdbx_modification_feature.comp_id_linking_atom               . 
_pdbx_modification_feature.modified_residue_id_linking_atom   . 
_pdbx_modification_feature.modified_residue_id                ? 
_pdbx_modification_feature.ref_pcm_id                         1 
_pdbx_modification_feature.ref_comp_id                        TYZ 
_pdbx_modification_feature.type                               None 
_pdbx_modification_feature.category                           'Non-standard residue' 
# 
_pdbx_entry_details.entry_id                   1W5K 
_pdbx_entry_details.compound_details           
;ENGINEERED MUTATION IN CHAINS A, B, C, D: ARG 251 TO LYS
ENGINEERED MUTATION IN CHAINS A, B, C, D: ARG 256 TO LYS
ENGINEERED MUTATION IN CHAINS A, B, C, D: CYS 268 TO GLU
ENGINEERED MUTATION IN CHAINS A, B, C, D: ARG 275 TO LYS
ENGINEERED MUTATION IN CHAINS A, B, C, D: ARG 276 TO LYS
ENGINEERED MUTATION IN CHAINS A, B, C, D: TYR 265 TO HIS
;
_pdbx_entry_details.source_details             ? 
_pdbx_entry_details.nonpolymer_details         ? 
_pdbx_entry_details.sequence_details           ? 
_pdbx_entry_details.has_ligand_of_interest     ? 
_pdbx_entry_details.has_protein_modification   Y 
# 
_pdbx_validate_symm_contact.id                1 
_pdbx_validate_symm_contact.PDB_model_num     1 
_pdbx_validate_symm_contact.auth_atom_id_1    O 
_pdbx_validate_symm_contact.auth_asym_id_1    A 
_pdbx_validate_symm_contact.auth_comp_id_1    HOH 
_pdbx_validate_symm_contact.auth_seq_id_1     2004 
_pdbx_validate_symm_contact.PDB_ins_code_1    ? 
_pdbx_validate_symm_contact.label_alt_id_1    ? 
_pdbx_validate_symm_contact.site_symmetry_1   1_555 
_pdbx_validate_symm_contact.auth_atom_id_2    O 
_pdbx_validate_symm_contact.auth_asym_id_2    C 
_pdbx_validate_symm_contact.auth_comp_id_2    HOH 
_pdbx_validate_symm_contact.auth_seq_id_2     2005 
_pdbx_validate_symm_contact.PDB_ins_code_2    ? 
_pdbx_validate_symm_contact.label_alt_id_2    ? 
_pdbx_validate_symm_contact.site_symmetry_2   4_456 
_pdbx_validate_symm_contact.dist              2.16 
# 
loop_
_pdbx_unobs_or_zero_occ_residues.id 
_pdbx_unobs_or_zero_occ_residues.PDB_model_num 
_pdbx_unobs_or_zero_occ_residues.polymer_flag 
_pdbx_unobs_or_zero_occ_residues.occupancy_flag 
_pdbx_unobs_or_zero_occ_residues.auth_asym_id 
_pdbx_unobs_or_zero_occ_residues.auth_comp_id 
_pdbx_unobs_or_zero_occ_residues.auth_seq_id 
_pdbx_unobs_or_zero_occ_residues.PDB_ins_code 
_pdbx_unobs_or_zero_occ_residues.label_asym_id 
_pdbx_unobs_or_zero_occ_residues.label_comp_id 
_pdbx_unobs_or_zero_occ_residues.label_seq_id 
1 1 Y 1 B TYZ 0 ? B TYZ 1 
2 1 Y 1 C TYZ 0 ? C TYZ 1 
3 1 Y 1 D TYZ 0 ? D TYZ 1 
# 
loop_
_chem_comp_atom.comp_id 
_chem_comp_atom.atom_id 
_chem_comp_atom.type_symbol 
_chem_comp_atom.pdbx_aromatic_flag 
_chem_comp_atom.pdbx_stereo_config 
_chem_comp_atom.pdbx_ordinal 
ALA N    N N N 1   
ALA CA   C N S 2   
ALA C    C N N 3   
ALA O    O N N 4   
ALA CB   C N N 5   
ALA OXT  O N N 6   
ALA H    H N N 7   
ALA H2   H N N 8   
ALA HA   H N N 9   
ALA HB1  H N N 10  
ALA HB2  H N N 11  
ALA HB3  H N N 12  
ALA HXT  H N N 13  
ARG N    N N N 14  
ARG CA   C N S 15  
ARG C    C N N 16  
ARG O    O N N 17  
ARG CB   C N N 18  
ARG CG   C N N 19  
ARG CD   C N N 20  
ARG NE   N N N 21  
ARG CZ   C N N 22  
ARG NH1  N N N 23  
ARG NH2  N N N 24  
ARG OXT  O N N 25  
ARG H    H N N 26  
ARG H2   H N N 27  
ARG HA   H N N 28  
ARG HB2  H N N 29  
ARG HB3  H N N 30  
ARG HG2  H N N 31  
ARG HG3  H N N 32  
ARG HD2  H N N 33  
ARG HD3  H N N 34  
ARG HE   H N N 35  
ARG HH11 H N N 36  
ARG HH12 H N N 37  
ARG HH21 H N N 38  
ARG HH22 H N N 39  
ARG HXT  H N N 40  
ASN N    N N N 41  
ASN CA   C N S 42  
ASN C    C N N 43  
ASN O    O N N 44  
ASN CB   C N N 45  
ASN CG   C N N 46  
ASN OD1  O N N 47  
ASN ND2  N N N 48  
ASN OXT  O N N 49  
ASN H    H N N 50  
ASN H2   H N N 51  
ASN HA   H N N 52  
ASN HB2  H N N 53  
ASN HB3  H N N 54  
ASN HD21 H N N 55  
ASN HD22 H N N 56  
ASN HXT  H N N 57  
ASP N    N N N 58  
ASP CA   C N S 59  
ASP C    C N N 60  
ASP O    O N N 61  
ASP CB   C N N 62  
ASP CG   C N N 63  
ASP OD1  O N N 64  
ASP OD2  O N N 65  
ASP OXT  O N N 66  
ASP H    H N N 67  
ASP H2   H N N 68  
ASP HA   H N N 69  
ASP HB2  H N N 70  
ASP HB3  H N N 71  
ASP HD2  H N N 72  
ASP HXT  H N N 73  
CYS N    N N N 74  
CYS CA   C N R 75  
CYS C    C N N 76  
CYS O    O N N 77  
CYS CB   C N N 78  
CYS SG   S N N 79  
CYS OXT  O N N 80  
CYS H    H N N 81  
CYS H2   H N N 82  
CYS HA   H N N 83  
CYS HB2  H N N 84  
CYS HB3  H N N 85  
CYS HG   H N N 86  
CYS HXT  H N N 87  
GLN N    N N N 88  
GLN CA   C N S 89  
GLN C    C N N 90  
GLN O    O N N 91  
GLN CB   C N N 92  
GLN CG   C N N 93  
GLN CD   C N N 94  
GLN OE1  O N N 95  
GLN NE2  N N N 96  
GLN OXT  O N N 97  
GLN H    H N N 98  
GLN H2   H N N 99  
GLN HA   H N N 100 
GLN HB2  H N N 101 
GLN HB3  H N N 102 
GLN HG2  H N N 103 
GLN HG3  H N N 104 
GLN HE21 H N N 105 
GLN HE22 H N N 106 
GLN HXT  H N N 107 
GLU N    N N N 108 
GLU CA   C N S 109 
GLU C    C N N 110 
GLU O    O N N 111 
GLU CB   C N N 112 
GLU CG   C N N 113 
GLU CD   C N N 114 
GLU OE1  O N N 115 
GLU OE2  O N N 116 
GLU OXT  O N N 117 
GLU H    H N N 118 
GLU H2   H N N 119 
GLU HA   H N N 120 
GLU HB2  H N N 121 
GLU HB3  H N N 122 
GLU HG2  H N N 123 
GLU HG3  H N N 124 
GLU HE2  H N N 125 
GLU HXT  H N N 126 
GLY N    N N N 127 
GLY CA   C N N 128 
GLY C    C N N 129 
GLY O    O N N 130 
GLY OXT  O N N 131 
GLY H    H N N 132 
GLY H2   H N N 133 
GLY HA2  H N N 134 
GLY HA3  H N N 135 
GLY HXT  H N N 136 
HIS N    N N N 137 
HIS CA   C N S 138 
HIS C    C N N 139 
HIS O    O N N 140 
HIS CB   C N N 141 
HIS CG   C Y N 142 
HIS ND1  N Y N 143 
HIS CD2  C Y N 144 
HIS CE1  C Y N 145 
HIS NE2  N Y N 146 
HIS OXT  O N N 147 
HIS H    H N N 148 
HIS H2   H N N 149 
HIS HA   H N N 150 
HIS HB2  H N N 151 
HIS HB3  H N N 152 
HIS HD1  H N N 153 
HIS HD2  H N N 154 
HIS HE1  H N N 155 
HIS HE2  H N N 156 
HIS HXT  H N N 157 
HOH O    O N N 158 
HOH H1   H N N 159 
HOH H2   H N N 160 
ILE N    N N N 161 
ILE CA   C N S 162 
ILE C    C N N 163 
ILE O    O N N 164 
ILE CB   C N S 165 
ILE CG1  C N N 166 
ILE CG2  C N N 167 
ILE CD1  C N N 168 
ILE OXT  O N N 169 
ILE H    H N N 170 
ILE H2   H N N 171 
ILE HA   H N N 172 
ILE HB   H N N 173 
ILE HG12 H N N 174 
ILE HG13 H N N 175 
ILE HG21 H N N 176 
ILE HG22 H N N 177 
ILE HG23 H N N 178 
ILE HD11 H N N 179 
ILE HD12 H N N 180 
ILE HD13 H N N 181 
ILE HXT  H N N 182 
LEU N    N N N 183 
LEU CA   C N S 184 
LEU C    C N N 185 
LEU O    O N N 186 
LEU CB   C N N 187 
LEU CG   C N N 188 
LEU CD1  C N N 189 
LEU CD2  C N N 190 
LEU OXT  O N N 191 
LEU H    H N N 192 
LEU H2   H N N 193 
LEU HA   H N N 194 
LEU HB2  H N N 195 
LEU HB3  H N N 196 
LEU HG   H N N 197 
LEU HD11 H N N 198 
LEU HD12 H N N 199 
LEU HD13 H N N 200 
LEU HD21 H N N 201 
LEU HD22 H N N 202 
LEU HD23 H N N 203 
LEU HXT  H N N 204 
LYS N    N N N 205 
LYS CA   C N S 206 
LYS C    C N N 207 
LYS O    O N N 208 
LYS CB   C N N 209 
LYS CG   C N N 210 
LYS CD   C N N 211 
LYS CE   C N N 212 
LYS NZ   N N N 213 
LYS OXT  O N N 214 
LYS H    H N N 215 
LYS H2   H N N 216 
LYS HA   H N N 217 
LYS HB2  H N N 218 
LYS HB3  H N N 219 
LYS HG2  H N N 220 
LYS HG3  H N N 221 
LYS HD2  H N N 222 
LYS HD3  H N N 223 
LYS HE2  H N N 224 
LYS HE3  H N N 225 
LYS HZ1  H N N 226 
LYS HZ2  H N N 227 
LYS HZ3  H N N 228 
LYS HXT  H N N 229 
MET N    N N N 230 
MET CA   C N S 231 
MET C    C N N 232 
MET O    O N N 233 
MET CB   C N N 234 
MET CG   C N N 235 
MET SD   S N N 236 
MET CE   C N N 237 
MET OXT  O N N 238 
MET H    H N N 239 
MET H2   H N N 240 
MET HA   H N N 241 
MET HB2  H N N 242 
MET HB3  H N N 243 
MET HG2  H N N 244 
MET HG3  H N N 245 
MET HE1  H N N 246 
MET HE2  H N N 247 
MET HE3  H N N 248 
MET HXT  H N N 249 
SER N    N N N 250 
SER CA   C N S 251 
SER C    C N N 252 
SER O    O N N 253 
SER CB   C N N 254 
SER OG   O N N 255 
SER OXT  O N N 256 
SER H    H N N 257 
SER H2   H N N 258 
SER HA   H N N 259 
SER HB2  H N N 260 
SER HB3  H N N 261 
SER HG   H N N 262 
SER HXT  H N N 263 
TYR N    N N N 264 
TYR CA   C N S 265 
TYR C    C N N 266 
TYR O    O N N 267 
TYR CB   C N N 268 
TYR CG   C Y N 269 
TYR CD1  C Y N 270 
TYR CD2  C Y N 271 
TYR CE1  C Y N 272 
TYR CE2  C Y N 273 
TYR CZ   C Y N 274 
TYR OH   O N N 275 
TYR OXT  O N N 276 
TYR H    H N N 277 
TYR H2   H N N 278 
TYR HA   H N N 279 
TYR HB2  H N N 280 
TYR HB3  H N N 281 
TYR HD1  H N N 282 
TYR HD2  H N N 283 
TYR HE1  H N N 284 
TYR HE2  H N N 285 
TYR HH   H N N 286 
TYR HXT  H N N 287 
TYZ O1   O N N 288 
TYZ O2   O N N 289 
TYZ C7   C N N 290 
TYZ C3   C Y N 291 
TYZ C4   C Y N 292 
TYZ C5   C Y N 293 
TYZ C6   C Y N 294 
TYZ C1   C Y N 295 
TYZ C2   C Y N 296 
TYZ C8   C N N 297 
TYZ N    N N N 298 
TYZ O4   O N N 299 
TYZ C9   C N N 300 
TYZ H1   H N N 301 
TYZ H4   H N N 302 
TYZ H5   H N N 303 
TYZ HA   H N N 304 
TYZ H2   H N N 305 
TYZ HN   H N N 306 
TYZ H9C1 H N N 307 
TYZ H9C2 H N N 308 
TYZ H9C3 H N N 309 
VAL N    N N N 310 
VAL CA   C N S 311 
VAL C    C N N 312 
VAL O    O N N 313 
VAL CB   C N N 314 
VAL CG1  C N N 315 
VAL CG2  C N N 316 
VAL OXT  O N N 317 
VAL H    H N N 318 
VAL H2   H N N 319 
VAL HA   H N N 320 
VAL HB   H N N 321 
VAL HG11 H N N 322 
VAL HG12 H N N 323 
VAL HG13 H N N 324 
VAL HG21 H N N 325 
VAL HG22 H N N 326 
VAL HG23 H N N 327 
VAL HXT  H N N 328 
# 
loop_
_chem_comp_bond.comp_id 
_chem_comp_bond.atom_id_1 
_chem_comp_bond.atom_id_2 
_chem_comp_bond.value_order 
_chem_comp_bond.pdbx_aromatic_flag 
_chem_comp_bond.pdbx_stereo_config 
_chem_comp_bond.pdbx_ordinal 
ALA N   CA   sing N N 1   
ALA N   H    sing N N 2   
ALA N   H2   sing N N 3   
ALA CA  C    sing N N 4   
ALA CA  CB   sing N N 5   
ALA CA  HA   sing N N 6   
ALA C   O    doub N N 7   
ALA C   OXT  sing N N 8   
ALA CB  HB1  sing N N 9   
ALA CB  HB2  sing N N 10  
ALA CB  HB3  sing N N 11  
ALA OXT HXT  sing N N 12  
ARG N   CA   sing N N 13  
ARG N   H    sing N N 14  
ARG N   H2   sing N N 15  
ARG CA  C    sing N N 16  
ARG CA  CB   sing N N 17  
ARG CA  HA   sing N N 18  
ARG C   O    doub N N 19  
ARG C   OXT  sing N N 20  
ARG CB  CG   sing N N 21  
ARG CB  HB2  sing N N 22  
ARG CB  HB3  sing N N 23  
ARG CG  CD   sing N N 24  
ARG CG  HG2  sing N N 25  
ARG CG  HG3  sing N N 26  
ARG CD  NE   sing N N 27  
ARG CD  HD2  sing N N 28  
ARG CD  HD3  sing N N 29  
ARG NE  CZ   sing N N 30  
ARG NE  HE   sing N N 31  
ARG CZ  NH1  sing N N 32  
ARG CZ  NH2  doub N N 33  
ARG NH1 HH11 sing N N 34  
ARG NH1 HH12 sing N N 35  
ARG NH2 HH21 sing N N 36  
ARG NH2 HH22 sing N N 37  
ARG OXT HXT  sing N N 38  
ASN N   CA   sing N N 39  
ASN N   H    sing N N 40  
ASN N   H2   sing N N 41  
ASN CA  C    sing N N 42  
ASN CA  CB   sing N N 43  
ASN CA  HA   sing N N 44  
ASN C   O    doub N N 45  
ASN C   OXT  sing N N 46  
ASN CB  CG   sing N N 47  
ASN CB  HB2  sing N N 48  
ASN CB  HB3  sing N N 49  
ASN CG  OD1  doub N N 50  
ASN CG  ND2  sing N N 51  
ASN ND2 HD21 sing N N 52  
ASN ND2 HD22 sing N N 53  
ASN OXT HXT  sing N N 54  
ASP N   CA   sing N N 55  
ASP N   H    sing N N 56  
ASP N   H2   sing N N 57  
ASP CA  C    sing N N 58  
ASP CA  CB   sing N N 59  
ASP CA  HA   sing N N 60  
ASP C   O    doub N N 61  
ASP C   OXT  sing N N 62  
ASP CB  CG   sing N N 63  
ASP CB  HB2  sing N N 64  
ASP CB  HB3  sing N N 65  
ASP CG  OD1  doub N N 66  
ASP CG  OD2  sing N N 67  
ASP OD2 HD2  sing N N 68  
ASP OXT HXT  sing N N 69  
CYS N   CA   sing N N 70  
CYS N   H    sing N N 71  
CYS N   H2   sing N N 72  
CYS CA  C    sing N N 73  
CYS CA  CB   sing N N 74  
CYS CA  HA   sing N N 75  
CYS C   O    doub N N 76  
CYS C   OXT  sing N N 77  
CYS CB  SG   sing N N 78  
CYS CB  HB2  sing N N 79  
CYS CB  HB3  sing N N 80  
CYS SG  HG   sing N N 81  
CYS OXT HXT  sing N N 82  
GLN N   CA   sing N N 83  
GLN N   H    sing N N 84  
GLN N   H2   sing N N 85  
GLN CA  C    sing N N 86  
GLN CA  CB   sing N N 87  
GLN CA  HA   sing N N 88  
GLN C   O    doub N N 89  
GLN C   OXT  sing N N 90  
GLN CB  CG   sing N N 91  
GLN CB  HB2  sing N N 92  
GLN CB  HB3  sing N N 93  
GLN CG  CD   sing N N 94  
GLN CG  HG2  sing N N 95  
GLN CG  HG3  sing N N 96  
GLN CD  OE1  doub N N 97  
GLN CD  NE2  sing N N 98  
GLN NE2 HE21 sing N N 99  
GLN NE2 HE22 sing N N 100 
GLN OXT HXT  sing N N 101 
GLU N   CA   sing N N 102 
GLU N   H    sing N N 103 
GLU N   H2   sing N N 104 
GLU CA  C    sing N N 105 
GLU CA  CB   sing N N 106 
GLU CA  HA   sing N N 107 
GLU C   O    doub N N 108 
GLU C   OXT  sing N N 109 
GLU CB  CG   sing N N 110 
GLU CB  HB2  sing N N 111 
GLU CB  HB3  sing N N 112 
GLU CG  CD   sing N N 113 
GLU CG  HG2  sing N N 114 
GLU CG  HG3  sing N N 115 
GLU CD  OE1  doub N N 116 
GLU CD  OE2  sing N N 117 
GLU OE2 HE2  sing N N 118 
GLU OXT HXT  sing N N 119 
GLY N   CA   sing N N 120 
GLY N   H    sing N N 121 
GLY N   H2   sing N N 122 
GLY CA  C    sing N N 123 
GLY CA  HA2  sing N N 124 
GLY CA  HA3  sing N N 125 
GLY C   O    doub N N 126 
GLY C   OXT  sing N N 127 
GLY OXT HXT  sing N N 128 
HIS N   CA   sing N N 129 
HIS N   H    sing N N 130 
HIS N   H2   sing N N 131 
HIS CA  C    sing N N 132 
HIS CA  CB   sing N N 133 
HIS CA  HA   sing N N 134 
HIS C   O    doub N N 135 
HIS C   OXT  sing N N 136 
HIS CB  CG   sing N N 137 
HIS CB  HB2  sing N N 138 
HIS CB  HB3  sing N N 139 
HIS CG  ND1  sing Y N 140 
HIS CG  CD2  doub Y N 141 
HIS ND1 CE1  doub Y N 142 
HIS ND1 HD1  sing N N 143 
HIS CD2 NE2  sing Y N 144 
HIS CD2 HD2  sing N N 145 
HIS CE1 NE2  sing Y N 146 
HIS CE1 HE1  sing N N 147 
HIS NE2 HE2  sing N N 148 
HIS OXT HXT  sing N N 149 
HOH O   H1   sing N N 150 
HOH O   H2   sing N N 151 
ILE N   CA   sing N N 152 
ILE N   H    sing N N 153 
ILE N   H2   sing N N 154 
ILE CA  C    sing N N 155 
ILE CA  CB   sing N N 156 
ILE CA  HA   sing N N 157 
ILE C   O    doub N N 158 
ILE C   OXT  sing N N 159 
ILE CB  CG1  sing N N 160 
ILE CB  CG2  sing N N 161 
ILE CB  HB   sing N N 162 
ILE CG1 CD1  sing N N 163 
ILE CG1 HG12 sing N N 164 
ILE CG1 HG13 sing N N 165 
ILE CG2 HG21 sing N N 166 
ILE CG2 HG22 sing N N 167 
ILE CG2 HG23 sing N N 168 
ILE CD1 HD11 sing N N 169 
ILE CD1 HD12 sing N N 170 
ILE CD1 HD13 sing N N 171 
ILE OXT HXT  sing N N 172 
LEU N   CA   sing N N 173 
LEU N   H    sing N N 174 
LEU N   H2   sing N N 175 
LEU CA  C    sing N N 176 
LEU CA  CB   sing N N 177 
LEU CA  HA   sing N N 178 
LEU C   O    doub N N 179 
LEU C   OXT  sing N N 180 
LEU CB  CG   sing N N 181 
LEU CB  HB2  sing N N 182 
LEU CB  HB3  sing N N 183 
LEU CG  CD1  sing N N 184 
LEU CG  CD2  sing N N 185 
LEU CG  HG   sing N N 186 
LEU CD1 HD11 sing N N 187 
LEU CD1 HD12 sing N N 188 
LEU CD1 HD13 sing N N 189 
LEU CD2 HD21 sing N N 190 
LEU CD2 HD22 sing N N 191 
LEU CD2 HD23 sing N N 192 
LEU OXT HXT  sing N N 193 
LYS N   CA   sing N N 194 
LYS N   H    sing N N 195 
LYS N   H2   sing N N 196 
LYS CA  C    sing N N 197 
LYS CA  CB   sing N N 198 
LYS CA  HA   sing N N 199 
LYS C   O    doub N N 200 
LYS C   OXT  sing N N 201 
LYS CB  CG   sing N N 202 
LYS CB  HB2  sing N N 203 
LYS CB  HB3  sing N N 204 
LYS CG  CD   sing N N 205 
LYS CG  HG2  sing N N 206 
LYS CG  HG3  sing N N 207 
LYS CD  CE   sing N N 208 
LYS CD  HD2  sing N N 209 
LYS CD  HD3  sing N N 210 
LYS CE  NZ   sing N N 211 
LYS CE  HE2  sing N N 212 
LYS CE  HE3  sing N N 213 
LYS NZ  HZ1  sing N N 214 
LYS NZ  HZ2  sing N N 215 
LYS NZ  HZ3  sing N N 216 
LYS OXT HXT  sing N N 217 
MET N   CA   sing N N 218 
MET N   H    sing N N 219 
MET N   H2   sing N N 220 
MET CA  C    sing N N 221 
MET CA  CB   sing N N 222 
MET CA  HA   sing N N 223 
MET C   O    doub N N 224 
MET C   OXT  sing N N 225 
MET CB  CG   sing N N 226 
MET CB  HB2  sing N N 227 
MET CB  HB3  sing N N 228 
MET CG  SD   sing N N 229 
MET CG  HG2  sing N N 230 
MET CG  HG3  sing N N 231 
MET SD  CE   sing N N 232 
MET CE  HE1  sing N N 233 
MET CE  HE2  sing N N 234 
MET CE  HE3  sing N N 235 
MET OXT HXT  sing N N 236 
SER N   CA   sing N N 237 
SER N   H    sing N N 238 
SER N   H2   sing N N 239 
SER CA  C    sing N N 240 
SER CA  CB   sing N N 241 
SER CA  HA   sing N N 242 
SER C   O    doub N N 243 
SER C   OXT  sing N N 244 
SER CB  OG   sing N N 245 
SER CB  HB2  sing N N 246 
SER CB  HB3  sing N N 247 
SER OG  HG   sing N N 248 
SER OXT HXT  sing N N 249 
TYR N   CA   sing N N 250 
TYR N   H    sing N N 251 
TYR N   H2   sing N N 252 
TYR CA  C    sing N N 253 
TYR CA  CB   sing N N 254 
TYR CA  HA   sing N N 255 
TYR C   O    doub N N 256 
TYR C   OXT  sing N N 257 
TYR CB  CG   sing N N 258 
TYR CB  HB2  sing N N 259 
TYR CB  HB3  sing N N 260 
TYR CG  CD1  doub Y N 261 
TYR CG  CD2  sing Y N 262 
TYR CD1 CE1  sing Y N 263 
TYR CD1 HD1  sing N N 264 
TYR CD2 CE2  doub Y N 265 
TYR CD2 HD2  sing N N 266 
TYR CE1 CZ   doub Y N 267 
TYR CE1 HE1  sing N N 268 
TYR CE2 CZ   sing Y N 269 
TYR CE2 HE2  sing N N 270 
TYR CZ  OH   sing N N 271 
TYR OH  HH   sing N N 272 
TYR OXT HXT  sing N N 273 
TYZ O1  C7   doub N N 274 
TYZ O2  C7   sing N N 275 
TYZ O2  H1   sing N N 276 
TYZ C7  C3   sing N N 277 
TYZ C3  C4   sing Y N 278 
TYZ C3  C2   doub Y N 279 
TYZ C4  C5   doub Y N 280 
TYZ C4  H4   sing N N 281 
TYZ C5  C6   sing Y N 282 
TYZ C5  H5   sing N N 283 
TYZ C6  C1   doub Y N 284 
TYZ C6  N    sing N N 285 
TYZ C1  C2   sing Y N 286 
TYZ C1  HA   sing N N 287 
TYZ C2  H2   sing N N 288 
TYZ C8  N    sing N N 289 
TYZ C8  O4   doub N N 290 
TYZ C8  C9   sing N N 291 
TYZ N   HN   sing N N 292 
TYZ C9  H9C1 sing N N 293 
TYZ C9  H9C2 sing N N 294 
TYZ C9  H9C3 sing N N 295 
VAL N   CA   sing N N 296 
VAL N   H    sing N N 297 
VAL N   H2   sing N N 298 
VAL CA  C    sing N N 299 
VAL CA  CB   sing N N 300 
VAL CA  HA   sing N N 301 
VAL C   O    doub N N 302 
VAL C   OXT  sing N N 303 
VAL CB  CG1  sing N N 304 
VAL CB  CG2  sing N N 305 
VAL CB  HB   sing N N 306 
VAL CG1 HG11 sing N N 307 
VAL CG1 HG12 sing N N 308 
VAL CG1 HG13 sing N N 309 
VAL CG2 HG21 sing N N 310 
VAL CG2 HG22 sing N N 311 
VAL CG2 HG23 sing N N 312 
VAL OXT HXT  sing N N 313 
# 
_atom_sites.entry_id                    1W5K 
_atom_sites.fract_transf_matrix[1][1]   -0.02929622 
_atom_sites.fract_transf_matrix[1][2]   0.00061125 
_atom_sites.fract_transf_matrix[1][3]   0.00350102 
_atom_sites.fract_transf_matrix[2][1]   -0.00322533 
_atom_sites.fract_transf_matrix[2][2]   -0.00355423 
_atom_sites.fract_transf_matrix[2][3]   -0.02636877 
_atom_sites.fract_transf_matrix[3][1]   -0.00004463 
_atom_sites.fract_transf_matrix[3][2]   -0.00951908 
_atom_sites.fract_transf_matrix[3][3]   0.00128853 
_atom_sites.fract_transf_vector[1]      0.435679 
_atom_sites.fract_transf_vector[2]      0.116444 
_atom_sites.fract_transf_vector[3]      0.449479 
# 
loop_
_atom_type.symbol 
C 
N 
O 
S 
# 
loop_
_atom_site.group_PDB 
_atom_site.id 
_atom_site.type_symbol 
_atom_site.label_atom_id 
_atom_site.label_alt_id 
_atom_site.label_comp_id 
_atom_site.label_asym_id 
_atom_site.label_entity_id 
_atom_site.label_seq_id 
_atom_site.pdbx_PDB_ins_code 
_atom_site.Cartn_x 
_atom_site.Cartn_y 
_atom_site.Cartn_z 
_atom_site.occupancy 
_atom_site.B_iso_or_equiv 
_atom_site.pdbx_formal_charge 
_atom_site.auth_seq_id 
_atom_site.auth_comp_id 
_atom_site.auth_asym_id 
_atom_site.auth_atom_id 
_atom_site.pdbx_PDB_model_num 
HETATM 1    O O1  . TYZ A 1 1  ? -2.065  3.625   -3.933  1.00 41.18 ? 1    TYZ A O1  1 
HETATM 2    C C7  . TYZ A 1 1  ? -1.795  4.170   -5.080  1.00 39.36 ? 1    TYZ A C7  1 
HETATM 3    C C3  . TYZ A 1 1  ? -2.974  4.507   -5.886  1.00 41.16 ? 1    TYZ A C3  1 
HETATM 4    C C4  . TYZ A 1 1  ? -2.824  5.303   -7.010  1.00 41.82 ? 1    TYZ A C4  1 
HETATM 5    C C5  . TYZ A 1 1  ? -3.939  5.676   -7.740  1.00 43.31 ? 1    TYZ A C5  1 
HETATM 6    C C6  . TYZ A 1 1  ? -5.211  5.259   -7.345  1.00 43.59 ? 1    TYZ A C6  1 
HETATM 7    C C1  . TYZ A 1 1  ? -5.341  4.466   -6.202  1.00 43.40 ? 1    TYZ A C1  1 
HETATM 8    C C2  . TYZ A 1 1  ? -4.230  4.099   -5.467  1.00 41.79 ? 1    TYZ A C2  1 
HETATM 9    C C8  . TYZ A 1 1  ? -6.600  6.068   -9.202  1.00 44.55 ? 1    TYZ A C8  1 
HETATM 10   N N   . TYZ A 1 1  ? -6.373  5.524   -7.992  1.00 44.47 ? 1    TYZ A N   1 
HETATM 11   O O4  . TYZ A 1 1  ? -7.755  6.174   -9.554  1.00 46.58 ? 1    TYZ A O4  1 
HETATM 12   C C9  . TYZ A 1 1  ? -5.558  6.551   -10.168 1.00 44.77 ? 1    TYZ A C9  1 
ATOM   13   N N   . ARG A 1 2  ? -0.627  3.667   -5.467  1.00 31.18 ? 2    ARG A N   1 
ATOM   14   C CA  . ARG A 1 2  ? 0.284   3.087   -4.475  1.00 29.72 ? 2    ARG A CA  1 
ATOM   15   C C   . ARG A 1 2  ? 0.708   4.141   -3.451  1.00 29.47 ? 2    ARG A C   1 
ATOM   16   O O   . ARG A 1 2  ? 0.605   5.343   -3.701  1.00 29.74 ? 2    ARG A O   1 
ATOM   17   C CB  . ARG A 1 2  ? 1.501   2.476   -5.157  1.00 30.34 ? 2    ARG A CB  1 
ATOM   18   C CG  . ARG A 1 2  ? 1.162   1.295   -6.081  1.00 31.85 ? 2    ARG A CG  1 
ATOM   19   C CD  . ARG A 1 2  ? 2.351   0.747   -6.845  1.00 32.76 ? 2    ARG A CD  1 
ATOM   20   N NE  . ARG A 1 2  ? 3.176   1.811   -7.416  1.00 34.60 ? 2    ARG A NE  1 
ATOM   21   C CZ  . ARG A 1 2  ? 2.897   2.482   -8.531  1.00 36.32 ? 2    ARG A CZ  1 
ATOM   22   N NH1 . ARG A 1 2  ? 3.726   3.440   -8.940  1.00 37.40 ? 2    ARG A NH1 1 
ATOM   23   N NH2 . ARG A 1 2  ? 1.804   2.203   -9.242  1.00 38.07 ? 2    ARG A NH2 1 
ATOM   24   N N   . MET A 1 3  ? 1.168   3.678   -2.298  1.00 29.09 ? 3    MET A N   1 
ATOM   25   C CA  . MET A 1 3  ? 1.545   4.569   -1.205  1.00 28.91 ? 3    MET A CA  1 
ATOM   26   C C   . MET A 1 3  ? 2.740   5.425   -1.609  1.00 28.61 ? 3    MET A C   1 
ATOM   27   O O   . MET A 1 3  ? 2.847   6.578   -1.209  1.00 27.96 ? 3    MET A O   1 
ATOM   28   C CB  . MET A 1 3  ? 1.874   3.761   0.057   1.00 28.93 ? 3    MET A CB  1 
ATOM   29   C CG  . MET A 1 3  ? 2.056   4.600   1.326   1.00 30.00 ? 3    MET A CG  1 
ATOM   30   S SD  . MET A 1 3  ? 0.676   5.712   1.713   1.00 29.89 ? 3    MET A SD  1 
ATOM   31   C CE  . MET A 1 3  ? -0.453  4.636   2.467   1.00 30.88 ? 3    MET A CE  1 
ATOM   32   N N   . ARG A 1 4  ? 3.633   4.864   -2.417  1.00 28.63 ? 4    ARG A N   1 
ATOM   33   C CA  . ARG A 1 4  ? 4.804   5.600   -2.875  1.00 28.75 ? 4    ARG A CA  1 
ATOM   34   C C   . ARG A 1 4  ? 4.381   6.760   -3.778  1.00 27.94 ? 4    ARG A C   1 
ATOM   35   O O   . ARG A 1 4  ? 4.944   7.850   -3.688  1.00 28.21 ? 4    ARG A O   1 
ATOM   36   C CB  . ARG A 1 4  ? 5.795   4.657   -3.583  1.00 29.29 ? 4    ARG A CB  1 
ATOM   37   C CG  . ARG A 1 4  ? 7.030   5.335   -4.170  1.00 30.90 ? 4    ARG A CG  1 
ATOM   38   C CD  . ARG A 1 4  ? 7.813   6.196   -3.184  1.00 33.51 ? 4    ARG A CD  1 
ATOM   39   N NE  . ARG A 1 4  ? 8.596   5.379   -2.262  1.00 35.66 ? 4    ARG A NE  1 
ATOM   40   C CZ  . ARG A 1 4  ? 9.416   5.861   -1.331  1.00 37.65 ? 4    ARG A CZ  1 
ATOM   41   N NH1 . ARG A 1 4  ? 10.088  5.025   -0.543  1.00 38.87 ? 4    ARG A NH1 1 
ATOM   42   N NH2 . ARG A 1 4  ? 9.563   7.173   -1.174  1.00 38.22 ? 4    ARG A NH2 1 
ATOM   43   N N   . GLN A 1 5  ? 3.389   6.533   -4.632  1.00 27.26 ? 5    GLN A N   1 
ATOM   44   C CA  . GLN A 1 5  ? 2.853   7.600   -5.475  1.00 26.66 ? 5    GLN A CA  1 
ATOM   45   C C   . GLN A 1 5  ? 2.278   8.733   -4.625  1.00 25.81 ? 5    GLN A C   1 
ATOM   46   O O   . GLN A 1 5  ? 2.456   9.908   -4.949  1.00 25.68 ? 5    GLN A O   1 
ATOM   47   C CB  . GLN A 1 5  ? 1.771   7.081   -6.409  1.00 26.80 ? 5    GLN A CB  1 
ATOM   48   C CG  . GLN A 1 5  ? 2.252   6.113   -7.458  1.00 28.08 ? 5    GLN A CG  1 
ATOM   49   C CD  . GLN A 1 5  ? 1.108   5.622   -8.309  1.00 30.41 ? 5    GLN A CD  1 
ATOM   50   O OE1 . GLN A 1 5  ? 0.218   4.924   -7.812  1.00 30.58 ? 5    GLN A OE1 1 
ATOM   51   N NE2 . GLN A 1 5  ? 1.102   6.004   -9.581  1.00 31.05 ? 5    GLN A NE2 1 
ATOM   52   N N   . ILE A 1 6  ? 1.606   8.365   -3.536  1.00 24.62 ? 6    ILE A N   1 
ATOM   53   C CA  . ILE A 1 6  ? 1.012   9.333   -2.623  1.00 23.97 ? 6    ILE A CA  1 
ATOM   54   C C   . ILE A 1 6  ? 2.089   10.151  -1.916  1.00 23.50 ? 6    ILE A C   1 
ATOM   55   O O   . ILE A 1 6  ? 1.971   11.364  -1.809  1.00 22.66 ? 6    ILE A O   1 
ATOM   56   C CB  . ILE A 1 6  ? 0.060   8.631   -1.606  1.00 23.70 ? 6    ILE A CB  1 
ATOM   57   C CG1 . ILE A 1 6  ? -1.175  8.084   -2.337  1.00 24.31 ? 6    ILE A CG1 1 
ATOM   58   C CG2 . ILE A 1 6  ? -0.381  9.609   -0.514  1.00 23.64 ? 6    ILE A CG2 1 
ATOM   59   C CD1 . ILE A 1 6  ? -2.024  7.105   -1.527  1.00 24.80 ? 6    ILE A CD1 1 
ATOM   60   N N   . GLU A 1 7  ? 3.141   9.483   -1.456  1.00 23.26 ? 7    GLU A N   1 
ATOM   61   C CA  . GLU A 1 7  ? 4.241   10.138  -0.744  1.00 23.73 ? 7    GLU A CA  1 
ATOM   62   C C   . GLU A 1 7  ? 4.977   11.120  -1.657  1.00 23.50 ? 7    GLU A C   1 
ATOM   63   O O   . GLU A 1 7  ? 5.302   12.226  -1.239  1.00 23.23 ? 7    GLU A O   1 
ATOM   64   C CB  . GLU A 1 7  ? 5.212   9.090   -0.178  1.00 23.68 ? 7    GLU A CB  1 
ATOM   65   C CG  . GLU A 1 7  ? 4.586   8.210   0.897   1.00 24.64 ? 7    GLU A CG  1 
ATOM   66   C CD  . GLU A 1 7  ? 5.351   6.919   1.175   1.00 26.32 ? 7    GLU A CD  1 
ATOM   67   O OE1 . GLU A 1 7  ? 6.119   6.452   0.316   1.00 28.34 ? 7    GLU A OE1 1 
ATOM   68   O OE2 . GLU A 1 7  ? 5.158   6.346   2.265   1.00 29.77 ? 7    GLU A OE2 1 
ATOM   69   N N   . ASP A 1 8  ? 5.196   10.726  -2.909  1.00 23.98 ? 8    ASP A N   1 
ATOM   70   C CA  . ASP A 1 8  ? 5.833   11.592  -3.899  1.00 24.08 ? 8    ASP A CA  1 
ATOM   71   C C   . ASP A 1 8  ? 4.991   12.823  -4.184  1.00 23.83 ? 8    ASP A C   1 
ATOM   72   O O   . ASP A 1 8  ? 5.531   13.933  -4.308  1.00 23.53 ? 8    ASP A O   1 
ATOM   73   C CB  . ASP A 1 8  ? 6.054   10.848  -5.219  1.00 24.60 ? 8    ASP A CB  1 
ATOM   74   C CG  . ASP A 1 8  ? 7.202   9.844   -5.166  1.00 24.83 ? 8    ASP A CG  1 
ATOM   75   O OD1 . ASP A 1 8  ? 7.958   9.784   -4.170  1.00 26.44 ? 8    ASP A OD1 1 
ATOM   76   O OD2 . ASP A 1 8  ? 7.407   9.054   -6.107  1.00 27.07 ? 8    ASP A OD2 1 
ATOM   77   N N   . ARG A 1 9  ? 3.674   12.630  -4.302  1.00 23.72 ? 9    ARG A N   1 
ATOM   78   C CA  . ARG A 1 9  ? 2.748   13.729  -4.574  1.00 23.96 ? 9    ARG A CA  1 
ATOM   79   C C   . ARG A 1 9  ? 2.736   14.724  -3.414  1.00 23.47 ? 9    ARG A C   1 
ATOM   80   O O   . ARG A 1 9  ? 2.752   15.925  -3.639  1.00 22.86 ? 9    ARG A O   1 
ATOM   81   C CB  . ARG A 1 9  ? 1.326   13.223  -4.846  1.00 24.55 ? 9    ARG A CB  1 
ATOM   82   C CG  . ARG A 1 9  ? 0.285   14.328  -5.119  1.00 26.31 ? 9    ARG A CG  1 
ATOM   83   C CD  . ARG A 1 9  ? 0.609   15.240  -6.306  1.00 30.70 ? 9    ARG A CD  1 
ATOM   84   N NE  . ARG A 1 9  ? 0.858   14.496  -7.547  1.00 33.91 ? 9    ARG A NE  1 
ATOM   85   C CZ  . ARG A 1 9  ? -0.082  14.078  -8.406  1.00 36.75 ? 9    ARG A CZ  1 
ATOM   86   N NH1 . ARG A 1 9  ? 0.272   13.411  -9.499  1.00 38.13 ? 9    ARG A NH1 1 
ATOM   87   N NH2 . ARG A 1 9  ? -1.372  14.302  -8.182  1.00 38.64 ? 9    ARG A NH2 1 
ATOM   88   N N   . LEU A 1 10 ? 2.721   14.223  -2.182  1.00 22.95 ? 10   LEU A N   1 
ATOM   89   C CA  . LEU A 1 10 ? 2.848   15.084  -0.996  1.00 22.69 ? 10   LEU A CA  1 
ATOM   90   C C   . LEU A 1 10 ? 4.177   15.856  -0.976  1.00 22.20 ? 10   LEU A C   1 
ATOM   91   O O   . LEU A 1 10 ? 4.237   16.989  -0.520  1.00 20.64 ? 10   LEU A O   1 
ATOM   92   C CB  . LEU A 1 10 ? 2.725   14.259  0.297   1.00 22.80 ? 10   LEU A CB  1 
ATOM   93   C CG  . LEU A 1 10 ? 1.346   13.734  0.710   1.00 23.81 ? 10   LEU A CG  1 
ATOM   94   C CD1 . LEU A 1 10 ? 1.463   12.831  1.928   1.00 25.98 ? 10   LEU A CD1 1 
ATOM   95   C CD2 . LEU A 1 10 ? 0.375   14.865  1.005   1.00 24.42 ? 10   LEU A CD2 1 
ATOM   96   N N   . GLU A 1 11 ? 5.254   15.228  -1.432  1.00 22.44 ? 11   GLU A N   1 
ATOM   97   C CA  . GLU A 1 11 ? 6.551   15.915  -1.509  1.00 23.00 ? 11   GLU A CA  1 
ATOM   98   C C   . GLU A 1 11 ? 6.504   17.025  -2.561  1.00 22.56 ? 11   GLU A C   1 
ATOM   99   O O   . GLU A 1 11 ? 7.034   18.114  -2.348  1.00 21.71 ? 11   GLU A O   1 
ATOM   100  C CB  . GLU A 1 11 ? 7.681   14.933  -1.824  1.00 23.82 ? 11   GLU A CB  1 
ATOM   101  C CG  . GLU A 1 11 ? 8.002   14.021  -0.646  1.00 25.30 ? 11   GLU A CG  1 
ATOM   102  C CD  . GLU A 1 11 ? 9.098   13.008  -0.932  1.00 28.50 ? 11   GLU A CD  1 
ATOM   103  O OE1 . GLU A 1 11 ? 9.012   11.880  -0.401  1.00 30.65 ? 11   GLU A OE1 1 
ATOM   104  O OE2 . GLU A 1 11 ? 10.063  13.341  -1.654  1.00 29.53 ? 11   GLU A OE2 1 
ATOM   105  N N   . GLU A 1 12 ? 5.853   16.740  -3.685  1.00 21.89 ? 12   GLU A N   1 
ATOM   106  C CA  . GLU A 1 12 ? 5.680   17.719  -4.746  1.00 21.54 ? 12   GLU A CA  1 
ATOM   107  C C   . GLU A 1 12 ? 4.795   18.881  -4.281  1.00 21.65 ? 12   GLU A C   1 
ATOM   108  O O   . GLU A 1 12 ? 5.097   20.037  -4.566  1.00 21.29 ? 12   GLU A O   1 
ATOM   109  C CB  . GLU A 1 12 ? 5.110   17.047  -5.995  1.00 21.68 ? 12   GLU A CB  1 
ATOM   110  C CG  . GLU A 1 12 ? 6.156   16.204  -6.719  1.00 21.61 ? 12   GLU A CG  1 
ATOM   111  C CD  . GLU A 1 12 ? 5.585   15.146  -7.647  1.00 23.50 ? 12   GLU A CD  1 
ATOM   112  O OE1 . GLU A 1 12 ? 4.394   15.221  -8.024  1.00 26.22 ? 12   GLU A OE1 1 
ATOM   113  O OE2 . GLU A 1 12 ? 6.350   14.226  -8.011  1.00 24.20 ? 12   GLU A OE2 1 
ATOM   114  N N   . ILE A 1 13 ? 3.717   18.562  -3.564  1.00 21.52 ? 13   ILE A N   1 
ATOM   115  C CA  . ILE A 1 13 ? 2.835   19.559  -2.956  1.00 21.77 ? 13   ILE A CA  1 
ATOM   116  C C   . ILE A 1 13 ? 3.612   20.418  -1.950  1.00 21.90 ? 13   ILE A C   1 
ATOM   117  O O   . ILE A 1 13 ? 3.443   21.630  -1.903  1.00 21.42 ? 13   ILE A O   1 
ATOM   118  C CB  . ILE A 1 13 ? 1.614   18.851  -2.272  1.00 21.98 ? 13   ILE A CB  1 
ATOM   119  C CG1 . ILE A 1 13 ? 0.602   18.421  -3.344  1.00 21.44 ? 13   ILE A CG1 1 
ATOM   120  C CG2 . ILE A 1 13 ? 0.937   19.758  -1.223  1.00 22.05 ? 13   ILE A CG2 1 
ATOM   121  C CD1 . ILE A 1 13 ? -0.476  17.489  -2.851  1.00 21.81 ? 13   ILE A CD1 1 
ATOM   122  N N   . LEU A 1 14 ? 4.480   19.784  -1.167  1.00 22.23 ? 14   LEU A N   1 
ATOM   123  C CA  . LEU A 1 14 ? 5.304   20.489  -0.173  1.00 22.79 ? 14   LEU A CA  1 
ATOM   124  C C   . LEU A 1 14 ? 6.262   21.488  -0.814  1.00 22.84 ? 14   LEU A C   1 
ATOM   125  O O   . LEU A 1 14 ? 6.434   22.600  -0.313  1.00 22.71 ? 14   LEU A O   1 
ATOM   126  C CB  . LEU A 1 14 ? 6.092   19.480  0.688   1.00 23.21 ? 14   LEU A CB  1 
ATOM   127  C CG  . LEU A 1 14 ? 5.465   19.030  2.017   1.00 24.49 ? 14   LEU A CG  1 
ATOM   128  C CD1 . LEU A 1 14 ? 3.966   18.992  1.981   1.00 26.46 ? 14   LEU A CD1 1 
ATOM   129  C CD2 . LEU A 1 14 ? 5.995   17.667  2.449   1.00 26.16 ? 14   LEU A CD2 1 
ATOM   130  N N   A SER A 1 15 ? 6.878   21.088  -1.923  0.50 22.85 ? 15   SER A N   1 
ATOM   131  N N   B SER A 1 15 ? 6.885   21.085  -1.919  0.50 22.82 ? 15   SER A N   1 
ATOM   132  C CA  A SER A 1 15 ? 7.803   21.951  -2.642  0.50 22.82 ? 15   SER A CA  1 
ATOM   133  C CA  B SER A 1 15 ? 7.797   21.952  -2.656  0.50 22.78 ? 15   SER A CA  1 
ATOM   134  C C   A SER A 1 15 ? 7.074   23.203  -3.125  0.50 22.75 ? 15   SER A C   1 
ATOM   135  C C   B SER A 1 15 ? 7.059   23.207  -3.102  0.50 22.71 ? 15   SER A C   1 
ATOM   136  O O   A SER A 1 15 ? 7.565   24.321  -2.956  0.50 22.82 ? 15   SER A O   1 
ATOM   137  O O   B SER A 1 15 ? 7.533   24.325  -2.891  0.50 22.75 ? 15   SER A O   1 
ATOM   138  C CB  A SER A 1 15 ? 8.420   21.198  -3.823  0.50 22.95 ? 15   SER A CB  1 
ATOM   139  C CB  B SER A 1 15 ? 8.362   21.227  -3.878  0.50 22.88 ? 15   SER A CB  1 
ATOM   140  O OG  A SER A 1 15 ? 9.123   20.048  -3.374  0.50 23.23 ? 15   SER A OG  1 
ATOM   141  O OG  B SER A 1 15 ? 9.171   22.092  -4.656  0.50 23.12 ? 15   SER A OG  1 
ATOM   142  N N   . LYS A 1 16 ? 5.893   23.005  -3.705  1.00 22.51 ? 16   LYS A N   1 
ATOM   143  C CA  . LYS A 1 16 ? 5.074   24.104  -4.216  1.00 22.58 ? 16   LYS A CA  1 
ATOM   144  C C   . LYS A 1 16 ? 4.528   25.017  -3.115  1.00 22.36 ? 16   LYS A C   1 
ATOM   145  O O   . LYS A 1 16 ? 4.518   26.237  -3.270  1.00 22.02 ? 16   LYS A O   1 
ATOM   146  C CB  . LYS A 1 16 ? 3.919   23.550  -5.063  1.00 22.30 ? 16   LYS A CB  1 
ATOM   147  C CG  . LYS A 1 16 ? 3.037   24.613  -5.726  1.00 23.90 ? 16   LYS A CG  1 
ATOM   148  C CD  . LYS A 1 16 ? 3.836   25.621  -6.577  1.00 24.53 ? 16   LYS A CD  1 
ATOM   149  C CE  . LYS A 1 16 ? 4.182   25.047  -7.936  1.00 25.92 ? 16   LYS A CE  1 
ATOM   150  N NZ  . LYS A 1 16 ? 4.816   26.050  -8.825  1.00 25.58 ? 16   LYS A NZ  1 
ATOM   151  N N   . LEU A 1 17 ? 4.090   24.433  -2.004  1.00 22.35 ? 17   LEU A N   1 
ATOM   152  C CA  . LEU A 1 17 ? 3.592   25.224  -0.879  1.00 22.71 ? 17   LEU A CA  1 
ATOM   153  C C   . LEU A 1 17 ? 4.688   26.098  -0.282  1.00 23.02 ? 17   LEU A C   1 
ATOM   154  O O   . LEU A 1 17 ? 4.433   27.235  0.105   1.00 22.44 ? 17   LEU A O   1 
ATOM   155  C CB  . LEU A 1 17 ? 2.983   24.335  0.202   1.00 22.83 ? 17   LEU A CB  1 
ATOM   156  C CG  . LEU A 1 17 ? 1.546   23.914  -0.066  1.00 23.60 ? 17   LEU A CG  1 
ATOM   157  C CD1 . LEU A 1 17 ? 1.049   23.013  1.057   1.00 24.38 ? 17   LEU A CD1 1 
ATOM   158  C CD2 . LEU A 1 17 ? 0.655   25.155  -0.214  1.00 23.81 ? 17   LEU A CD2 1 
ATOM   159  N N   . HIS A 1 18 ? 5.905   25.567  -0.241  1.00 23.21 ? 18   HIS A N   1 
ATOM   160  C CA  . HIS A 1 18 ? 7.061   26.316  0.237   1.00 24.00 ? 18   HIS A CA  1 
ATOM   161  C C   . HIS A 1 18 ? 7.375   27.469  -0.716  1.00 23.73 ? 18   HIS A C   1 
ATOM   162  O O   . HIS A 1 18 ? 7.750   28.542  -0.271  1.00 22.94 ? 18   HIS A O   1 
ATOM   163  C CB  . HIS A 1 18 ? 8.277   25.398  0.411   1.00 24.43 ? 18   HIS A CB  1 
ATOM   164  C CG  . HIS A 1 18 ? 8.289   24.654  1.713   1.00 26.68 ? 18   HIS A CG  1 
ATOM   165  N ND1 . HIS A 1 18 ? 8.559   25.268  2.917   1.00 29.72 ? 18   HIS A ND1 1 
ATOM   166  C CD2 . HIS A 1 18 ? 8.062   23.349  2.001   1.00 28.51 ? 18   HIS A CD2 1 
ATOM   167  C CE1 . HIS A 1 18 ? 8.498   24.373  3.889   1.00 30.48 ? 18   HIS A CE1 1 
ATOM   168  N NE2 . HIS A 1 18 ? 8.200   23.201  3.359   1.00 28.65 ? 18   HIS A NE2 1 
ATOM   169  N N   . HIS A 1 19 ? 7.176   27.245  -2.017  1.00 23.63 ? 19   HIS A N   1 
ATOM   170  C CA  . HIS A 1 19 ? 7.335   28.288  -3.030  1.00 23.32 ? 19   HIS A CA  1 
ATOM   171  C C   . HIS A 1 19 ? 6.262   29.368  -2.884  1.00 23.09 ? 19   HIS A C   1 
ATOM   172  O O   . HIS A 1 19 ? 6.560   30.551  -2.998  1.00 22.23 ? 19   HIS A O   1 
ATOM   173  C CB  . HIS A 1 19 ? 7.274   27.690  -4.425  1.00 23.59 ? 19   HIS A CB  1 
ATOM   174  C CG  . HIS A 1 19 ? 7.467   28.685  -5.525  1.00 23.66 ? 19   HIS A CG  1 
ATOM   175  N ND1 . HIS A 1 19 ? 6.588   28.800  -6.580  1.00 24.66 ? 19   HIS A ND1 1 
ATOM   176  C CD2 . HIS A 1 19 ? 8.435   29.608  -5.739  1.00 24.56 ? 19   HIS A CD2 1 
ATOM   177  C CE1 . HIS A 1 19 ? 7.010   29.749  -7.399  1.00 24.61 ? 19   HIS A CE1 1 
ATOM   178  N NE2 . HIS A 1 19 ? 8.126   30.258  -6.910  1.00 24.18 ? 19   HIS A NE2 1 
ATOM   179  N N   . ILE A 1 20 ? 5.027   28.940  -2.642  1.00 22.80 ? 20   ILE A N   1 
ATOM   180  C CA  . ILE A 1 20 ? 3.903   29.833  -2.374  1.00 23.01 ? 20   ILE A CA  1 
ATOM   181  C C   . ILE A 1 20 ? 4.160   30.693  -1.137  1.00 22.63 ? 20   ILE A C   1 
ATOM   182  O O   . ILE A 1 20 ? 3.870   31.876  -1.153  1.00 22.57 ? 20   ILE A O   1 
ATOM   183  C CB  . ILE A 1 20 ? 2.576   29.033  -2.239  1.00 22.91 ? 20   ILE A CB  1 
ATOM   184  C CG1 . ILE A 1 20 ? 2.144   28.515  -3.614  1.00 24.02 ? 20   ILE A CG1 1 
ATOM   185  C CG2 . ILE A 1 20 ? 1.472   29.898  -1.629  1.00 22.87 ? 20   ILE A CG2 1 
ATOM   186  C CD1 . ILE A 1 20 ? 1.041   27.481  -3.590  1.00 24.48 ? 20   ILE A CD1 1 
ATOM   187  N N   . CYS A 1 21 ? 4.702   30.108  -0.075  1.00 22.55 ? 21   CYS A N   1 
ATOM   188  C CA  . CYS A 1 21 ? 5.023   30.872  1.134   1.00 22.94 ? 21   CYS A CA  1 
ATOM   189  C C   . CYS A 1 21 ? 6.062   31.941  0.805   1.00 23.22 ? 21   CYS A C   1 
ATOM   190  O O   . CYS A 1 21 ? 5.898   33.111  1.165   1.00 22.96 ? 21   CYS A O   1 
ATOM   191  C CB  . CYS A 1 21 ? 5.532   29.950  2.249   1.00 22.86 ? 21   CYS A CB  1 
ATOM   192  S SG  . CYS A 1 21 ? 4.249   28.949  3.039   1.00 23.36 ? 21   CYS A SG  1 
ATOM   193  N N   . ASN A 1 22 ? 7.109   31.542  0.093   1.00 23.88 ? 22   ASN A N   1 
ATOM   194  C CA  . ASN A 1 22 ? 8.148   32.482  -0.347  1.00 24.33 ? 22   ASN A CA  1 
ATOM   195  C C   . ASN A 1 22 ? 7.564   33.646  -1.163  1.00 24.16 ? 22   ASN A C   1 
ATOM   196  O O   . ASN A 1 22 ? 7.973   34.791  -0.999  1.00 24.07 ? 22   ASN A O   1 
ATOM   197  C CB  . ASN A 1 22 ? 9.210   31.762  -1.181  1.00 24.62 ? 22   ASN A CB  1 
ATOM   198  C CG  . ASN A 1 22 ? 10.077  30.814  -0.360  1.00 26.50 ? 22   ASN A CG  1 
ATOM   199  O OD1 . ASN A 1 22 ? 10.156  30.915  0.867   1.00 29.59 ? 22   ASN A OD1 1 
ATOM   200  N ND2 . ASN A 1 22 ? 10.744  29.881  -1.050  1.00 26.71 ? 22   ASN A ND2 1 
ATOM   201  N N   . GLU A 1 23 ? 6.597   33.345  -2.023  1.00 23.97 ? 23   GLU A N   1 
ATOM   202  C CA  . GLU A 1 23 ? 5.993   34.359  -2.881  1.00 23.78 ? 23   GLU A CA  1 
ATOM   203  C C   . GLU A 1 23 ? 5.067   35.288  -2.113  1.00 23.58 ? 23   GLU A C   1 
ATOM   204  O O   . GLU A 1 23 ? 5.026   36.488  -2.390  1.00 22.97 ? 23   GLU A O   1 
ATOM   205  C CB  . GLU A 1 23 ? 5.257   33.701  -4.048  1.00 24.09 ? 23   GLU A CB  1 
ATOM   206  C CG  . GLU A 1 23 ? 6.199   33.150  -5.104  1.00 25.68 ? 23   GLU A CG  1 
ATOM   207  C CD  . GLU A 1 23 ? 7.093   34.224  -5.695  1.00 27.50 ? 23   GLU A CD  1 
ATOM   208  O OE1 . GLU A 1 23 ? 6.677   34.885  -6.660  1.00 30.69 ? 23   GLU A OE1 1 
ATOM   209  O OE2 . GLU A 1 23 ? 8.207   34.422  -5.181  1.00 30.07 ? 23   GLU A OE2 1 
ATOM   210  N N   . LEU A 1 24 ? 4.351   34.747  -1.137  1.00 23.33 ? 24   LEU A N   1 
ATOM   211  C CA  . LEU A 1 24 ? 3.493   35.562  -0.281  1.00 23.82 ? 24   LEU A CA  1 
ATOM   212  C C   . LEU A 1 24 ? 4.329   36.468  0.621   1.00 24.10 ? 24   LEU A C   1 
ATOM   213  O O   . LEU A 1 24 ? 3.945   37.613  0.875   1.00 23.79 ? 24   LEU A O   1 
ATOM   214  C CB  . LEU A 1 24 ? 2.562   34.684  0.562   1.00 23.89 ? 24   LEU A CB  1 
ATOM   215  C CG  . LEU A 1 24 ? 1.443   33.962  -0.201  1.00 25.00 ? 24   LEU A CG  1 
ATOM   216  C CD1 . LEU A 1 24 ? 0.738   32.963  0.705   1.00 25.45 ? 24   LEU A CD1 1 
ATOM   217  C CD2 . LEU A 1 24 ? 0.437   34.947  -0.782  1.00 25.66 ? 24   LEU A CD2 1 
ATOM   218  N N   . ALA A 1 25 ? 5.463   35.962  1.100   1.00 24.40 ? 25   ALA A N   1 
ATOM   219  C CA  . ALA A 1 25 ? 6.377   36.765  1.919   1.00 25.05 ? 25   ALA A CA  1 
ATOM   220  C C   . ALA A 1 25 ? 6.963   37.904  1.075   1.00 25.71 ? 25   ALA A C   1 
ATOM   221  O O   . ALA A 1 25 ? 7.109   39.025  1.555   1.00 26.09 ? 25   ALA A O   1 
ATOM   222  C CB  . ALA A 1 25 ? 7.489   35.899  2.493   1.00 24.93 ? 25   ALA A CB  1 
ATOM   223  N N   . ARG A 1 26 ? 7.280   37.599  -0.184  1.00 26.05 ? 26   ARG A N   1 
ATOM   224  C CA  . ARG A 1 26 ? 7.800   38.587  -1.129  1.00 26.65 ? 26   ARG A CA  1 
ATOM   225  C C   . ARG A 1 26 ? 6.768   39.676  -1.416  1.00 26.41 ? 26   ARG A C   1 
ATOM   226  O O   . ARG A 1 26 ? 7.109   40.847  -1.407  1.00 26.11 ? 26   ARG A O   1 
ATOM   227  C CB  . ARG A 1 26 ? 8.238   37.915  -2.429  1.00 26.93 ? 26   ARG A CB  1 
ATOM   228  C CG  . ARG A 1 26 ? 9.057   38.798  -3.341  1.00 29.24 ? 26   ARG A CG  1 
ATOM   229  C CD  . ARG A 1 26 ? 9.692   38.044  -4.496  1.00 31.43 ? 26   ARG A CD  1 
ATOM   230  N NE  . ARG A 1 26 ? 8.689   37.633  -5.474  1.00 34.10 ? 26   ARG A NE  1 
ATOM   231  C CZ  . ARG A 1 26 ? 8.123   38.442  -6.373  1.00 36.24 ? 26   ARG A CZ  1 
ATOM   232  N NH1 . ARG A 1 26 ? 8.461   39.726  -6.450  1.00 37.22 ? 26   ARG A NH1 1 
ATOM   233  N NH2 . ARG A 1 26 ? 7.213   37.961  -7.211  1.00 37.25 ? 26   ARG A NH2 1 
ATOM   234  N N   . ILE A 1 27 ? 5.519   39.280  -1.662  1.00 26.48 ? 27   ILE A N   1 
ATOM   235  C CA  . ILE A 1 27 ? 4.408   40.220  -1.856  1.00 26.42 ? 27   ILE A CA  1 
ATOM   236  C C   . ILE A 1 27 ? 4.200   41.088  -0.613  1.00 26.73 ? 27   ILE A C   1 
ATOM   237  O O   . ILE A 1 27 ? 3.966   42.283  -0.721  1.00 26.32 ? 27   ILE A O   1 
ATOM   238  C CB  . ILE A 1 27 ? 3.090   39.456  -2.211  1.00 26.22 ? 27   ILE A CB  1 
ATOM   239  C CG1 . ILE A 1 27 ? 3.162   38.914  -3.638  1.00 25.67 ? 27   ILE A CG1 1 
ATOM   240  C CG2 . ILE A 1 27 ? 1.864   40.365  -2.072  1.00 25.91 ? 27   ILE A CG2 1 
ATOM   241  C CD1 . ILE A 1 27 ? 2.050   37.951  -3.990  1.00 25.58 ? 27   ILE A CD1 1 
ATOM   242  N N   . ARG A 1 28 ? 4.291   40.487  0.568   1.00 26.89 ? 28   ARG A N   1 
ATOM   243  C CA  . ARG A 1 28 ? 4.157   41.245  1.808   1.00 27.63 ? 28   ARG A CA  1 
ATOM   244  C C   . ARG A 1 28 ? 5.256   42.314  1.909   1.00 27.78 ? 28   ARG A C   1 
ATOM   245  O O   . ARG A 1 28 ? 4.987   43.452  2.302   1.00 27.94 ? 28   ARG A O   1 
ATOM   246  C CB  . ARG A 1 28 ? 4.183   40.308  3.026   1.00 27.69 ? 28   ARG A CB  1 
ATOM   247  C CG  . ARG A 1 28 ? 3.912   41.004  4.364   1.00 28.55 ? 28   ARG A CG  1 
ATOM   248  C CD  . ARG A 1 28 ? 3.783   40.034  5.521   1.00 29.57 ? 28   ARG A CD  1 
ATOM   249  N NE  . ARG A 1 28 ? 3.962   40.655  6.833   1.00 31.95 ? 28   ARG A NE  1 
ATOM   250  C CZ  . ARG A 1 28 ? 5.129   40.940  7.405   1.00 33.62 ? 28   ARG A CZ  1 
ATOM   251  N NH1 . ARG A 1 28 ? 5.150   41.494  8.616   1.00 34.45 ? 28   ARG A NH1 1 
ATOM   252  N NH2 . ARG A 1 28 ? 6.278   40.693  6.780   1.00 34.87 ? 28   ARG A NH2 1 
ATOM   253  N N   . ARG A 1 29 ? 6.480   41.945  1.526   1.00 28.20 ? 29   ARG A N   1 
ATOM   254  C CA  . ARG A 1 29 ? 7.622   42.861  1.508   1.00 28.50 ? 29   ARG A CA  1 
ATOM   255  C C   . ARG A 1 29 ? 7.432   44.007  0.506   1.00 28.56 ? 29   ARG A C   1 
ATOM   256  O O   . ARG A 1 29 ? 7.718   45.156  0.827   1.00 28.14 ? 29   ARG A O   1 
ATOM   257  C CB  . ARG A 1 29 ? 8.910   42.093  1.193   1.00 28.42 ? 29   ARG A CB  1 
ATOM   258  C CG  . ARG A 1 29 ? 10.208  42.911  1.336   1.00 29.45 ? 29   ARG A CG  1 
ATOM   259  N N   . LEU A 1 30 ? 6.948   43.693  -0.696  1.00 28.89 ? 30   LEU A N   1 
ATOM   260  C CA  . LEU A 1 30 ? 6.731   44.709  -1.730  1.00 29.25 ? 30   LEU A CA  1 
ATOM   261  C C   . LEU A 1 30 ? 5.678   45.721  -1.293  1.00 29.43 ? 30   LEU A C   1 
ATOM   262  O O   . LEU A 1 30 ? 5.841   46.916  -1.528  1.00 29.42 ? 30   LEU A O   1 
ATOM   263  C CB  . LEU A 1 30 ? 6.317   44.092  -3.067  1.00 29.64 ? 30   LEU A CB  1 
ATOM   264  C CG  . LEU A 1 30 ? 7.233   43.077  -3.763  1.00 29.93 ? 30   LEU A CG  1 
ATOM   265  C CD1 . LEU A 1 30 ? 6.546   42.538  -5.019  1.00 29.91 ? 30   LEU A CD1 1 
ATOM   266  C CD2 . LEU A 1 30 ? 8.599   43.647  -4.109  1.00 31.11 ? 30   LEU A CD2 1 
ATOM   267  N N   . LEU A 1 31 ? 4.608   45.249  -0.655  1.00 29.45 ? 31   LEU A N   1 
ATOM   268  C CA  . LEU A 1 31 ? 3.543   46.128  -0.174  1.00 29.84 ? 31   LEU A CA  1 
ATOM   269  C C   . LEU A 1 31 ? 4.051   47.073  0.926   1.00 30.13 ? 31   LEU A C   1 
ATOM   270  O O   . LEU A 1 31 ? 3.589   48.211  1.045   1.00 29.57 ? 31   LEU A O   1 
ATOM   271  C CB  . LEU A 1 31 ? 2.348   45.317  0.352   1.00 29.81 ? 31   LEU A CB  1 
ATOM   272  C CG  . LEU A 1 31 ? 1.527   44.518  -0.670  1.00 29.62 ? 31   LEU A CG  1 
ATOM   273  C CD1 . LEU A 1 31 ? 0.576   43.566  0.038   1.00 29.66 ? 31   LEU A CD1 1 
ATOM   274  C CD2 . LEU A 1 31 ? 0.757   45.430  -1.597  1.00 29.71 ? 31   LEU A CD2 1 
ATOM   275  N N   . GLY A 1 32 ? 4.997   46.588  1.718   1.00 30.43 ? 32   GLY A N   1 
ATOM   276  C CA  . GLY A 1 32 ? 5.577   47.364  2.799   1.00 31.28 ? 32   GLY A CA  1 
ATOM   277  C C   . GLY A 1 32 ? 6.588   48.402  2.342   1.00 31.73 ? 32   GLY A C   1 
ATOM   278  O O   . GLY A 1 32 ? 6.924   49.303  3.111   1.00 31.66 ? 32   GLY A O   1 
ATOM   279  N N   . GLU A 1 33 ? 7.079   48.277  1.110   1.00 32.51 ? 33   GLU A N   1 
ATOM   280  C CA  . GLU A 1 33 ? 8.031   49.246  0.559   1.00 33.32 ? 33   GLU A CA  1 
ATOM   281  C C   . GLU A 1 33 ? 7.375   50.262  -0.397  1.00 33.47 ? 33   GLU A C   1 
ATOM   282  O O   . GLU A 1 33 ? 8.062   51.048  -1.048  1.00 33.81 ? 33   GLU A O   1 
ATOM   283  C CB  . GLU A 1 33 ? 9.224   48.527  -0.085  1.00 33.85 ? 33   GLU A CB  1 
ATOM   284  C CG  . GLU A 1 33 ? 8.932   47.789  -1.375  1.00 34.77 ? 33   GLU A CG  1 
ATOM   285  C CD  . GLU A 1 33 ? 9.910   46.657  -1.665  1.00 36.93 ? 33   GLU A CD  1 
ATOM   286  O OE1 . GLU A 1 33 ? 9.992   46.255  -2.844  1.00 38.15 ? 33   GLU A OE1 1 
ATOM   287  O OE2 . GLU A 1 33 ? 10.587  46.159  -0.732  1.00 37.91 ? 33   GLU A OE2 1 
ATOM   288  N N   . ARG A 1 34 ? 6.046   50.270  -0.444  1.00 33.42 ? 34   ARG A N   1 
ATOM   289  C CA  . ARG A 1 34 ? 5.309   51.222  -1.273  1.00 33.55 ? 34   ARG A CA  1 
ATOM   290  C C   . ARG A 1 34 ? 5.231   52.602  -0.627  1.00 33.31 ? 34   ARG A C   1 
ATOM   291  O O   . ARG A 1 34 ? 5.543   52.790  0.549   1.00 33.02 ? 34   ARG A O   1 
ATOM   292  C CB  . ARG A 1 34 ? 3.900   50.699  -1.547  1.00 33.84 ? 34   ARG A CB  1 
ATOM   293  C CG  . ARG A 1 34 ? 3.888   49.538  -2.521  1.00 34.59 ? 34   ARG A CG  1 
ATOM   294  C CD  . ARG A 1 34 ? 2.566   48.818  -2.596  1.00 35.82 ? 34   ARG A CD  1 
ATOM   295  N NE  . ARG A 1 34 ? 1.517   49.624  -3.218  1.00 36.29 ? 34   ARG A NE  1 
ATOM   296  C CZ  . ARG A 1 34 ? 1.443   49.919  -4.517  1.00 37.12 ? 34   ARG A CZ  1 
ATOM   297  N NH1 . ARG A 1 34 ? 2.369   49.496  -5.377  1.00 37.02 ? 34   ARG A NH1 1 
ATOM   298  N NH2 . ARG A 1 34 ? 0.429   50.652  -4.960  1.00 36.82 ? 34   ARG A NH2 1 
ATOM   299  O OXT . ARG A 1 34 ? 4.837   53.561  -1.289  1.00 32.99 ? 34   ARG A OXT 1 
ATOM   300  N N   . ARG B 1 2  ? 1.976   48.499  -10.545 1.00 35.07 ? 1    ARG B N   1 
ATOM   301  C CA  . ARG B 1 2  ? 2.518   47.352  -9.764  1.00 34.89 ? 1    ARG B CA  1 
ATOM   302  C C   . ARG B 1 2  ? 1.461   46.720  -8.860  1.00 34.59 ? 1    ARG B C   1 
ATOM   303  O O   . ARG B 1 2  ? 1.586   45.559  -8.508  1.00 34.56 ? 1    ARG B O   1 
ATOM   304  C CB  . ARG B 1 2  ? 3.738   47.773  -8.937  1.00 35.31 ? 1    ARG B CB  1 
ATOM   305  C CG  . ARG B 1 2  ? 4.435   46.617  -8.237  1.00 35.43 ? 1    ARG B CG  1 
ATOM   306  C CD  . ARG B 1 2  ? 5.877   46.898  -7.816  1.00 36.33 ? 1    ARG B CD  1 
ATOM   307  N N   . MET B 1 3  ? 0.424   47.470  -8.493  1.00 33.99 ? 2    MET B N   1 
ATOM   308  C CA  . MET B 1 3  ? -0.640  46.919  -7.655  1.00 33.79 ? 2    MET B CA  1 
ATOM   309  C C   . MET B 1 3  ? -1.461  45.902  -8.454  1.00 33.31 ? 2    MET B C   1 
ATOM   310  O O   . MET B 1 3  ? -1.836  44.855  -7.933  1.00 32.80 ? 2    MET B O   1 
ATOM   311  C CB  . MET B 1 3  ? -1.533  48.030  -7.109  1.00 33.81 ? 2    MET B CB  1 
ATOM   312  C CG  . MET B 1 3  ? -2.590  47.552  -6.127  1.00 34.71 ? 2    MET B CG  1 
ATOM   313  S SD  . MET B 1 3  ? -1.913  46.595  -4.755  1.00 36.49 ? 2    MET B SD  1 
ATOM   314  C CE  . MET B 1 3  ? -1.519  47.865  -3.639  1.00 36.96 ? 2    MET B CE  1 
ATOM   315  N N   . ARG B 1 4  ? -1.707  46.199  -9.729  1.00 32.96 ? 3    ARG B N   1 
ATOM   316  C CA  . ARG B 1 4  ? -2.412  45.274  -10.605 1.00 32.72 ? 3    ARG B CA  1 
ATOM   317  C C   . ARG B 1 4  ? -1.582  44.006  -10.836 1.00 32.62 ? 3    ARG B C   1 
ATOM   318  O O   . ARG B 1 4  ? -2.138  42.915  -11.006 1.00 32.72 ? 3    ARG B O   1 
ATOM   319  C CB  . ARG B 1 4  ? -2.748  45.937  -11.920 1.00 33.02 ? 3    ARG B CB  1 
ATOM   320  N N   . GLN B 1 5  ? -0.260  44.148  -10.831 1.00 32.15 ? 4    GLN B N   1 
ATOM   321  C CA  . GLN B 1 5  ? 0.639   43.001  -10.941 1.00 32.04 ? 4    GLN B CA  1 
ATOM   322  C C   . GLN B 1 5  ? 0.625   42.145  -9.672  1.00 31.35 ? 4    GLN B C   1 
ATOM   323  O O   . GLN B 1 5  ? 0.633   40.929  -9.761  1.00 30.80 ? 4    GLN B O   1 
ATOM   324  C CB  . GLN B 1 5  ? 2.058   43.455  -11.243 1.00 32.52 ? 4    GLN B CB  1 
ATOM   325  C CG  . GLN B 1 5  ? 2.216   44.093  -12.615 1.00 34.30 ? 4    GLN B CG  1 
ATOM   326  C CD  . GLN B 1 5  ? 3.572   44.734  -12.788 1.00 36.70 ? 4    GLN B CD  1 
ATOM   327  O OE1 . GLN B 1 5  ? 3.720   45.941  -12.606 1.00 39.06 ? 4    GLN B OE1 1 
ATOM   328  N NE2 . GLN B 1 5  ? 4.575   43.926  -13.121 1.00 39.41 ? 4    GLN B NE2 1 
ATOM   329  N N   . ILE B 1 6  ? 0.595   42.780  -8.500  1.00 30.43 ? 5    ILE B N   1 
ATOM   330  C CA  . ILE B 1 6  ? 0.486   42.049  -7.237  1.00 30.09 ? 5    ILE B CA  1 
ATOM   331  C C   . ILE B 1 6  ? -0.853  41.298  -7.192  1.00 29.44 ? 5    ILE B C   1 
ATOM   332  O O   . ILE B 1 6  ? -0.909  40.157  -6.743  1.00 28.77 ? 5    ILE B O   1 
ATOM   333  C CB  . ILE B 1 6  ? 0.680   42.995  -6.019  1.00 30.04 ? 5    ILE B CB  1 
ATOM   334  C CG1 . ILE B 1 6  ? 2.144   43.449  -5.942  1.00 30.32 ? 5    ILE B CG1 1 
ATOM   335  C CG2 . ILE B 1 6  ? 0.309   42.294  -4.712  1.00 30.55 ? 5    ILE B CG2 1 
ATOM   336  C CD1 . ILE B 1 6  ? 2.404   44.638  -5.037  1.00 30.32 ? 5    ILE B CD1 1 
ATOM   337  N N   . GLU B 1 7  ? -1.909  41.932  -7.697  1.00 28.99 ? 6    GLU B N   1 
ATOM   338  C CA  . GLU B 1 7  ? -3.230  41.313  -7.798  1.00 29.04 ? 6    GLU B CA  1 
ATOM   339  C C   . GLU B 1 7  ? -3.196  40.075  -8.700  1.00 28.72 ? 6    GLU B C   1 
ATOM   340  O O   . GLU B 1 7  ? -3.801  39.055  -8.378  1.00 28.53 ? 6    GLU B O   1 
ATOM   341  C CB  . GLU B 1 7  ? -4.263  42.331  -8.312  1.00 29.43 ? 6    GLU B CB  1 
ATOM   342  C CG  . GLU B 1 7  ? -4.684  43.358  -7.268  1.00 30.13 ? 6    GLU B CG  1 
ATOM   343  C CD  . GLU B 1 7  ? -5.183  44.667  -7.869  1.00 32.99 ? 6    GLU B CD  1 
ATOM   344  O OE1 . GLU B 1 7  ? -5.776  44.647  -8.966  1.00 33.72 ? 6    GLU B OE1 1 
ATOM   345  O OE2 . GLU B 1 7  ? -4.979  45.724  -7.236  1.00 33.23 ? 6    GLU B OE2 1 
ATOM   346  N N   . ASP B 1 8  ? -2.476  40.165  -9.815  1.00 28.42 ? 7    ASP B N   1 
ATOM   347  C CA  . ASP B 1 8  ? -2.344  39.049  -10.750 1.00 28.26 ? 7    ASP B CA  1 
ATOM   348  C C   . ASP B 1 8  ? -1.565  37.906  -10.114 1.00 27.86 ? 7    ASP B C   1 
ATOM   349  O O   . ASP B 1 8  ? -1.893  36.745  -10.331 1.00 27.67 ? 7    ASP B O   1 
ATOM   350  C CB  . ASP B 1 8  ? -1.625  39.477  -12.035 1.00 28.22 ? 7    ASP B CB  1 
ATOM   351  C CG  . ASP B 1 8  ? -2.466  40.378  -12.925 1.00 29.10 ? 7    ASP B CG  1 
ATOM   352  O OD1 . ASP B 1 8  ? -3.705  40.452  -12.769 1.00 29.48 ? 7    ASP B OD1 1 
ATOM   353  O OD2 . ASP B 1 8  ? -1.950  41.063  -13.828 1.00 31.87 ? 7    ASP B OD2 1 
ATOM   354  N N   . ARG B 1 9  ? -0.540  38.234  -9.328  1.00 27.51 ? 8    ARG B N   1 
ATOM   355  C CA  . ARG B 1 9  ? 0.272   37.217  -8.668  1.00 27.11 ? 8    ARG B CA  1 
ATOM   356  C C   . ARG B 1 9  ? -0.533  36.474  -7.605  1.00 26.77 ? 8    ARG B C   1 
ATOM   357  O O   . ARG B 1 9  ? -0.418  35.254  -7.470  1.00 25.96 ? 8    ARG B O   1 
ATOM   358  C CB  . ARG B 1 9  ? 1.536   37.834  -8.053  1.00 27.35 ? 8    ARG B CB  1 
ATOM   359  C CG  . ARG B 1 9  ? 2.576   36.815  -7.601  1.00 27.54 ? 8    ARG B CG  1 
ATOM   360  C CD  . ARG B 1 9  ? 2.869   35.746  -8.649  1.00 28.68 ? 8    ARG B CD  1 
ATOM   361  N NE  . ARG B 1 9  ? 4.037   34.933  -8.347  1.00 29.15 ? 8    ARG B NE  1 
ATOM   362  C CZ  . ARG B 1 9  ? 4.323   33.777  -8.948  1.00 28.41 ? 8    ARG B CZ  1 
ATOM   363  N NH1 . ARG B 1 9  ? 5.415   33.099  -8.612  1.00 28.31 ? 8    ARG B NH1 1 
ATOM   364  N NH2 . ARG B 1 9  ? 3.523   33.297  -9.892  1.00 27.83 ? 8    ARG B NH2 1 
ATOM   365  N N   . LEU B 1 10 ? -1.352  37.215  -6.857  1.00 26.23 ? 9    LEU B N   1 
ATOM   366  C CA  . LEU B 1 10 ? -2.224  36.623  -5.850  1.00 25.64 ? 9    LEU B CA  1 
ATOM   367  C C   . LEU B 1 10 ? -3.238  35.687  -6.492  1.00 25.63 ? 9    LEU B C   1 
ATOM   368  O O   . LEU B 1 10 ? -3.588  34.668  -5.908  1.00 24.63 ? 9    LEU B O   1 
ATOM   369  C CB  . LEU B 1 10 ? -2.949  37.706  -5.048  1.00 25.93 ? 9    LEU B CB  1 
ATOM   370  C CG  . LEU B 1 10 ? -2.084  38.491  -4.060  1.00 25.54 ? 9    LEU B CG  1 
ATOM   371  C CD1 . LEU B 1 10 ? -2.838  39.717  -3.554  1.00 26.46 ? 9    LEU B CD1 1 
ATOM   372  C CD2 . LEU B 1 10 ? -1.668  37.607  -2.889  1.00 25.99 ? 9    LEU B CD2 1 
ATOM   373  N N   . GLU B 1 11 ? -3.702  36.040  -7.694  1.00 25.10 ? 10   GLU B N   1 
ATOM   374  C CA  . GLU B 1 11 ? -4.603  35.188  -8.464  1.00 25.32 ? 10   GLU B CA  1 
ATOM   375  C C   . GLU B 1 11 ? -3.916  33.896  -8.916  1.00 24.97 ? 10   GLU B C   1 
ATOM   376  O O   . GLU B 1 11 ? -4.535  32.835  -8.916  1.00 24.60 ? 10   GLU B O   1 
ATOM   377  C CB  . GLU B 1 11 ? -5.155  35.942  -9.683  1.00 25.41 ? 10   GLU B CB  1 
ATOM   378  C CG  . GLU B 1 11 ? -6.236  35.204  -10.466 1.00 27.35 ? 10   GLU B CG  1 
ATOM   379  C CD  . GLU B 1 11 ? -7.533  35.010  -9.687  1.00 27.77 ? 10   GLU B CD  1 
ATOM   380  O OE1 . GLU B 1 11 ? -7.701  35.584  -8.595  1.00 30.19 ? 10   GLU B OE1 1 
ATOM   381  O OE2 . GLU B 1 11 ? -8.397  34.263  -10.176 1.00 31.63 ? 10   GLU B OE2 1 
ATOM   382  N N   . GLU B 1 12 ? -2.648  34.001  -9.299  1.00 24.43 ? 11   GLU B N   1 
ATOM   383  C CA  . GLU B 1 12 ? -1.846  32.847  -9.702  1.00 24.67 ? 11   GLU B CA  1 
ATOM   384  C C   . GLU B 1 12 ? -1.585  31.918  -8.504  1.00 24.29 ? 11   GLU B C   1 
ATOM   385  O O   . GLU B 1 12 ? -1.650  30.693  -8.630  1.00 23.67 ? 11   GLU B O   1 
ATOM   386  C CB  . GLU B 1 12 ? -0.534  33.311  -10.353 1.00 24.51 ? 11   GLU B CB  1 
ATOM   387  C CG  . GLU B 1 12 ? -0.736  33.990  -11.710 1.00 25.34 ? 11   GLU B CG  1 
ATOM   388  C CD  . GLU B 1 12 ? 0.433   34.860  -12.170 1.00 25.93 ? 11   GLU B CD  1 
ATOM   389  O OE1 . GLU B 1 12 ? 1.487   34.889  -11.510 1.00 25.08 ? 11   GLU B OE1 1 
ATOM   390  O OE2 . GLU B 1 12 ? 0.294   35.525  -13.220 1.00 27.51 ? 11   GLU B OE2 1 
ATOM   391  N N   . ILE B 1 13 ? -1.332  32.515  -7.340  1.00 23.86 ? 12   ILE B N   1 
ATOM   392  C CA  . ILE B 1 13 ? -1.178  31.774  -6.094  1.00 23.81 ? 12   ILE B CA  1 
ATOM   393  C C   . ILE B 1 13 ? -2.480  31.068  -5.711  1.00 23.64 ? 12   ILE B C   1 
ATOM   394  O O   . ILE B 1 13 ? -2.472  29.899  -5.360  1.00 22.83 ? 12   ILE B O   1 
ATOM   395  C CB  . ILE B 1 13 ? -0.702  32.728  -4.963  1.00 23.90 ? 12   ILE B CB  1 
ATOM   396  C CG1 . ILE B 1 13 ? 0.759   33.112  -5.204  1.00 23.85 ? 12   ILE B CG1 1 
ATOM   397  C CG2 . ILE B 1 13 ? -0.871  32.086  -3.585  1.00 23.07 ? 12   ILE B CG2 1 
ATOM   398  C CD1 . ILE B 1 13 ? 1.210   34.387  -4.504  1.00 25.20 ? 12   ILE B CD1 1 
ATOM   399  N N   . LEU B 1 14 ? -3.586  31.796  -5.781  1.00 23.57 ? 13   LEU B N   1 
ATOM   400  C CA  . LEU B 1 14 ? -4.909  31.248  -5.514  1.00 23.74 ? 13   LEU B CA  1 
ATOM   401  C C   . LEU B 1 14 ? -5.212  30.050  -6.391  1.00 23.69 ? 13   LEU B C   1 
ATOM   402  O O   . LEU B 1 14 ? -5.714  29.042  -5.909  1.00 23.57 ? 13   LEU B O   1 
ATOM   403  C CB  . LEU B 1 14 ? -5.981  32.306  -5.753  1.00 24.23 ? 13   LEU B CB  1 
ATOM   404  C CG  . LEU B 1 14 ? -6.207  33.244  -4.580  1.00 25.27 ? 13   LEU B CG  1 
ATOM   405  C CD1 . LEU B 1 14 ? -6.995  34.450  -5.047  1.00 27.10 ? 13   LEU B CD1 1 
ATOM   406  C CD2 . LEU B 1 14 ? -6.931  32.506  -3.455  1.00 26.54 ? 13   LEU B CD2 1 
ATOM   407  N N   . SER B 1 15 ? -4.910  30.194  -7.678  1.00 23.39 ? 14   SER B N   1 
ATOM   408  C CA  . SER B 1 15 ? -5.070  29.139  -8.668  1.00 23.67 ? 14   SER B CA  1 
ATOM   409  C C   . SER B 1 15 ? -4.349  27.876  -8.217  1.00 23.43 ? 14   SER B C   1 
ATOM   410  O O   . SER B 1 15 ? -4.937  26.797  -8.201  1.00 23.28 ? 14   SER B O   1 
ATOM   411  C CB  . SER B 1 15 ? -4.508  29.604  -10.018 1.00 23.80 ? 14   SER B CB  1 
ATOM   412  O OG  . SER B 1 15 ? -4.591  28.581  -10.999 1.00 24.86 ? 14   SER B OG  1 
ATOM   413  N N   . LYS B 1 16 ? -3.082  28.027  -7.845  1.00 23.08 ? 15   LYS B N   1 
ATOM   414  C CA  . LYS B 1 16 ? -2.260  26.896  -7.452  1.00 23.20 ? 15   LYS B CA  1 
ATOM   415  C C   . LYS B 1 16 ? -2.707  26.327  -6.108  1.00 22.35 ? 15   LYS B C   1 
ATOM   416  O O   . LYS B 1 16 ? -2.693  25.118  -5.916  1.00 21.94 ? 15   LYS B O   1 
ATOM   417  C CB  . LYS B 1 16 ? -0.775  27.278  -7.403  1.00 23.45 ? 15   LYS B CB  1 
ATOM   418  C CG  . LYS B 1 16 ? 0.161   26.113  -7.048  1.00 24.85 ? 15   LYS B CG  1 
ATOM   419  C CD  . LYS B 1 16 ? -0.025  24.897  -7.962  1.00 26.29 ? 15   LYS B CD  1 
ATOM   420  C CE  . LYS B 1 16 ? 0.466   25.154  -9.376  1.00 26.83 ? 15   LYS B CE  1 
ATOM   421  N NZ  . LYS B 1 16 ? 0.547   23.880  -10.172 1.00 26.11 ? 15   LYS B NZ  1 
ATOM   422  N N   . LEU B 1 17 ? -3.116  27.186  -5.180  1.00 21.65 ? 16   LEU B N   1 
ATOM   423  C CA  . LEU B 1 17 ? -3.570  26.703  -3.886  1.00 21.23 ? 16   LEU B CA  1 
ATOM   424  C C   . LEU B 1 17 ? -4.831  25.848  -4.043  1.00 20.20 ? 16   LEU B C   1 
ATOM   425  O O   . LEU B 1 17 ? -4.954  24.803  -3.403  1.00 19.86 ? 16   LEU B O   1 
ATOM   426  C CB  . LEU B 1 17 ? -3.798  27.851  -2.913  1.00 21.79 ? 16   LEU B CB  1 
ATOM   427  C CG  . LEU B 1 17 ? -2.543  28.385  -2.234  1.00 23.05 ? 16   LEU B CG  1 
ATOM   428  C CD1 . LEU B 1 17 ? -2.861  29.699  -1.528  1.00 23.89 ? 16   LEU B CD1 1 
ATOM   429  C CD2 . LEU B 1 17 ? -1.975  27.370  -1.243  1.00 24.73 ? 16   LEU B CD2 1 
ATOM   430  N N   . HIS B 1 18 ? -5.751  26.277  -4.907  1.00 19.02 ? 17   HIS B N   1 
ATOM   431  C CA  . HIS B 1 18 ? -6.972  25.513  -5.168  1.00 18.25 ? 17   HIS B CA  1 
ATOM   432  C C   . HIS B 1 18 ? -6.646  24.165  -5.816  1.00 17.45 ? 17   HIS B C   1 
ATOM   433  O O   . HIS B 1 18 ? -7.261  23.156  -5.465  1.00 17.98 ? 17   HIS B O   1 
ATOM   434  C CB  . HIS B 1 18 ? -7.948  26.314  -6.036  1.00 18.28 ? 17   HIS B CB  1 
ATOM   435  C CG  . HIS B 1 18 ? -8.763  27.294  -5.259  1.00 18.32 ? 17   HIS B CG  1 
ATOM   436  N ND1 . HIS B 1 18 ? -9.660  26.905  -4.283  1.00 18.46 ? 17   HIS B ND1 1 
ATOM   437  C CD2 . HIS B 1 18 ? -8.826  28.646  -5.315  1.00 18.88 ? 17   HIS B CD2 1 
ATOM   438  C CE1 . HIS B 1 18 ? -10.230 27.979  -3.764  1.00 19.41 ? 17   HIS B CE1 1 
ATOM   439  N NE2 . HIS B 1 18 ? -9.739  29.047  -4.369  1.00 19.42 ? 17   HIS B NE2 1 
ATOM   440  N N   . HIS B 1 19 ? -5.662  24.130  -6.713  0.50 15.98 ? 18   HIS B N   1 
ATOM   441  C CA  . HIS B 1 19 ? -5.218  22.868  -7.311  0.50 15.59 ? 18   HIS B CA  1 
ATOM   442  C C   . HIS B 1 19 ? -4.657  21.941  -6.231  0.50 15.44 ? 18   HIS B C   1 
ATOM   443  O O   . HIS B 1 19 ? -4.936  20.745  -6.221  0.50 14.24 ? 18   HIS B O   1 
ATOM   444  C CB  . HIS B 1 19 ? -4.158  23.111  -8.394  0.50 15.23 ? 18   HIS B CB  1 
ATOM   445  C CG  . HIS B 1 19 ? -4.682  23.820  -9.606  0.50 15.39 ? 18   HIS B CG  1 
ATOM   446  N N   . ILE B 1 20 ? -3.879  22.508  -5.313  1.00 15.97 ? 19   ILE B N   1 
ATOM   447  C CA  . ILE B 1 20 ? -3.334  21.746  -4.187  1.00 17.03 ? 19   ILE B CA  1 
ATOM   448  C C   . ILE B 1 20 ? -4.428  21.173  -3.281  1.00 17.47 ? 19   ILE B C   1 
ATOM   449  O O   . ILE B 1 20 ? -4.346  20.021  -2.852  1.00 17.35 ? 19   ILE B O   1 
ATOM   450  C CB  . ILE B 1 20 ? -2.316  22.617  -3.388  1.00 17.03 ? 19   ILE B CB  1 
ATOM   451  C CG1 . ILE B 1 20 ? -1.005  22.717  -4.180  1.00 18.50 ? 19   ILE B CG1 1 
ATOM   452  C CG2 . ILE B 1 20 ? -2.067  22.029  -1.999  1.00 17.33 ? 19   ILE B CG2 1 
ATOM   453  C CD1 . ILE B 1 20 ? -0.015  23.778  -3.654  1.00 18.76 ? 19   ILE B CD1 1 
ATOM   454  N N   . CYS B 1 21 ? -5.451  21.964  -2.995  1.00 18.40 ? 20   CYS B N   1 
ATOM   455  C CA  . CYS B 1 21 ? -6.582  21.488  -2.208  1.00 18.89 ? 20   CYS B CA  1 
ATOM   456  C C   . CYS B 1 21 ? -7.188  20.265  -2.884  1.00 18.86 ? 20   CYS B C   1 
ATOM   457  O O   . CYS B 1 21 ? -7.512  19.266  -2.220  1.00 18.39 ? 20   CYS B O   1 
ATOM   458  C CB  . CYS B 1 21 ? -7.643  22.579  -2.089  1.00 19.29 ? 20   CYS B CB  1 
ATOM   459  S SG  . CYS B 1 21 ? -7.237  23.853  -0.878  1.00 22.95 ? 20   CYS B SG  1 
ATOM   460  N N   . ASN B 1 22 ? -7.335  20.362  -4.210  1.00 18.81 ? 21   ASN B N   1 
ATOM   461  C CA  . ASN B 1 22 ? -7.955  19.313  -5.021  1.00 18.78 ? 21   ASN B CA  1 
ATOM   462  C C   . ASN B 1 22 ? -7.134  18.024  -5.008  1.00 18.36 ? 21   ASN B C   1 
ATOM   463  O O   . ASN B 1 22 ? -7.700  16.919  -4.963  1.00 18.41 ? 21   ASN B O   1 
ATOM   464  C CB  . ASN B 1 22 ? -8.163  19.779  -6.473  1.00 19.22 ? 21   ASN B CB  1 
ATOM   465  C CG  . ASN B 1 22 ? -9.134  20.958  -6.596  1.00 20.71 ? 21   ASN B CG  1 
ATOM   466  O OD1 . ASN B 1 22 ? -9.960  21.216  -5.715  1.00 22.77 ? 21   ASN B OD1 1 
ATOM   467  N ND2 . ASN B 1 22 ? -9.038  21.671  -7.712  1.00 23.01 ? 21   ASN B ND2 1 
ATOM   468  N N   . GLU B 1 23 ? -5.811  18.160  -5.051  0.50 17.09 ? 22   GLU B N   1 
ATOM   469  C CA  . GLU B 1 23 ? -4.910  17.012  -4.971  0.50 16.69 ? 22   GLU B CA  1 
ATOM   470  C C   . GLU B 1 23 ? -4.893  16.382  -3.573  0.50 16.74 ? 22   GLU B C   1 
ATOM   471  O O   . GLU B 1 23 ? -4.818  15.167  -3.435  0.50 14.79 ? 22   GLU B O   1 
ATOM   472  C CB  . GLU B 1 23 ? -3.490  17.421  -5.375  0.50 16.40 ? 22   GLU B CB  1 
ATOM   473  C CG  . GLU B 1 23 ? -3.363  17.855  -6.827  0.50 15.86 ? 22   GLU B CG  1 
ATOM   474  N N   . LEU B 1 24 ? -4.950  17.214  -2.534  1.00 17.77 ? 23   LEU B N   1 
ATOM   475  C CA  . LEU B 1 24 ? -4.996  16.711  -1.164  1.00 18.48 ? 23   LEU B CA  1 
ATOM   476  C C   . LEU B 1 24 ? -6.331  16.016  -0.895  1.00 18.63 ? 23   LEU B C   1 
ATOM   477  O O   . LEU B 1 24 ? -6.377  15.028  -0.180  1.00 18.93 ? 23   LEU B O   1 
ATOM   478  C CB  . LEU B 1 24 ? -4.756  17.832  -0.157  1.00 18.58 ? 23   LEU B CB  1 
ATOM   479  C CG  . LEU B 1 24 ? -3.335  18.397  -0.082  1.00 19.83 ? 23   LEU B CG  1 
ATOM   480  C CD1 . LEU B 1 24 ? -3.299  19.662  0.773   1.00 20.66 ? 23   LEU B CD1 1 
ATOM   481  C CD2 . LEU B 1 24 ? -2.355  17.338  0.448   1.00 20.95 ? 23   LEU B CD2 1 
ATOM   482  N N   . ALA B 1 25 ? -7.406  16.539  -1.475  1.00 18.76 ? 24   ALA B N   1 
ATOM   483  C CA  . ALA B 1 25 ? -8.730  15.937  -1.374  1.00 19.20 ? 24   ALA B CA  1 
ATOM   484  C C   . ALA B 1 25 ? -8.706  14.557  -2.024  1.00 19.27 ? 24   ALA B C   1 
ATOM   485  O O   . ALA B 1 25 ? -9.236  13.607  -1.472  1.00 19.71 ? 24   ALA B O   1 
ATOM   486  C CB  . ALA B 1 25 ? -9.771  16.818  -2.042  1.00 19.45 ? 24   ALA B CB  1 
ATOM   487  N N   . ARG B 1 26 ? -8.054  14.468  -3.180  1.00 19.63 ? 25   ARG B N   1 
ATOM   488  C CA  . ARG B 1 26 ? -7.874  13.213  -3.897  1.00 19.91 ? 25   ARG B CA  1 
ATOM   489  C C   . ARG B 1 26 ? -7.068  12.215  -3.062  1.00 20.01 ? 25   ARG B C   1 
ATOM   490  O O   . ARG B 1 26 ? -7.424  11.047  -2.992  1.00 19.18 ? 25   ARG B O   1 
ATOM   491  C CB  . ARG B 1 26 ? -7.191  13.477  -5.237  1.00 20.28 ? 25   ARG B CB  1 
ATOM   492  C CG  . ARG B 1 26 ? -6.763  12.220  -5.958  1.00 21.76 ? 25   ARG B CG  1 
ATOM   493  C CD  . ARG B 1 26 ? -6.610  12.398  -7.446  1.00 24.03 ? 25   ARG B CD  1 
ATOM   494  N NE  . ARG B 1 26 ? -5.799  11.324  -8.030  1.00 25.84 ? 25   ARG B NE  1 
ATOM   495  C CZ  . ARG B 1 26 ? -5.948  10.838  -9.256  1.00 28.01 ? 25   ARG B CZ  1 
ATOM   496  N NH1 . ARG B 1 26 ? -6.876  11.311  -10.079 1.00 28.19 ? 25   ARG B NH1 1 
ATOM   497  N NH2 . ARG B 1 26 ? -5.154  9.861   -9.670  1.00 29.30 ? 25   ARG B NH2 1 
ATOM   498  N N   . ILE B 1 27 ? -6.022  12.692  -2.391  1.00 20.03 ? 26   ILE B N   1 
ATOM   499  C CA  . ILE B 1 27 ? -5.201  11.830  -1.543  1.00 20.45 ? 26   ILE B CA  1 
ATOM   500  C C   . ILE B 1 27 ? -6.023  11.309  -0.375  1.00 21.15 ? 26   ILE B C   1 
ATOM   501  O O   . ILE B 1 27 ? -6.058  10.107  -0.134  1.00 20.70 ? 26   ILE B O   1 
ATOM   502  C CB  . ILE B 1 27 ? -3.937  12.581  -1.066  1.00 20.60 ? 26   ILE B CB  1 
ATOM   503  C CG1 . ILE B 1 27 ? -2.929  12.680  -2.219  1.00 20.38 ? 26   ILE B CG1 1 
ATOM   504  C CG2 . ILE B 1 27 ? -3.294  11.886  0.163   1.00 20.31 ? 26   ILE B CG2 1 
ATOM   505  C CD1 . ILE B 1 27 ? -1.857  13.743  -2.022  1.00 20.70 ? 26   ILE B CD1 1 
ATOM   506  N N   . ARG B 1 28 ? -6.684  12.220  0.339   1.00 21.85 ? 27   ARG B N   1 
ATOM   507  C CA  . ARG B 1 28 ? -7.623  11.858  1.396   1.00 23.25 ? 27   ARG B CA  1 
ATOM   508  C C   . ARG B 1 28 ? -8.573  10.735  0.923   1.00 23.39 ? 27   ARG B C   1 
ATOM   509  O O   . ARG B 1 28 ? -8.752  9.747   1.633   1.00 23.12 ? 27   ARG B O   1 
ATOM   510  C CB  . ARG B 1 28 ? -8.389  13.109  1.862   1.00 23.80 ? 27   ARG B CB  1 
ATOM   511  C CG  . ARG B 1 28 ? -9.688  12.878  2.609   1.00 27.54 ? 27   ARG B CG  1 
ATOM   512  C CD  . ARG B 1 28 ? -9.525  12.219  3.953   1.00 31.09 ? 27   ARG B CD  1 
ATOM   513  N NE  . ARG B 1 28 ? -9.771  10.785  3.865   1.00 35.71 ? 27   ARG B NE  1 
ATOM   514  C CZ  . ARG B 1 28 ? -10.966 10.205  3.909   1.00 37.69 ? 27   ARG B CZ  1 
ATOM   515  N NH1 . ARG B 1 28 ? -11.048 8.891   3.805   1.00 38.52 ? 27   ARG B NH1 1 
ATOM   516  N NH2 . ARG B 1 28 ? -12.075 10.919  4.058   1.00 39.58 ? 27   ARG B NH2 1 
ATOM   517  N N   . ARG B 1 29 ? -9.140  10.876  -0.281  1.00 23.30 ? 28   ARG B N   1 
ATOM   518  C CA  . ARG B 1 29 ? -10.039 9.869   -0.851  1.00 23.44 ? 28   ARG B CA  1 
ATOM   519  C C   . ARG B 1 29 ? -9.352  8.517   -1.106  1.00 23.52 ? 28   ARG B C   1 
ATOM   520  O O   . ARG B 1 29 ? -9.889  7.468   -0.745  1.00 23.22 ? 28   ARG B O   1 
ATOM   521  C CB  . ARG B 1 29 ? -10.702 10.394  -2.136  1.00 23.60 ? 28   ARG B CB  1 
ATOM   522  C CG  . ARG B 1 29 ? -11.846 11.372  -1.864  1.00 24.04 ? 28   ARG B CG  1 
ATOM   523  C CD  . ARG B 1 29 ? -12.677 11.763  -3.088  1.00 24.79 ? 28   ARG B CD  1 
ATOM   524  N NE  . ARG B 1 29 ? -11.838 12.142  -4.223  1.00 23.64 ? 28   ARG B NE  1 
ATOM   525  C CZ  . ARG B 1 29 ? -11.458 13.384  -4.518  1.00 24.98 ? 28   ARG B CZ  1 
ATOM   526  N NH1 . ARG B 1 29 ? -11.839 14.415  -3.776  1.00 26.34 ? 28   ARG B NH1 1 
ATOM   527  N NH2 . ARG B 1 29 ? -10.693 13.597  -5.577  1.00 23.43 ? 28   ARG B NH2 1 
ATOM   528  N N   . LEU B 1 30 ? -8.169  8.535   -1.712  1.00 23.36 ? 29   LEU B N   1 
ATOM   529  C CA  . LEU B 1 30 ? -7.434  7.303   -1.967  1.00 23.86 ? 29   LEU B CA  1 
ATOM   530  C C   . LEU B 1 30 ? -7.102  6.584   -0.667  1.00 24.02 ? 29   LEU B C   1 
ATOM   531  O O   . LEU B 1 30 ? -7.225  5.371   -0.587  1.00 23.72 ? 29   LEU B O   1 
ATOM   532  C CB  . LEU B 1 30 ? -6.152  7.574   -2.765  1.00 23.62 ? 29   LEU B CB  1 
ATOM   533  C CG  . LEU B 1 30 ? -6.360  8.164   -4.161  1.00 24.62 ? 29   LEU B CG  1 
ATOM   534  C CD1 . LEU B 1 30 ? -5.040  8.608   -4.778  1.00 25.09 ? 29   LEU B CD1 1 
ATOM   535  C CD2 . LEU B 1 30 ? -7.088  7.165   -5.073  1.00 25.20 ? 29   LEU B CD2 1 
ATOM   536  N N   . LEU B 1 31 ? -6.688  7.332   0.354   1.00 24.64 ? 30   LEU B N   1 
ATOM   537  C CA  . LEU B 1 31 ? -6.361  6.739   1.650   1.00 25.49 ? 30   LEU B CA  1 
ATOM   538  C C   . LEU B 1 31 ? -7.575  6.044   2.264   1.00 26.27 ? 30   LEU B C   1 
ATOM   539  O O   . LEU B 1 31 ? -7.437  5.005   2.903   1.00 26.88 ? 30   LEU B O   1 
ATOM   540  C CB  . LEU B 1 31 ? -5.796  7.800   2.614   1.00 25.29 ? 30   LEU B CB  1 
ATOM   541  C CG  . LEU B 1 31 ? -4.427  8.382   2.215   1.00 25.59 ? 30   LEU B CG  1 
ATOM   542  C CD1 . LEU B 1 31 ? -4.035  9.538   3.139   1.00 26.88 ? 30   LEU B CD1 1 
ATOM   543  C CD2 . LEU B 1 31 ? -3.345  7.322   2.211   1.00 25.69 ? 30   LEU B CD2 1 
ATOM   544  N N   . GLY B 1 32 ? -8.758  6.617   2.052   1.00 27.11 ? 31   GLY B N   1 
ATOM   545  C CA  . GLY B 1 32 ? -10.008 6.067   2.553   1.00 28.02 ? 31   GLY B CA  1 
ATOM   546  C C   . GLY B 1 32 ? -10.415 4.752   1.911   1.00 28.53 ? 31   GLY B C   1 
ATOM   547  O O   . GLY B 1 32 ? -11.168 3.979   2.503   1.00 28.99 ? 31   GLY B O   1 
ATOM   548  N N   . GLU B 1 33 ? -9.917  4.506   0.706   1.00 29.05 ? 32   GLU B N   1 
ATOM   549  C CA  . GLU B 1 33 ? -10.220 3.295   -0.047  1.00 29.76 ? 32   GLU B CA  1 
ATOM   550  C C   . GLU B 1 33 ? -9.306  2.133   0.335   1.00 30.58 ? 32   GLU B C   1 
ATOM   551  O O   . GLU B 1 33 ? -9.466  1.021   -0.168  1.00 30.81 ? 32   GLU B O   1 
ATOM   552  C CB  . GLU B 1 33 ? -10.068 3.566   -1.548  1.00 29.93 ? 32   GLU B CB  1 
ATOM   553  C CG  . GLU B 1 33 ? -10.862 4.750   -2.067  1.00 29.58 ? 32   GLU B CG  1 
ATOM   554  N N   . ARG B 1 34 ? -8.342  2.388   1.216   1.00 31.62 ? 33   ARG B N   1 
ATOM   555  C CA  . ARG B 1 34 ? -7.337  1.395   1.569   1.00 32.31 ? 33   ARG B CA  1 
ATOM   556  C C   . ARG B 1 34 ? -7.852  0.458   2.637   1.00 32.65 ? 33   ARG B C   1 
ATOM   557  O O   . ARG B 1 34 ? -8.924  0.671   3.194   1.00 32.43 ? 33   ARG B O   1 
ATOM   558  C CB  . ARG B 1 34 ? -6.069  2.072   2.079   1.00 32.60 ? 33   ARG B CB  1 
ATOM   559  C CG  . ARG B 1 34 ? -5.425  2.971   1.069   1.00 33.69 ? 33   ARG B CG  1 
ATOM   560  C CD  . ARG B 1 34 ? -3.999  3.335   1.402   1.00 36.22 ? 33   ARG B CD  1 
ATOM   561  N NE  . ARG B 1 34 ? -3.209  3.322   0.183   1.00 38.57 ? 33   ARG B NE  1 
ATOM   562  C CZ  . ARG B 1 34 ? -2.169  2.537   -0.067  1.00 39.17 ? 33   ARG B CZ  1 
ATOM   563  N NH1 . ARG B 1 34 ? -1.581  2.651   -1.242  1.00 40.60 ? 33   ARG B NH1 1 
ATOM   564  N NH2 . ARG B 1 34 ? -1.699  1.666   0.829   1.00 39.12 ? 33   ARG B NH2 1 
ATOM   565  O OXT . ARG B 1 34 ? -7.164  -0.510  2.939   1.00 33.52 ? 33   ARG B OXT 1 
ATOM   566  N N   . ARG C 1 2  ? -11.257 -48.107 9.078   1.00 30.66 ? 1    ARG C N   1 
ATOM   567  C CA  . ARG C 1 2  ? -10.721 -46.955 9.866   1.00 30.69 ? 1    ARG C CA  1 
ATOM   568  C C   . ARG C 1 2  ? -9.483  -46.365 9.199   1.00 29.69 ? 1    ARG C C   1 
ATOM   569  O O   . ARG C 1 2  ? -9.443  -45.180 8.954   1.00 29.45 ? 1    ARG C O   1 
ATOM   570  C CB  . ARG C 1 2  ? -10.422 -47.359 11.307  1.00 31.41 ? 1    ARG C CB  1 
ATOM   571  C CG  . ARG C 1 2  ? -10.253 -46.191 12.277  1.00 33.13 ? 1    ARG C CG  1 
ATOM   572  C CD  . ARG C 1 2  ? -11.463 -45.253 12.369  1.00 36.68 ? 1    ARG C CD  1 
ATOM   573  N NE  . ARG C 1 2  ? -11.717 -44.769 13.730  1.00 40.29 ? 1    ARG C NE  1 
ATOM   574  C CZ  . ARG C 1 2  ? -12.664 -43.886 14.057  1.00 42.39 ? 1    ARG C CZ  1 
ATOM   575  N NH1 . ARG C 1 2  ? -12.823 -43.513 15.325  1.00 43.29 ? 1    ARG C NH1 1 
ATOM   576  N NH2 . ARG C 1 2  ? -13.460 -43.373 13.122  1.00 43.88 ? 1    ARG C NH2 1 
ATOM   577  N N   . MET C 1 3  ? -8.475  -47.173 8.889   1.00 28.96 ? 2    MET C N   1 
ATOM   578  C CA  . MET C 1 3  ? -7.274  -46.606 8.270   1.00 28.14 ? 2    MET C CA  1 
ATOM   579  C C   . MET C 1 3  ? -7.623  -45.876 6.967   1.00 27.01 ? 2    MET C C   1 
ATOM   580  O O   . MET C 1 3  ? -7.082  -44.820 6.683   1.00 26.56 ? 2    MET C O   1 
ATOM   581  C CB  . MET C 1 3  ? -6.204  -47.665 8.018   1.00 28.42 ? 2    MET C CB  1 
ATOM   582  C CG  . MET C 1 3  ? -4.844  -47.083 7.646   1.00 29.43 ? 2    MET C CG  1 
ATOM   583  S SD  . MET C 1 3  ? -4.273  -45.721 8.715   1.00 31.32 ? 2    MET C SD  1 
ATOM   584  C CE  . MET C 1 3  ? -3.338  -46.614 9.878   1.00 31.30 ? 2    MET C CE  1 
ATOM   585  N N   . ARG C 1 4  ? -8.550  -46.435 6.199   1.00 26.05 ? 3    ARG C N   1 
ATOM   586  C CA  . ARG C 1 4  ? -9.025  -45.815 4.967   1.00 25.72 ? 3    ARG C CA  1 
ATOM   587  C C   . ARG C 1 4  ? -9.772  -44.497 5.236   1.00 24.89 ? 3    ARG C C   1 
ATOM   588  O O   . ARG C 1 4  ? -9.702  -43.576 4.432   1.00 24.50 ? 3    ARG C O   1 
ATOM   589  C CB  . ARG C 1 4  ? -9.946  -46.778 4.214   1.00 25.94 ? 3    ARG C CB  1 
ATOM   590  C CG  . ARG C 1 4  ? -10.279 -46.351 2.804   1.00 27.18 ? 3    ARG C CG  1 
ATOM   591  N N   . GLN C 1 5  ? -10.493 -44.431 6.353   1.00 23.90 ? 4    GLN C N   1 
ATOM   592  C CA  . GLN C 1 5  ? -11.187 -43.211 6.758   1.00 23.52 ? 4    GLN C CA  1 
ATOM   593  C C   . GLN C 1 5  ? -10.201 -42.106 7.143   1.00 23.10 ? 4    GLN C C   1 
ATOM   594  O O   . GLN C 1 5  ? -10.449 -40.932 6.873   1.00 22.98 ? 4    GLN C O   1 
ATOM   595  C CB  . GLN C 1 5  ? -12.160 -43.500 7.907   1.00 23.69 ? 4    GLN C CB  1 
ATOM   596  C CG  . GLN C 1 5  ? -13.302 -44.435 7.527   1.00 24.51 ? 4    GLN C CG  1 
ATOM   597  C CD  . GLN C 1 5  ? -14.169 -44.840 8.702   1.00 26.21 ? 4    GLN C CD  1 
ATOM   598  O OE1 . GLN C 1 5  ? -13.731 -45.587 9.582   1.00 27.87 ? 4    GLN C OE1 1 
ATOM   599  N NE2 . GLN C 1 5  ? -15.405 -44.358 8.720   1.00 27.22 ? 4    GLN C NE2 1 
ATOM   600  N N   . ILE C 1 6  ? -9.087  -42.494 7.768   1.00 22.55 ? 5    ILE C N   1 
ATOM   601  C CA  . ILE C 1 6  ? -8.016  -41.571 8.146   1.00 22.44 ? 5    ILE C CA  1 
ATOM   602  C C   . ILE C 1 6  ? -7.324  -41.028 6.903   1.00 22.62 ? 5    ILE C C   1 
ATOM   603  O O   . ILE C 1 6  ? -7.023  -39.840 6.827   1.00 22.19 ? 5    ILE C O   1 
ATOM   604  C CB  . ILE C 1 6  ? -6.981  -42.292 9.055   1.00 22.18 ? 5    ILE C CB  1 
ATOM   605  C CG1 . ILE C 1 6  ? -7.602  -42.582 10.425  1.00 22.56 ? 5    ILE C CG1 1 
ATOM   606  C CG2 . ILE C 1 6  ? -5.699  -41.449 9.213   1.00 21.00 ? 5    ILE C CG2 1 
ATOM   607  C CD1 . ILE C 1 6  ? -6.713  -43.383 11.362  1.00 22.71 ? 5    ILE C CD1 1 
ATOM   608  N N   . GLU C 1 7  ? -7.067  -41.912 5.940   1.00 23.18 ? 6    GLU C N   1 
ATOM   609  C CA  . GLU C 1 7  ? -6.488  -41.526 4.660   1.00 23.79 ? 6    GLU C CA  1 
ATOM   610  C C   . GLU C 1 7  ? -7.420  -40.575 3.909   1.00 23.80 ? 6    GLU C C   1 
ATOM   611  O O   . GLU C 1 7  ? -6.951  -39.614 3.321   1.00 24.04 ? 6    GLU C O   1 
ATOM   612  C CB  . GLU C 1 7  ? -6.182  -42.765 3.802   1.00 24.34 ? 6    GLU C CB  1 
ATOM   613  C CG  . GLU C 1 7  ? -5.019  -43.597 4.310   1.00 25.78 ? 6    GLU C CG  1 
ATOM   614  C CD  . GLU C 1 7  ? -5.011  -45.035 3.790   1.00 29.42 ? 6    GLU C CD  1 
ATOM   615  O OE1 . GLU C 1 7  ? -4.257  -45.859 4.346   1.00 33.31 ? 6    GLU C OE1 1 
ATOM   616  O OE2 . GLU C 1 7  ? -5.753  -45.361 2.846   1.00 32.98 ? 6    GLU C OE2 1 
ATOM   617  N N   . ASP C 1 8  ? -8.730  -40.842 3.933   1.00 23.88 ? 7    ASP C N   1 
ATOM   618  C CA  . ASP C 1 8  ? -9.735  -39.959 3.306   1.00 24.11 ? 7    ASP C CA  1 
ATOM   619  C C   . ASP C 1 8  ? -9.657  -38.554 3.892   1.00 23.87 ? 7    ASP C C   1 
ATOM   620  O O   . ASP C 1 8  ? -9.700  -37.559 3.164   1.00 23.62 ? 7    ASP C O   1 
ATOM   621  C CB  . ASP C 1 8  ? -11.168 -40.440 3.571   1.00 24.14 ? 7    ASP C CB  1 
ATOM   622  C CG  . ASP C 1 8  ? -11.503 -41.744 2.904   1.00 25.39 ? 7    ASP C CG  1 
ATOM   623  O OD1 . ASP C 1 8  ? -10.743 -42.202 2.028   1.00 23.14 ? 7    ASP C OD1 1 
ATOM   624  O OD2 . ASP C 1 8  ? -12.533 -42.385 3.217   1.00 27.96 ? 7    ASP C OD2 1 
ATOM   625  N N   . ARG C 1 9  ? -9.568  -38.491 5.216   1.00 24.04 ? 8    ARG C N   1 
ATOM   626  C CA  . ARG C 1 9  ? -9.565  -37.222 5.948   1.00 23.94 ? 8    ARG C CA  1 
ATOM   627  C C   . ARG C 1 9  ? -8.275  -36.439 5.717   1.00 23.42 ? 8    ARG C C   1 
ATOM   628  O O   . ARG C 1 9  ? -8.294  -35.208 5.665   1.00 23.01 ? 8    ARG C O   1 
ATOM   629  C CB  . ARG C 1 9  ? -9.739  -37.474 7.449   1.00 24.67 ? 8    ARG C CB  1 
ATOM   630  C CG  . ARG C 1 9  ? -9.853  -36.201 8.294   1.00 27.37 ? 8    ARG C CG  1 
ATOM   631  C CD  . ARG C 1 9  ? -11.096 -35.364 7.993   1.00 31.54 ? 8    ARG C CD  1 
ATOM   632  N NE  . ARG C 1 9  ? -12.284 -35.922 8.637   1.00 35.60 ? 8    ARG C NE  1 
ATOM   633  C CZ  . ARG C 1 9  ? -13.442 -35.282 8.799   1.00 38.79 ? 8    ARG C CZ  1 
ATOM   634  N NH1 . ARG C 1 9  ? -13.610 -34.037 8.356   1.00 40.16 ? 8    ARG C NH1 1 
ATOM   635  N NH2 . ARG C 1 9  ? -14.452 -35.898 9.405   1.00 39.05 ? 8    ARG C NH2 1 
ATOM   636  N N   . LEU C 1 10 ? -7.160  -37.151 5.578   1.00 22.42 ? 9    LEU C N   1 
ATOM   637  C CA  . LEU C 1 10 ? -5.868  -36.520 5.312   1.00 22.29 ? 9    LEU C CA  1 
ATOM   638  C C   . LEU C 1 10 ? -5.897  -35.887 3.929   1.00 21.55 ? 9    LEU C C   1 
ATOM   639  O O   . LEU C 1 10 ? -5.312  -34.838 3.711   1.00 21.20 ? 9    LEU C O   1 
ATOM   640  C CB  . LEU C 1 10 ? -4.727  -37.552 5.370   1.00 21.90 ? 9    LEU C CB  1 
ATOM   641  C CG  . LEU C 1 10 ? -3.598  -37.496 6.404   1.00 23.49 ? 9    LEU C CG  1 
ATOM   642  C CD1 . LEU C 1 10 ? -3.797  -36.483 7.539   1.00 21.96 ? 9    LEU C CD1 1 
ATOM   643  C CD2 . LEU C 1 10 ? -3.337  -38.893 6.962   1.00 23.08 ? 9    LEU C CD2 1 
ATOM   644  N N   . GLU C 1 11 ? -6.573  -36.548 2.998   1.00 21.65 ? 10   GLU C N   1 
ATOM   645  C CA  . GLU C 1 11 ? -6.666  -36.070 1.623   1.00 21.56 ? 10   GLU C CA  1 
ATOM   646  C C   . GLU C 1 11 ? -7.473  -34.779 1.574   1.00 20.61 ? 10   GLU C C   1 
ATOM   647  O O   . GLU C 1 11 ? -7.095  -33.837 0.876   1.00 20.26 ? 10   GLU C O   1 
ATOM   648  C CB  . GLU C 1 11 ? -7.261  -37.156 0.712   1.00 22.29 ? 10   GLU C CB  1 
ATOM   649  C CG  . GLU C 1 11 ? -6.270  -38.277 0.417   1.00 24.72 ? 10   GLU C CG  1 
ATOM   650  C CD  . GLU C 1 11 ? -6.888  -39.515 -0.217  1.00 29.31 ? 10   GLU C CD  1 
ATOM   651  O OE1 . GLU C 1 11 ? -6.234  -40.585 -0.178  1.00 32.62 ? 10   GLU C OE1 1 
ATOM   652  O OE2 . GLU C 1 11 ? -8.015  -39.434 -0.752  1.00 32.70 ? 10   GLU C OE2 1 
ATOM   653  N N   . GLU C 1 12 ? -8.563  -34.732 2.343   1.00 19.40 ? 11   GLU C N   1 
ATOM   654  C CA  . GLU C 1 12 ? -9.388  -33.541 2.471   0.50 18.59 ? 11   GLU C CA  1 
ATOM   655  C C   . GLU C 1 12 ? -8.605  -32.408 3.129   0.50 18.24 ? 11   GLU C C   1 
ATOM   656  O O   . GLU C 1 12 ? -8.706  -31.267 2.704   0.50 17.33 ? 11   GLU C O   1 
ATOM   657  C CB  . GLU C 1 12 ? -10.643 -33.851 3.291   0.50 18.80 ? 11   GLU C CB  1 
ATOM   658  N N   . ILE C 1 13 ? -7.826  -32.733 4.161   1.00 18.30 ? 12   ILE C N   1 
ATOM   659  C CA  . ILE C 1 13 ? -6.989  -31.740 4.839   1.00 18.61 ? 12   ILE C CA  1 
ATOM   660  C C   . ILE C 1 13 ? -5.952  -31.170 3.877   1.00 18.71 ? 12   ILE C C   1 
ATOM   661  O O   . ILE C 1 13 ? -5.721  -29.968 3.861   1.00 18.89 ? 12   ILE C O   1 
ATOM   662  C CB  . ILE C 1 13 ? -6.292  -32.345 6.077   1.00 18.87 ? 12   ILE C CB  1 
ATOM   663  C CG1 . ILE C 1 13 ? -7.313  -32.600 7.185   1.00 19.86 ? 12   ILE C CG1 1 
ATOM   664  C CG2 . ILE C 1 13 ? -5.198  -31.398 6.621   1.00 18.60 ? 12   ILE C CG2 1 
ATOM   665  C CD1 . ILE C 1 13 ? -6.871  -33.608 8.211   1.00 20.19 ? 12   ILE C CD1 1 
ATOM   666  N N   . LEU C 1 14 ? -5.327  -32.028 3.081   1.00 19.08 ? 13   LEU C N   1 
ATOM   667  C CA  . LEU C 1 14 ? -4.347  -31.563 2.098   1.00 19.75 ? 13   LEU C CA  1 
ATOM   668  C C   . LEU C 1 14 ? -4.961  -30.610 1.074   1.00 20.01 ? 13   LEU C C   1 
ATOM   669  O O   . LEU C 1 14 ? -4.328  -29.634 0.699   1.00 20.26 ? 13   LEU C O   1 
ATOM   670  C CB  . LEU C 1 14 ? -3.654  -32.742 1.406   1.00 20.18 ? 13   LEU C CB  1 
ATOM   671  C CG  . LEU C 1 14 ? -2.643  -33.433 2.328   1.00 21.12 ? 13   LEU C CG  1 
ATOM   672  C CD1 . LEU C 1 14 ? -2.211  -34.781 1.785   1.00 23.58 ? 13   LEU C CD1 1 
ATOM   673  C CD2 . LEU C 1 14 ? -1.435  -32.552 2.562   1.00 23.88 ? 13   LEU C CD2 1 
ATOM   674  N N   . SER C 1 15 ? -6.187  -30.883 0.638   1.00 20.35 ? 14   SER C N   1 
ATOM   675  C CA  . SER C 1 15 ? -6.866  -30.022 -0.331  1.00 21.47 ? 14   SER C CA  1 
ATOM   676  C C   . SER C 1 15 ? -7.136  -28.641 0.276   1.00 21.46 ? 14   SER C C   1 
ATOM   677  O O   . SER C 1 15 ? -6.882  -27.615 -0.345  1.00 21.78 ? 14   SER C O   1 
ATOM   678  C CB  . SER C 1 15 ? -8.164  -30.690 -0.808  1.00 21.60 ? 14   SER C CB  1 
ATOM   679  O OG  . SER C 1 15 ? -8.858  -29.884 -1.739  1.00 24.53 ? 14   SER C OG  1 
ATOM   680  N N   . LYS C 1 16 ? -7.641  -28.624 1.500   1.00 21.60 ? 15   LYS C N   1 
ATOM   681  C CA  . LYS C 1 16 ? -7.926  -27.373 2.194   1.00 21.77 ? 15   LYS C CA  1 
ATOM   682  C C   . LYS C 1 16 ? -6.647  -26.576 2.449   1.00 21.39 ? 15   LYS C C   1 
ATOM   683  O O   . LYS C 1 16 ? -6.620  -25.373 2.221   1.00 21.46 ? 15   LYS C O   1 
ATOM   684  C CB  . LYS C 1 16 ? -8.671  -27.653 3.499   1.00 22.28 ? 15   LYS C CB  1 
ATOM   685  C CG  . LYS C 1 16 ? -10.058 -28.239 3.250   1.00 22.96 ? 15   LYS C CG  1 
ATOM   686  C CD  . LYS C 1 16 ? -10.820 -28.471 4.533   1.00 24.76 ? 15   LYS C CD  1 
ATOM   687  N N   . LEU C 1 17 ? -5.592  -27.254 2.906   1.00 20.78 ? 16   LEU C N   1 
ATOM   688  C CA  . LEU C 1 17 ? -4.301  -26.607 3.154   1.00 20.49 ? 16   LEU C CA  1 
ATOM   689  C C   . LEU C 1 17 ? -3.702  -25.965 1.906   1.00 20.03 ? 16   LEU C C   1 
ATOM   690  O O   . LEU C 1 17 ? -3.133  -24.875 1.979   1.00 19.81 ? 16   LEU C O   1 
ATOM   691  C CB  . LEU C 1 17 ? -3.301  -27.607 3.734   1.00 20.58 ? 16   LEU C CB  1 
ATOM   692  C CG  . LEU C 1 17 ? -3.434  -27.890 5.221   1.00 21.38 ? 16   LEU C CG  1 
ATOM   693  C CD1 . LEU C 1 17 ? -2.327  -28.864 5.676   1.00 22.47 ? 16   LEU C CD1 1 
ATOM   694  C CD2 . LEU C 1 17 ? -3.372  -26.581 6.027   1.00 22.62 ? 16   LEU C CD2 1 
ATOM   695  N N   . HIS C 1 18 ? -3.827  -26.638 0.770   0.50 18.87 ? 17   HIS C N   1 
ATOM   696  C CA  . HIS C 1 18 ? -3.359  -26.089 -0.493  0.50 18.65 ? 17   HIS C CA  1 
ATOM   697  C C   . HIS C 1 18 ? -4.094  -24.794 -0.841  0.50 18.60 ? 17   HIS C C   1 
ATOM   698  O O   . HIS C 1 18 ? -3.479  -23.860 -1.322  0.50 17.13 ? 17   HIS C O   1 
ATOM   699  C CB  . HIS C 1 18 ? -3.525  -27.106 -1.616  0.50 18.55 ? 17   HIS C CB  1 
ATOM   700  C CG  . HIS C 1 18 ? -2.588  -28.268 -1.516  0.50 18.63 ? 17   HIS C CG  1 
ATOM   701  N N   . HIS C 1 19 ? -5.404  -24.747 -0.588  1.00 19.27 ? 18   HIS C N   1 
ATOM   702  C CA  . HIS C 1 19 ? -6.199  -23.555 -0.858  1.00 20.16 ? 18   HIS C CA  1 
ATOM   703  C C   . HIS C 1 19 ? -5.893  -22.423 0.130   1.00 20.23 ? 18   HIS C C   1 
ATOM   704  O O   . HIS C 1 19 ? -5.896  -21.260 -0.254  1.00 19.84 ? 18   HIS C O   1 
ATOM   705  C CB  . HIS C 1 19 ? -7.698  -23.893 -0.875  1.00 20.77 ? 18   HIS C CB  1 
ATOM   706  C CG  . HIS C 1 19 ? -8.099  -24.725 -2.049  1.00 21.88 ? 18   HIS C CG  1 
ATOM   707  N ND1 . HIS C 1 19 ? -8.029  -24.263 -3.345  1.00 25.08 ? 18   HIS C ND1 1 
ATOM   708  C CD2 . HIS C 1 19 ? -8.521  -26.006 -2.133  1.00 24.56 ? 18   HIS C CD2 1 
ATOM   709  C CE1 . HIS C 1 19 ? -8.406  -25.217 -4.173  1.00 25.32 ? 18   HIS C CE1 1 
ATOM   710  N NE2 . HIS C 1 19 ? -8.712  -26.287 -3.464  1.00 26.72 ? 18   HIS C NE2 1 
ATOM   711  N N   . ILE C 1 20 ? -5.608  -22.777 1.384   1.00 20.47 ? 19   ILE C N   1 
ATOM   712  C CA  . ILE C 1 20 ? -5.182  -21.818 2.402   1.00 20.80 ? 19   ILE C CA  1 
ATOM   713  C C   . ILE C 1 20 ? -3.835  -21.214 2.020   1.00 20.86 ? 19   ILE C C   1 
ATOM   714  O O   . ILE C 1 20 ? -3.623  -20.019 2.199   1.00 20.61 ? 19   ILE C O   1 
ATOM   715  C CB  . ILE C 1 20 ? -5.097  -22.485 3.803   1.00 21.13 ? 19   ILE C CB  1 
ATOM   716  C CG1 . ILE C 1 20 ? -6.505  -22.696 4.364   1.00 21.08 ? 19   ILE C CG1 1 
ATOM   717  C CG2 . ILE C 1 20 ? -4.306  -21.613 4.789   1.00 21.28 ? 19   ILE C CG2 1 
ATOM   718  C CD1 . ILE C 1 20 ? -6.569  -23.719 5.478   1.00 21.41 ? 19   ILE C CD1 1 
ATOM   719  N N   . CYS C 1 21 ? -2.937  -22.039 1.492   1.00 21.05 ? 20   CYS C N   1 
ATOM   720  C CA  . CYS C 1 21 ? -1.646  -21.560 0.991   1.00 21.21 ? 20   CYS C CA  1 
ATOM   721  C C   . CYS C 1 21 ? -1.860  -20.589 -0.172  1.00 21.67 ? 20   CYS C C   1 
ATOM   722  O O   . CYS C 1 21 ? -1.256  -19.519 -0.195  1.00 22.45 ? 20   CYS C O   1 
ATOM   723  C CB  . CYS C 1 21 ? -0.761  -22.725 0.540   1.00 21.06 ? 20   CYS C CB  1 
ATOM   724  S SG  . CYS C 1 21 ? 0.024   -23.638 1.885   1.00 20.59 ? 20   CYS C SG  1 
ATOM   725  N N   . ASN C 1 22 ? -2.731  -20.952 -1.117  1.00 21.92 ? 21   ASN C N   1 
ATOM   726  C CA  . ASN C 1 22 ? -3.038  -20.096 -2.274  1.00 22.35 ? 21   ASN C CA  1 
ATOM   727  C C   . ASN C 1 22 ? -3.581  -18.742 -1.824  1.00 22.24 ? 21   ASN C C   1 
ATOM   728  O O   . ASN C 1 22 ? -3.230  -17.711 -2.385  1.00 21.59 ? 21   ASN C O   1 
ATOM   729  C CB  . ASN C 1 22 ? -4.062  -20.753 -3.214  1.00 22.66 ? 21   ASN C CB  1 
ATOM   730  C CG  . ASN C 1 22 ? -3.521  -21.986 -3.941  1.00 24.49 ? 21   ASN C CG  1 
ATOM   731  O OD1 . ASN C 1 22 ? -2.354  -22.351 -3.814  1.00 25.76 ? 21   ASN C OD1 1 
ATOM   732  N ND2 . ASN C 1 22 ? -4.397  -22.641 -4.706  1.00 27.02 ? 21   ASN C ND2 1 
ATOM   733  N N   . GLU C 1 23 ? -4.425  -18.751 -0.799  1.00 22.41 ? 22   GLU C N   1 
ATOM   734  C CA  . GLU C 1 23 ? -5.063  -17.530 -0.308  1.00 22.81 ? 22   GLU C CA  1 
ATOM   735  C C   . GLU C 1 23 ? -4.038  -16.622 0.376   1.00 22.86 ? 22   GLU C C   1 
ATOM   736  O O   . GLU C 1 23 ? -4.037  -15.405 0.173   1.00 21.87 ? 22   GLU C O   1 
ATOM   737  C CB  . GLU C 1 23 ? -6.213  -17.894 0.629   1.00 23.60 ? 22   GLU C CB  1 
ATOM   738  C CG  . GLU C 1 23 ? -6.821  -16.739 1.411   1.00 25.86 ? 22   GLU C CG  1 
ATOM   739  C CD  . GLU C 1 23 ? -7.898  -15.976 0.661   1.00 28.09 ? 22   GLU C CD  1 
ATOM   740  O OE1 . GLU C 1 23 ? -8.839  -15.491 1.336   1.00 29.89 ? 22   GLU C OE1 1 
ATOM   741  O OE2 . GLU C 1 23 ? -7.809  -15.841 -0.583  1.00 29.54 ? 22   GLU C OE2 1 
ATOM   742  N N   . LEU C 1 24 ? -3.149  -17.218 1.161   1.00 22.71 ? 23   LEU C N   1 
ATOM   743  C CA  . LEU C 1 24 ? -2.069  -16.470 1.796   1.00 23.19 ? 23   LEU C CA  1 
ATOM   744  C C   . LEU C 1 24 ? -1.124  -15.860 0.759   1.00 23.39 ? 23   LEU C C   1 
ATOM   745  O O   . LEU C 1 24 ? -0.629  -14.743 0.948   1.00 23.18 ? 23   LEU C O   1 
ATOM   746  C CB  . LEU C 1 24 ? -1.311  -17.362 2.788   1.00 23.05 ? 23   LEU C CB  1 
ATOM   747  C CG  . LEU C 1 24 ? -2.098  -17.631 4.078   1.00 23.28 ? 23   LEU C CG  1 
ATOM   748  C CD1 . LEU C 1 24 ? -1.476  -18.777 4.872   1.00 23.54 ? 23   LEU C CD1 1 
ATOM   749  C CD2 . LEU C 1 24 ? -2.185  -16.387 4.948   1.00 23.90 ? 23   LEU C CD2 1 
ATOM   750  N N   . ALA C 1 25 ? -0.908  -16.568 -0.347  1.00 23.71 ? 24   ALA C N   1 
ATOM   751  C CA  . ALA C 1 25 ? -0.073  -16.062 -1.433  1.00 24.01 ? 24   ALA C CA  1 
ATOM   752  C C   . ALA C 1 25 ? -0.747  -14.872 -2.116  1.00 24.68 ? 24   ALA C C   1 
ATOM   753  O O   . ALA C 1 25 ? -0.088  -13.883 -2.428  1.00 24.35 ? 24   ALA C O   1 
ATOM   754  C CB  . ALA C 1 25 ? 0.238   -17.169 -2.448  1.00 24.32 ? 24   ALA C CB  1 
ATOM   755  N N   . ARG C 1 26 ? -2.063  -14.960 -2.326  1.00 25.31 ? 25   ARG C N   1 
ATOM   756  C CA  . ARG C 1 26 ? -2.832  -13.856 -2.899  1.00 25.89 ? 25   ARG C CA  1 
ATOM   757  C C   . ARG C 1 26 ? -2.842  -12.632 -1.976  1.00 26.20 ? 25   ARG C C   1 
ATOM   758  O O   . ARG C 1 26 ? -2.689  -11.499 -2.441  1.00 25.58 ? 25   ARG C O   1 
ATOM   759  C CB  . ARG C 1 26 ? -4.271  -14.288 -3.168  1.00 26.31 ? 25   ARG C CB  1 
ATOM   760  C CG  . ARG C 1 26 ? -4.449  -15.153 -4.412  1.00 27.80 ? 25   ARG C CG  1 
ATOM   761  C CD  . ARG C 1 26 ? -5.908  -15.345 -4.810  1.00 30.19 ? 25   ARG C CD  1 
ATOM   762  N NE  . ARG C 1 26 ? -6.639  -16.163 -3.847  1.00 31.64 ? 25   ARG C NE  1 
ATOM   763  C CZ  . ARG C 1 26 ? -6.783  -17.487 -3.909  1.00 33.18 ? 25   ARG C CZ  1 
ATOM   764  N NH1 . ARG C 1 26 ? -6.255  -18.196 -4.901  1.00 32.38 ? 25   ARG C NH1 1 
ATOM   765  N NH2 . ARG C 1 26 ? -7.469  -18.112 -2.958  1.00 34.19 ? 25   ARG C NH2 1 
ATOM   766  N N   . ILE C 1 27 ? -3.042  -12.864 -0.679  1.00 26.19 ? 26   ILE C N   1 
ATOM   767  C CA  . ILE C 1 27 ? -3.021  -11.796 0.313   1.00 26.99 ? 26   ILE C CA  1 
ATOM   768  C C   . ILE C 1 27 ? -1.670  -11.104 0.309   1.00 27.44 ? 26   ILE C C   1 
ATOM   769  O O   . ILE C 1 27 ? -1.604  -9.880  0.312   1.00 27.57 ? 26   ILE C O   1 
ATOM   770  C CB  . ILE C 1 27 ? -3.345  -12.337 1.727   1.00 27.03 ? 26   ILE C CB  1 
ATOM   771  C CG1 . ILE C 1 27 ? -4.840  -12.635 1.825   1.00 27.21 ? 26   ILE C CG1 1 
ATOM   772  C CG2 . ILE C 1 27 ? -2.915  -11.319 2.812   1.00 27.10 ? 26   ILE C CG2 1 
ATOM   773  C CD1 . ILE C 1 27 ? -5.286  -13.244 3.143   1.00 27.91 ? 26   ILE C CD1 1 
ATOM   774  N N   . ARG C 1 28 ? -0.596  -11.886 0.296   1.00 27.93 ? 27   ARG C N   1 
ATOM   775  C CA  . ARG C 1 28 ? 0.753   -11.320 0.235   1.00 29.01 ? 27   ARG C CA  1 
ATOM   776  C C   . ARG C 1 28 ? 0.936   -10.465 -1.034  1.00 29.51 ? 27   ARG C C   1 
ATOM   777  O O   . ARG C 1 28 ? 1.555   -9.404  -0.983  1.00 29.82 ? 27   ARG C O   1 
ATOM   778  C CB  . ARG C 1 28 ? 1.805   -12.427 0.306   1.00 29.17 ? 27   ARG C CB  1 
ATOM   779  C CG  . ARG C 1 28 ? 3.248   -11.927 0.305   1.00 30.35 ? 27   ARG C CG  1 
ATOM   780  C CD  . ARG C 1 28 ? 4.279   -13.016 0.552   1.00 32.46 ? 27   ARG C CD  1 
ATOM   781  N NE  . ARG C 1 28 ? 5.633   -12.629 0.148   1.00 34.25 ? 27   ARG C NE  1 
ATOM   782  C CZ  . ARG C 1 28 ? 6.073   -12.561 -1.105  1.00 36.88 ? 27   ARG C CZ  1 
ATOM   783  N NH1 . ARG C 1 28 ? 7.336   -12.209 -1.342  1.00 38.64 ? 27   ARG C NH1 1 
ATOM   784  N NH2 . ARG C 1 28 ? 5.272   -12.832 -2.128  1.00 38.16 ? 27   ARG C NH2 1 
ATOM   785  N N   . ARG C 1 29 ? 0.364   -10.912 -2.150  1.00 30.20 ? 28   ARG C N   1 
ATOM   786  C CA  . ARG C 1 29 ? 0.460   -10.186 -3.424  1.00 31.18 ? 28   ARG C CA  1 
ATOM   787  C C   . ARG C 1 29 ? -0.275  -8.853  -3.363  1.00 31.58 ? 28   ARG C C   1 
ATOM   788  O O   . ARG C 1 29 ? 0.295   -7.810  -3.689  1.00 31.65 ? 28   ARG C O   1 
ATOM   789  C CB  . ARG C 1 29 ? -0.084  -11.030 -4.585  1.00 31.06 ? 28   ARG C CB  1 
ATOM   790  C CG  . ARG C 1 29 ? 0.698   -10.878 -5.896  1.00 31.90 ? 28   ARG C CG  1 
ATOM   791  N N   . LEU C 1 30 ? -1.538  -8.908  -2.944  1.00 32.24 ? 29   LEU C N   1 
ATOM   792  C CA  . LEU C 1 30 ? -2.364  -7.725  -2.707  1.00 32.84 ? 29   LEU C CA  1 
ATOM   793  C C   . LEU C 1 30 ? -1.657  -6.688  -1.846  1.00 33.47 ? 29   LEU C C   1 
ATOM   794  O O   . LEU C 1 30 ? -1.738  -5.490  -2.118  1.00 33.86 ? 29   LEU C O   1 
ATOM   795  C CB  . LEU C 1 30 ? -3.683  -8.124  -2.037  1.00 32.76 ? 29   LEU C CB  1 
ATOM   796  C CG  . LEU C 1 30 ? -4.736  -8.788  -2.926  1.00 33.39 ? 29   LEU C CG  1 
ATOM   797  N N   . LEU C 1 31 ? -0.964  -7.143  -0.807  1.00 34.07 ? 30   LEU C N   1 
ATOM   798  C CA  . LEU C 1 31 ? -0.266  -6.236  0.105   1.00 34.53 ? 30   LEU C CA  1 
ATOM   799  C C   . LEU C 1 31 ? 0.922   -5.560  -0.583  1.00 34.94 ? 30   LEU C C   1 
ATOM   800  O O   . LEU C 1 31 ? 1.216   -4.395  -0.314  1.00 34.71 ? 30   LEU C O   1 
ATOM   801  C CB  . LEU C 1 31 ? 0.194   -6.976  1.366   1.00 34.55 ? 30   LEU C CB  1 
ATOM   802  C CG  . LEU C 1 31 ? -0.907  -7.429  2.336   1.00 34.59 ? 30   LEU C CG  1 
ATOM   803  C CD1 . LEU C 1 31 ? -0.326  -8.284  3.450   1.00 35.27 ? 30   LEU C CD1 1 
ATOM   804  C CD2 . LEU C 1 31 ? -1.654  -6.250  2.924   1.00 34.81 ? 30   LEU C CD2 1 
ATOM   805  N N   . GLY C 1 32 ? 1.591   -6.295  -1.470  1.00 35.37 ? 31   GLY C N   1 
ATOM   806  C CA  . GLY C 1 32 ? 2.703   -5.771  -2.248  1.00 35.97 ? 31   GLY C CA  1 
ATOM   807  C C   . GLY C 1 32 ? 2.314   -4.782  -3.342  1.00 36.43 ? 31   GLY C C   1 
ATOM   808  O O   . GLY C 1 32 ? 3.166   -4.045  -3.831  1.00 36.59 ? 31   GLY C O   1 
ATOM   809  N N   . GLU C 1 33 ? 1.037   -4.770  -3.722  1.00 37.04 ? 32   GLU C N   1 
ATOM   810  C CA  . GLU C 1 33 ? 0.510   -3.868  -4.751  1.00 37.66 ? 32   GLU C CA  1 
ATOM   811  C C   . GLU C 1 33 ? -0.003  -2.546  -4.172  1.00 38.03 ? 32   GLU C C   1 
ATOM   812  O O   . GLU C 1 33 ? -0.567  -1.715  -4.893  1.00 38.01 ? 32   GLU C O   1 
ATOM   813  C CB  . GLU C 1 33 ? -0.628  -4.564  -5.500  1.00 37.83 ? 32   GLU C CB  1 
ATOM   814  C CG  . GLU C 1 33 ? -0.172  -5.772  -6.306  1.00 38.44 ? 32   GLU C CG  1 
ATOM   815  C CD  . GLU C 1 33 ? -1.313  -6.569  -6.911  1.00 39.71 ? 32   GLU C CD  1 
ATOM   816  O OE1 . GLU C 1 33 ? -1.031  -7.451  -7.750  1.00 41.53 ? 32   GLU C OE1 1 
ATOM   817  O OE2 . GLU C 1 33 ? -2.487  -6.322  -6.560  1.00 41.34 ? 32   GLU C OE2 1 
ATOM   818  N N   . ARG C 1 34 ? 0.188   -2.358  -2.870  1.00 38.45 ? 33   ARG C N   1 
ATOM   819  C CA  . ARG C 1 34 ? -0.352  -1.202  -2.174  1.00 38.83 ? 33   ARG C CA  1 
ATOM   820  C C   . ARG C 1 34 ? 0.678   -0.094  -2.040  1.00 38.43 ? 33   ARG C C   1 
ATOM   821  O O   . ARG C 1 34 ? 1.869   -0.221  -2.327  1.00 38.08 ? 33   ARG C O   1 
ATOM   822  C CB  . ARG C 1 34 ? -0.872  -1.620  -0.799  1.00 39.27 ? 33   ARG C CB  1 
ATOM   823  C CG  . ARG C 1 34 ? -2.197  -2.361  -0.871  1.00 40.72 ? 33   ARG C CG  1 
ATOM   824  C CD  . ARG C 1 34 ? -2.522  -3.189  0.358   1.00 42.96 ? 33   ARG C CD  1 
ATOM   825  N NE  . ARG C 1 34 ? -3.619  -2.605  1.130   1.00 45.12 ? 33   ARG C NE  1 
ATOM   826  C CZ  . ARG C 1 34 ? -3.494  -1.626  2.028   1.00 46.64 ? 33   ARG C CZ  1 
ATOM   827  N NH1 . ARG C 1 34 ? -2.310  -1.093  2.311   1.00 48.11 ? 33   ARG C NH1 1 
ATOM   828  N NH2 . ARG C 1 34 ? -4.572  -1.185  2.662   1.00 46.30 ? 33   ARG C NH2 1 
ATOM   829  O OXT . ARG C 1 34 ? 0.307   0.992   -1.633  1.00 38.16 ? 33   ARG C OXT 1 
ATOM   830  N N   . ARG D 1 2  ? 7.384   -1.605  7.566   1.00 34.29 ? 1    ARG D N   1 
ATOM   831  C CA  . ARG D 1 2  ? 6.370   -2.312  8.401   1.00 33.87 ? 1    ARG D CA  1 
ATOM   832  C C   . ARG D 1 2  ? 5.518   -3.285  7.597   1.00 33.86 ? 1    ARG D C   1 
ATOM   833  O O   . ARG D 1 2  ? 5.393   -4.449  7.956   1.00 33.41 ? 1    ARG D O   1 
ATOM   834  N N   . MET D 1 3  ? 4.930   -2.808  6.507   1.00 33.79 ? 2    MET D N   1 
ATOM   835  C CA  . MET D 1 3  ? 4.115   -3.664  5.647   1.00 33.84 ? 2    MET D CA  1 
ATOM   836  C C   . MET D 1 3  ? 5.008   -4.659  4.913   1.00 33.45 ? 2    MET D C   1 
ATOM   837  O O   . MET D 1 3  ? 4.596   -5.780  4.636   1.00 33.13 ? 2    MET D O   1 
ATOM   838  C CB  . MET D 1 3  ? 3.326   -2.831  4.632   1.00 33.94 ? 2    MET D CB  1 
ATOM   839  C CG  . MET D 1 3  ? 2.358   -3.637  3.762   1.00 34.56 ? 2    MET D CG  1 
ATOM   840  S SD  . MET D 1 3  ? 1.181   -4.669  4.678   1.00 36.06 ? 2    MET D SD  1 
ATOM   841  C CE  . MET D 1 3  ? 0.518   -3.531  5.799   1.00 35.88 ? 2    MET D CE  1 
ATOM   842  N N   . ARG D 1 4  ? 6.232   -4.234  4.604   1.00 33.16 ? 3    ARG D N   1 
ATOM   843  C CA  . ARG D 1 4  ? 7.215   -5.103  3.967   1.00 32.79 ? 3    ARG D CA  1 
ATOM   844  C C   . ARG D 1 4  ? 7.608   -6.250  4.900   1.00 32.27 ? 3    ARG D C   1 
ATOM   845  O O   . ARG D 1 4  ? 7.862   -7.362  4.445   1.00 32.11 ? 3    ARG D O   1 
ATOM   846  C CB  . ARG D 1 4  ? 8.438   -4.302  3.561   1.00 33.12 ? 3    ARG D CB  1 
ATOM   847  N N   . GLN D 1 5  ? 7.647   -5.967  6.202   1.00 31.74 ? 4    GLN D N   1 
ATOM   848  C CA  . GLN D 1 5  ? 7.921   -6.981  7.220   1.00 31.35 ? 4    GLN D CA  1 
ATOM   849  C C   . GLN D 1 5  ? 6.811   -8.013  7.230   1.00 30.82 ? 4    GLN D C   1 
ATOM   850  O O   . GLN D 1 5  ? 7.069   -9.213  7.258   1.00 30.59 ? 4    GLN D O   1 
ATOM   851  C CB  . GLN D 1 5  ? 8.050   -6.335  8.610   1.00 31.50 ? 4    GLN D CB  1 
ATOM   852  C CG  . GLN D 1 5  ? 8.442   -7.305  9.726   1.00 31.82 ? 4    GLN D CG  1 
ATOM   853  N N   . ILE D 1 6  ? 5.573   -7.532  7.203   1.00 30.21 ? 5    ILE D N   1 
ATOM   854  C CA  . ILE D 1 6  ? 4.398   -8.397  7.187   1.00 29.69 ? 5    ILE D CA  1 
ATOM   855  C C   . ILE D 1 6  ? 4.405   -9.296  5.949   1.00 29.19 ? 5    ILE D C   1 
ATOM   856  O O   . ILE D 1 6  ? 4.050   -10.463 6.040   1.00 28.66 ? 5    ILE D O   1 
ATOM   857  C CB  . ILE D 1 6  ? 3.112   -7.554  7.265   1.00 29.63 ? 5    ILE D CB  1 
ATOM   858  C CG1 . ILE D 1 6  ? 3.016   -6.894  8.643   1.00 29.95 ? 5    ILE D CG1 1 
ATOM   859  C CG2 . ILE D 1 6  ? 1.863   -8.412  6.992   1.00 29.65 ? 5    ILE D CG2 1 
ATOM   860  C CD1 . ILE D 1 6  ? 2.023   -5.754  8.713   1.00 30.42 ? 5    ILE D CD1 1 
ATOM   861  N N   . GLU D 1 7  ? 4.843   -8.755  4.812   1.00 28.68 ? 6    GLU D N   1 
ATOM   862  C CA  . GLU D 1 7  ? 4.965   -9.528  3.574   1.00 28.36 ? 6    GLU D CA  1 
ATOM   863  C C   . GLU D 1 7  ? 6.009   -10.646 3.737   1.00 27.71 ? 6    GLU D C   1 
ATOM   864  O O   . GLU D 1 7  ? 5.781   -11.776 3.314   1.00 27.37 ? 6    GLU D O   1 
ATOM   865  C CB  . GLU D 1 7  ? 5.315   -8.611  2.388   1.00 28.52 ? 6    GLU D CB  1 
ATOM   866  C CG  . GLU D 1 7  ? 4.110   -7.905  1.771   1.00 30.00 ? 6    GLU D CG  1 
ATOM   867  C CD  . GLU D 1 7  ? 4.425   -6.530  1.185   1.00 32.73 ? 6    GLU D CD  1 
ATOM   868  O OE1 . GLU D 1 7  ? 3.494   -5.688  1.106   1.00 34.50 ? 6    GLU D OE1 1 
ATOM   869  O OE2 . GLU D 1 7  ? 5.584   -6.276  0.801   1.00 32.08 ? 6    GLU D OE2 1 
ATOM   870  N N   . ASP D 1 8  ? 7.130   -10.333 4.383   1.00 26.99 ? 7    ASP D N   1 
ATOM   871  C CA  . ASP D 1 8  ? 8.179   -11.310 4.653   1.00 26.81 ? 7    ASP D CA  1 
ATOM   872  C C   . ASP D 1 8  ? 7.693   -12.409 5.607   1.00 25.99 ? 7    ASP D C   1 
ATOM   873  O O   . ASP D 1 8  ? 8.003   -13.568 5.401   1.00 25.14 ? 7    ASP D O   1 
ATOM   874  C CB  . ASP D 1 8  ? 9.423   -10.631 5.242   1.00 27.22 ? 7    ASP D CB  1 
ATOM   875  C CG  . ASP D 1 8  ? 10.196  -9.810  4.217   1.00 28.65 ? 7    ASP D CG  1 
ATOM   876  O OD1 . ASP D 1 8  ? 10.014  -10.011 2.994   1.00 30.10 ? 7    ASP D OD1 1 
ATOM   877  O OD2 . ASP D 1 8  ? 11.021  -8.942  4.558   1.00 30.57 ? 7    ASP D OD2 1 
ATOM   878  N N   . ARG D 1 9  ? 6.909   -12.042 6.618   1.00 25.65 ? 8    ARG D N   1 
ATOM   879  C CA  . ARG D 1 9  ? 6.359   -13.007 7.575   1.00 25.31 ? 8    ARG D CA  1 
ATOM   880  C C   . ARG D 1 9  ? 5.316   -13.933 6.931   1.00 25.02 ? 8    ARG D C   1 
ATOM   881  O O   . ARG D 1 9  ? 5.255   -15.120 7.253   1.00 24.43 ? 8    ARG D O   1 
ATOM   882  C CB  . ARG D 1 9  ? 5.750   -12.280 8.780   1.00 25.51 ? 8    ARG D CB  1 
ATOM   883  C CG  . ARG D 1 9  ? 6.759   -11.490 9.590   1.00 26.67 ? 8    ARG D CG  1 
ATOM   884  N N   . LEU D 1 10 ? 4.517   -13.396 6.010   1.00 24.30 ? 9    LEU D N   1 
ATOM   885  C CA  . LEU D 1 10 ? 3.566   -14.204 5.262   1.00 24.37 ? 9    LEU D CA  1 
ATOM   886  C C   . LEU D 1 10 ? 4.301   -15.190 4.333   1.00 24.43 ? 9    LEU D C   1 
ATOM   887  O O   . LEU D 1 10 ? 3.858   -16.313 4.174   1.00 24.01 ? 9    LEU D O   1 
ATOM   888  C CB  . LEU D 1 10 ? 2.584   -13.321 4.478   1.00 24.31 ? 9    LEU D CB  1 
ATOM   889  C CG  . LEU D 1 10 ? 1.521   -12.597 5.318   1.00 24.81 ? 9    LEU D CG  1 
ATOM   890  C CD1 . LEU D 1 10 ? 0.728   -11.612 4.473   1.00 24.69 ? 9    LEU D CD1 1 
ATOM   891  C CD2 . LEU D 1 10 ? 0.572   -13.585 5.985   1.00 23.84 ? 9    LEU D CD2 1 
ATOM   892  N N   . GLU D 1 11 ? 5.431   -14.780 3.757   1.00 24.50 ? 10   GLU D N   1 
ATOM   893  C CA  . GLU D 1 11 ? 6.243   -15.676 2.928   1.00 25.27 ? 10   GLU D CA  1 
ATOM   894  C C   . GLU D 1 11 ? 6.857   -16.814 3.766   1.00 24.77 ? 10   GLU D C   1 
ATOM   895  O O   . GLU D 1 11 ? 6.913   -17.958 3.317   1.00 24.42 ? 10   GLU D O   1 
ATOM   896  C CB  . GLU D 1 11 ? 7.345   -14.884 2.206   1.00 25.47 ? 10   GLU D CB  1 
ATOM   897  C CG  . GLU D 1 11 ? 8.135   -15.678 1.179   1.00 27.68 ? 10   GLU D CG  1 
ATOM   898  C CD  . GLU D 1 11 ? 7.333   -16.057 -0.059  1.00 29.01 ? 10   GLU D CD  1 
ATOM   899  O OE1 . GLU D 1 11 ? 6.160   -15.650 -0.194  1.00 31.30 ? 10   GLU D OE1 1 
ATOM   900  O OE2 . GLU D 1 11 ? 7.889   -16.773 -0.911  1.00 33.22 ? 10   GLU D OE2 1 
ATOM   901  N N   . GLU D 1 12 ? 7.298   -16.491 4.980   1.00 24.87 ? 11   GLU D N   1 
ATOM   902  C CA  . GLU D 1 12 ? 7.859   -17.473 5.908   1.00 24.71 ? 11   GLU D CA  1 
ATOM   903  C C   . GLU D 1 12 ? 6.800   -18.496 6.322   1.00 24.46 ? 11   GLU D C   1 
ATOM   904  O O   . GLU D 1 12 ? 7.077   -19.699 6.374   1.00 23.86 ? 11   GLU D O   1 
ATOM   905  C CB  . GLU D 1 12 ? 8.429   -16.773 7.148   1.00 25.35 ? 11   GLU D CB  1 
ATOM   906  C CG  . GLU D 1 12 ? 9.788   -16.119 6.915   1.00 27.66 ? 11   GLU D CG  1 
ATOM   907  C CD  . GLU D 1 12 ? 10.105  -15.012 7.906   1.00 29.94 ? 11   GLU D CD  1 
ATOM   908  O OE1 . GLU D 1 12 ? 9.327   -14.799 8.858   1.00 30.41 ? 11   GLU D OE1 1 
ATOM   909  O OE2 . GLU D 1 12 ? 11.149  -14.341 7.727   1.00 33.38 ? 11   GLU D OE2 1 
ATOM   910  N N   . ILE D 1 13 ? 5.587   -18.017 6.595   1.00 23.61 ? 12   ILE D N   1 
ATOM   911  C CA  . ILE D 1 13 ? 4.462   -18.885 6.939   1.00 23.62 ? 12   ILE D CA  1 
ATOM   912  C C   . ILE D 1 13 ? 4.112   -19.783 5.752   1.00 23.45 ? 12   ILE D C   1 
ATOM   913  O O   . ILE D 1 13 ? 3.805   -20.955 5.925   1.00 22.88 ? 12   ILE D O   1 
ATOM   914  C CB  . ILE D 1 13 ? 3.217   -18.043 7.344   1.00 23.76 ? 12   ILE D CB  1 
ATOM   915  C CG1 . ILE D 1 13 ? 3.437   -17.361 8.698   1.00 23.52 ? 12   ILE D CG1 1 
ATOM   916  C CG2 . ILE D 1 13 ? 1.953   -18.915 7.378   1.00 24.02 ? 12   ILE D CG2 1 
ATOM   917  C CD1 . ILE D 1 13 ? 2.503   -16.180 8.934   1.00 24.12 ? 12   ILE D CD1 1 
ATOM   918  N N   . LEU D 1 14 ? 4.143   -19.221 4.550   1.00 23.55 ? 13   LEU D N   1 
ATOM   919  C CA  . LEU D 1 14 ? 3.833   -19.995 3.353   1.00 23.98 ? 13   LEU D CA  1 
ATOM   920  C C   . LEU D 1 14 ? 4.804   -21.142 3.193   1.00 23.97 ? 13   LEU D C   1 
ATOM   921  O O   . LEU D 1 14 ? 4.402   -22.266 2.895   1.00 24.25 ? 13   LEU D O   1 
ATOM   922  C CB  . LEU D 1 14 ? 3.872   -19.118 2.100   1.00 24.50 ? 13   LEU D CB  1 
ATOM   923  C CG  . LEU D 1 14 ? 2.512   -18.521 1.783   1.00 24.97 ? 13   LEU D CG  1 
ATOM   924  C CD1 . LEU D 1 14 ? 2.648   -17.405 0.782   1.00 26.79 ? 13   LEU D CD1 1 
ATOM   925  C CD2 . LEU D 1 14 ? 1.592   -19.622 1.266   1.00 26.97 ? 13   LEU D CD2 1 
ATOM   926  N N   . SER D 1 15 ? 6.078   -20.844 3.411   1.00 23.53 ? 14   SER D N   1 
ATOM   927  C CA  . SER D 1 15 ? 7.150   -21.827 3.342   1.00 23.94 ? 14   SER D CA  1 
ATOM   928  C C   . SER D 1 15 ? 6.950   -22.964 4.348   1.00 23.50 ? 14   SER D C   1 
ATOM   929  O O   . SER D 1 15 ? 7.126   -24.136 4.010   1.00 23.08 ? 14   SER D O   1 
ATOM   930  C CB  . SER D 1 15 ? 8.488   -21.141 3.589   1.00 23.76 ? 14   SER D CB  1 
ATOM   931  O OG  . SER D 1 15 ? 9.561   -22.038 3.422   1.00 25.38 ? 14   SER D OG  1 
ATOM   932  N N   . LYS D 1 16 ? 6.577   -22.614 5.573   1.00 23.47 ? 15   LYS D N   1 
ATOM   933  C CA  . LYS D 1 16 ? 6.321   -23.610 6.618   1.00 23.79 ? 15   LYS D CA  1 
ATOM   934  C C   . LYS D 1 16 ? 5.070   -24.447 6.333   1.00 23.03 ? 15   LYS D C   1 
ATOM   935  O O   . LYS D 1 16 ? 5.062   -25.655 6.588   1.00 22.92 ? 15   LYS D O   1 
ATOM   936  C CB  . LYS D 1 16 ? 6.205   -22.946 7.991   1.00 24.08 ? 15   LYS D CB  1 
ATOM   937  C CG  . LYS D 1 16 ? 7.502   -22.314 8.451   1.00 25.93 ? 15   LYS D CG  1 
ATOM   938  C CD  . LYS D 1 16 ? 7.360   -21.637 9.801   1.00 29.41 ? 15   LYS D CD  1 
ATOM   939  C CE  . LYS D 1 16 ? 8.513   -20.672 10.059  1.00 31.19 ? 15   LYS D CE  1 
ATOM   940  N NZ  . LYS D 1 16 ? 8.559   -20.244 11.480  1.00 33.11 ? 15   LYS D NZ  1 
ATOM   941  N N   . LEU D 1 17 ? 4.027   -23.817 5.800   1.00 22.19 ? 16   LEU D N   1 
ATOM   942  C CA  . LEU D 1 17 ? 2.784   -24.528 5.504   1.00 22.16 ? 16   LEU D CA  1 
ATOM   943  C C   . LEU D 1 17 ? 2.966   -25.502 4.358   1.00 21.53 ? 16   LEU D C   1 
ATOM   944  O O   . LEU D 1 17 ? 2.445   -26.603 4.403   1.00 21.70 ? 16   LEU D O   1 
ATOM   945  C CB  . LEU D 1 17 ? 1.636   -23.569 5.171   1.00 22.13 ? 16   LEU D CB  1 
ATOM   946  C CG  . LEU D 1 17 ? 0.825   -22.971 6.318   1.00 23.90 ? 16   LEU D CG  1 
ATOM   947  C CD1 . LEU D 1 17 ? -0.328  -22.168 5.724   1.00 25.43 ? 16   LEU D CD1 1 
ATOM   948  C CD2 . LEU D 1 17 ? 0.301   -24.026 7.279   1.00 24.75 ? 16   LEU D CD2 1 
ATOM   949  N N   . HIS D 1 18 ? 3.701   -25.101 3.328   1.00 21.04 ? 17   HIS D N   1 
ATOM   950  C CA  . HIS D 1 18 ? 3.980   -26.001 2.209   1.00 20.69 ? 17   HIS D CA  1 
ATOM   951  C C   . HIS D 1 18 ? 4.811   -27.203 2.674   1.00 20.80 ? 17   HIS D C   1 
ATOM   952  O O   . HIS D 1 18 ? 4.539   -28.333 2.264   1.00 20.18 ? 17   HIS D O   1 
ATOM   953  C CB  . HIS D 1 18 ? 4.650   -25.250 1.050   1.00 21.03 ? 17   HIS D CB  1 
ATOM   954  C CG  . HIS D 1 18 ? 3.679   -24.559 0.135   1.00 20.39 ? 17   HIS D CG  1 
ATOM   955  N ND1 . HIS D 1 18 ? 2.767   -25.246 -0.639  1.00 20.72 ? 17   HIS D ND1 1 
ATOM   956  C CD2 . HIS D 1 18 ? 3.490   -23.243 -0.140  1.00 21.10 ? 17   HIS D CD2 1 
ATOM   957  C CE1 . HIS D 1 18 ? 2.054   -24.385 -1.348  1.00 21.83 ? 17   HIS D CE1 1 
ATOM   958  N NE2 . HIS D 1 18 ? 2.471   -23.163 -1.062  1.00 21.25 ? 17   HIS D NE2 1 
ATOM   959  N N   . HIS D 1 19 ? 5.799   -26.968 3.544   1.00 20.50 ? 18   HIS D N   1 
ATOM   960  C CA  . HIS D 1 19 ? 6.599   -28.053 4.106   1.00 21.11 ? 18   HIS D CA  1 
ATOM   961  C C   . HIS D 1 19 ? 5.701   -29.013 4.884   1.00 20.62 ? 18   HIS D C   1 
ATOM   962  O O   . HIS D 1 19 ? 5.846   -30.223 4.775   1.00 20.31 ? 18   HIS D O   1 
ATOM   963  C CB  . HIS D 1 19 ? 7.703   -27.528 5.033   1.00 21.66 ? 18   HIS D CB  1 
ATOM   964  C CG  . HIS D 1 19 ? 8.894   -26.961 4.314   1.00 23.58 ? 18   HIS D CG  1 
ATOM   965  N ND1 . HIS D 1 19 ? 9.506   -25.793 4.711   1.00 25.54 ? 18   HIS D ND1 1 
ATOM   966  C CD2 . HIS D 1 19 ? 9.600   -27.407 3.248   1.00 25.89 ? 18   HIS D CD2 1 
ATOM   967  C CE1 . HIS D 1 19 ? 10.522  -25.534 3.910   1.00 25.02 ? 18   HIS D CE1 1 
ATOM   968  N NE2 . HIS D 1 19 ? 10.601  -26.498 3.014   1.00 25.79 ? 18   HIS D NE2 1 
ATOM   969  N N   . ILE D 1 20 ? 4.769   -28.462 5.657   1.00 20.42 ? 19   ILE D N   1 
ATOM   970  C CA  . ILE D 1 20 ? 3.823   -29.267 6.420   1.00 20.79 ? 19   ILE D CA  1 
ATOM   971  C C   . ILE D 1 20 ? 2.920   -30.081 5.500   1.00 20.69 ? 19   ILE D C   1 
ATOM   972  O O   . ILE D 1 20 ? 2.716   -31.255 5.759   1.00 20.68 ? 19   ILE D O   1 
ATOM   973  C CB  . ILE D 1 20 ? 2.996   -28.384 7.405   1.00 20.58 ? 19   ILE D CB  1 
ATOM   974  C CG1 . ILE D 1 20 ? 3.871   -27.988 8.601   1.00 21.91 ? 19   ILE D CG1 1 
ATOM   975  C CG2 . ILE D 1 20 ? 1.764   -29.140 7.903   1.00 21.03 ? 19   ILE D CG2 1 
ATOM   976  C CD1 . ILE D 1 20 ? 3.317   -26.845 9.451   1.00 22.62 ? 19   ILE D CD1 1 
ATOM   977  N N   . CYS D 1 21 ? 2.408   -29.474 4.426   1.00 21.07 ? 20   CYS D N   1 
ATOM   978  C CA  . CYS D 1 21 ? 1.627   -30.207 3.423   1.00 21.91 ? 20   CYS D CA  1 
ATOM   979  C C   . CYS D 1 21 ? 2.421   -31.384 2.885   1.00 21.51 ? 20   CYS D C   1 
ATOM   980  O O   . CYS D 1 21 ? 1.901   -32.481 2.786   1.00 21.71 ? 20   CYS D O   1 
ATOM   981  C CB  . CYS D 1 21 ? 1.256   -29.316 2.237   1.00 22.10 ? 20   CYS D CB  1 
ATOM   982  S SG  . CYS D 1 21 ? 0.112   -28.011 2.644   1.00 26.13 ? 20   CYS D SG  1 
ATOM   983  N N   . ASN D 1 22 ? 3.683   -31.138 2.542   1.00 21.13 ? 21   ASN D N   1 
ATOM   984  C CA  . ASN D 1 22 ? 4.549   -32.171 1.978   1.00 21.18 ? 21   ASN D CA  1 
ATOM   985  C C   . ASN D 1 22 ? 4.710   -33.345 2.949   1.00 20.86 ? 21   ASN D C   1 
ATOM   986  O O   . ASN D 1 22 ? 4.689   -34.511 2.532   1.00 20.93 ? 21   ASN D O   1 
ATOM   987  C CB  . ASN D 1 22 ? 5.925   -31.590 1.609   1.00 21.25 ? 21   ASN D CB  1 
ATOM   988  C CG  . ASN D 1 22 ? 5.850   -30.494 0.539   1.00 22.13 ? 21   ASN D CG  1 
ATOM   989  O OD1 . ASN D 1 22 ? 4.884   -30.402 -0.213  1.00 24.69 ? 21   ASN D OD1 1 
ATOM   990  N ND2 . ASN D 1 22 ? 6.883   -29.658 0.477   1.00 22.01 ? 21   ASN D ND2 1 
ATOM   991  N N   A GLU D 1 23 ? 4.842   -33.022 4.238   0.50 20.79 ? 22   GLU D N   1 
ATOM   992  N N   B GLU D 1 23 ? 4.840   -33.058 4.241   0.50 20.58 ? 22   GLU D N   1 
ATOM   993  C CA  A GLU D 1 23 ? 4.997   -34.018 5.300   0.50 20.73 ? 22   GLU D CA  1 
ATOM   994  C CA  B GLU D 1 23 ? 5.012   -34.124 5.221   0.50 20.36 ? 22   GLU D CA  1 
ATOM   995  C C   A GLU D 1 23 ? 3.712   -34.831 5.490   0.50 20.47 ? 22   GLU D C   1 
ATOM   996  C C   B GLU D 1 23 ? 3.696   -34.858 5.504   0.50 20.26 ? 22   GLU D C   1 
ATOM   997  O O   A GLU D 1 23 ? 3.763   -36.041 5.687   0.50 20.01 ? 22   GLU D O   1 
ATOM   998  O O   B GLU D 1 23 ? 3.710   -36.055 5.779   0.50 19.83 ? 22   GLU D O   1 
ATOM   999  C CB  A GLU D 1 23 ? 5.387   -33.341 6.623   0.50 20.99 ? 22   GLU D CB  1 
ATOM   1000 C CB  B GLU D 1 23 ? 5.639   -33.589 6.512   0.50 20.37 ? 22   GLU D CB  1 
ATOM   1001 C CG  A GLU D 1 23 ? 6.786   -32.746 6.639   0.50 21.52 ? 22   GLU D CG  1 
ATOM   1002 C CG  B GLU D 1 23 ? 5.944   -34.652 7.562   0.50 20.11 ? 22   GLU D CG  1 
ATOM   1003 C CD  A GLU D 1 23 ? 7.137   -32.069 7.957   0.50 22.29 ? 22   GLU D CD  1 
ATOM   1004 C CD  B GLU D 1 23 ? 6.658   -35.876 6.999   0.50 20.27 ? 22   GLU D CD  1 
ATOM   1005 O OE1 A GLU D 1 23 ? 8.120   -32.493 8.592   0.50 23.81 ? 22   GLU D OE1 1 
ATOM   1006 O OE1 B GLU D 1 23 ? 6.283   -36.999 7.375   0.50 18.26 ? 22   GLU D OE1 1 
ATOM   1007 O OE2 A GLU D 1 23 ? 6.449   -31.110 8.360   0.50 22.14 ? 22   GLU D OE2 1 
ATOM   1008 O OE2 B GLU D 1 23 ? 7.593   -35.712 6.182   0.50 22.42 ? 22   GLU D OE2 1 
ATOM   1009 N N   . LEU D 1 24 ? 2.569   -34.152 5.427   1.00 20.10 ? 23   LEU D N   1 
ATOM   1010 C CA  . LEU D 1 24 ? 1.265   -34.797 5.574   1.00 20.00 ? 23   LEU D CA  1 
ATOM   1011 C C   . LEU D 1 24 ? 0.942   -35.711 4.390   1.00 19.87 ? 23   LEU D C   1 
ATOM   1012 O O   . LEU D 1 24 ? 0.347   -36.764 4.578   1.00 19.86 ? 23   LEU D O   1 
ATOM   1013 C CB  . LEU D 1 24 ? 0.153   -33.767 5.766   1.00 19.92 ? 23   LEU D CB  1 
ATOM   1014 C CG  . LEU D 1 24 ? 0.157   -33.033 7.116   1.00 20.28 ? 23   LEU D CG  1 
ATOM   1015 C CD1 . LEU D 1 24 ? -0.799  -31.836 7.054   1.00 20.26 ? 23   LEU D CD1 1 
ATOM   1016 C CD2 . LEU D 1 24 ? -0.201  -33.965 8.247   1.00 20.70 ? 23   LEU D CD2 1 
ATOM   1017 N N   . ALA D 1 25 ? 1.349   -35.313 3.184   1.00 19.47 ? 24   ALA D N   1 
ATOM   1018 C CA  . ALA D 1 25 ? 1.192   -36.131 1.985   1.00 19.32 ? 24   ALA D CA  1 
ATOM   1019 C C   . ALA D 1 25 ? 2.028   -37.416 2.085   1.00 19.59 ? 24   ALA D C   1 
ATOM   1020 O O   . ALA D 1 25 ? 1.565   -38.496 1.721   1.00 19.21 ? 24   ALA D O   1 
ATOM   1021 C CB  . ALA D 1 25 ? 1.596   -35.324 0.744   1.00 19.64 ? 24   ALA D CB  1 
ATOM   1022 N N   . ARG D 1 26 ? 3.267   -37.274 2.566   1.00 19.49 ? 25   ARG D N   1 
ATOM   1023 C CA  . ARG D 1 26 ? 4.162   -38.404 2.840   1.00 19.86 ? 25   ARG D CA  1 
ATOM   1024 C C   . ARG D 1 26 ? 3.496   -39.355 3.834   1.00 19.40 ? 25   ARG D C   1 
ATOM   1025 O O   . ARG D 1 26 ? 3.414   -40.554 3.590   1.00 19.33 ? 25   ARG D O   1 
ATOM   1026 C CB  . ARG D 1 26 ? 5.517   -37.895 3.379   1.00 20.07 ? 25   ARG D CB  1 
ATOM   1027 C CG  . ARG D 1 26 ? 6.571   -38.979 3.632   1.00 22.87 ? 25   ARG D CG  1 
ATOM   1028 C CD  . ARG D 1 26 ? 7.858   -38.465 4.241   1.00 25.35 ? 25   ARG D CD  1 
ATOM   1029 N NE  . ARG D 1 26 ? 8.622   -39.551 4.873   1.00 28.35 ? 25   ARG D NE  1 
ATOM   1030 C CZ  . ARG D 1 26 ? 9.841   -39.956 4.510   1.00 31.52 ? 25   ARG D CZ  1 
ATOM   1031 N NH1 . ARG D 1 26 ? 10.420  -40.961 5.159   1.00 33.07 ? 25   ARG D NH1 1 
ATOM   1032 N NH2 . ARG D 1 26 ? 10.497  -39.374 3.507   1.00 30.92 ? 25   ARG D NH2 1 
ATOM   1033 N N   . ILE D 1 27 ? 2.977   -38.807 4.928   1.00 18.78 ? 26   ILE D N   1 
ATOM   1034 C CA  . ILE D 1 27 ? 2.301   -39.608 5.937   1.00 18.82 ? 26   ILE D CA  1 
ATOM   1035 C C   . ILE D 1 27 ? 1.111   -40.334 5.312   1.00 19.21 ? 26   ILE D C   1 
ATOM   1036 O O   . ILE D 1 27 ? 0.947   -41.520 5.543   1.00 19.09 ? 26   ILE D O   1 
ATOM   1037 C CB  . ILE D 1 27 ? 1.885   -38.736 7.149   1.00 18.81 ? 26   ILE D CB  1 
ATOM   1038 C CG1 . ILE D 1 27 ? 3.118   -38.417 8.008   1.00 17.92 ? 26   ILE D CG1 1 
ATOM   1039 C CG2 . ILE D 1 27 ? 0.833   -39.437 8.001   1.00 18.65 ? 26   ILE D CG2 1 
ATOM   1040 C CD1 . ILE D 1 27 ? 2.844   -37.456 9.142   1.00 18.65 ? 26   ILE D CD1 1 
ATOM   1041 N N   . ARG D 1 28 ? 0.307   -39.645 4.503   1.00 19.85 ? 27   ARG D N   1 
ATOM   1042 C CA  . ARG D 1 28 ? -0.811  -40.302 3.802   1.00 20.91 ? 27   ARG D CA  1 
ATOM   1043 C C   . ARG D 1 28 ? -0.334  -41.478 2.946   1.00 21.21 ? 27   ARG D C   1 
ATOM   1044 O O   . ARG D 1 28 ? -0.927  -42.550 2.979   1.00 20.95 ? 27   ARG D O   1 
ATOM   1045 C CB  . ARG D 1 28 ? -1.580  -39.306 2.927   1.00 21.20 ? 27   ARG D CB  1 
ATOM   1046 C CG  . ARG D 1 28 ? -2.862  -39.864 2.320   1.00 21.78 ? 27   ARG D CG  1 
ATOM   1047 C CD  . ARG D 1 28 ? -2.715  -40.383 0.894   1.00 23.15 ? 27   ARG D CD  1 
ATOM   1048 N N   . ARG D 1 29 ? 0.741   -41.270 2.182   1.00 21.66 ? 28   ARG D N   1 
ATOM   1049 C CA  . ARG D 1 29 ? 1.290   -42.318 1.328   1.00 21.98 ? 28   ARG D CA  1 
ATOM   1050 C C   . ARG D 1 29 ? 1.776   -43.509 2.164   1.00 22.53 ? 28   ARG D C   1 
ATOM   1051 O O   . ARG D 1 29 ? 1.475   -44.662 1.832   1.00 22.85 ? 28   ARG D O   1 
ATOM   1052 C CB  . ARG D 1 29 ? 2.412   -41.764 0.437   1.00 21.79 ? 28   ARG D CB  1 
ATOM   1053 C CG  . ARG D 1 29 ? 1.905   -40.936 -0.742  1.00 21.73 ? 28   ARG D CG  1 
ATOM   1054 C CD  . ARG D 1 29 ? 2.984   -40.533 -1.749  1.00 22.06 ? 28   ARG D CD  1 
ATOM   1055 N NE  . ARG D 1 29 ? 4.130   -39.905 -1.092  1.00 22.14 ? 28   ARG D NE  1 
ATOM   1056 C CZ  . ARG D 1 29 ? 4.301   -38.595 -0.906  1.00 22.30 ? 28   ARG D CZ  1 
ATOM   1057 N NH1 . ARG D 1 29 ? 5.399   -38.162 -0.289  1.00 22.34 ? 28   ARG D NH1 1 
ATOM   1058 N NH2 . ARG D 1 29 ? 3.401   -37.717 -1.331  1.00 20.15 ? 28   ARG D NH2 1 
ATOM   1059 N N   . LEU D 1 30 ? 2.482   -43.230 3.260   1.00 22.82 ? 29   LEU D N   1 
ATOM   1060 C CA  . LEU D 1 30 ? 3.037   -44.275 4.126   1.00 23.48 ? 29   LEU D CA  1 
ATOM   1061 C C   . LEU D 1 30 ? 1.924   -45.122 4.731   1.00 23.85 ? 29   LEU D C   1 
ATOM   1062 O O   . LEU D 1 30 ? 1.982   -46.345 4.685   1.00 22.96 ? 29   LEU D O   1 
ATOM   1063 C CB  . LEU D 1 30 ? 3.894   -43.666 5.237   1.00 23.86 ? 29   LEU D CB  1 
ATOM   1064 C CG  . LEU D 1 30 ? 5.235   -43.061 4.813   1.00 24.41 ? 29   LEU D CG  1 
ATOM   1065 C CD1 . LEU D 1 30 ? 5.854   -42.284 5.966   1.00 25.57 ? 29   LEU D CD1 1 
ATOM   1066 C CD2 . LEU D 1 30 ? 6.196   -44.142 4.294   1.00 25.62 ? 29   LEU D CD2 1 
ATOM   1067 N N   . LEU D 1 31 ? 0.904   -44.460 5.278   1.00 24.42 ? 30   LEU D N   1 
ATOM   1068 C CA  . LEU D 1 31 ? -0.298  -45.140 5.768   1.00 25.09 ? 30   LEU D CA  1 
ATOM   1069 C C   . LEU D 1 31 ? -0.922  -46.052 4.707   1.00 25.92 ? 30   LEU D C   1 
ATOM   1070 O O   . LEU D 1 31 ? -1.403  -47.142 5.025   1.00 26.28 ? 30   LEU D O   1 
ATOM   1071 C CB  . LEU D 1 31 ? -1.339  -44.117 6.250   1.00 24.93 ? 30   LEU D CB  1 
ATOM   1072 C CG  . LEU D 1 31 ? -0.968  -43.304 7.496   1.00 24.40 ? 30   LEU D CG  1 
ATOM   1073 C CD1 . LEU D 1 31 ? -2.114  -42.372 7.880   1.00 23.93 ? 30   LEU D CD1 1 
ATOM   1074 C CD2 . LEU D 1 31 ? -0.598  -44.203 8.676   1.00 22.14 ? 30   LEU D CD2 1 
ATOM   1075 N N   . GLY D 1 32 ? -0.897  -45.605 3.454   1.00 26.36 ? 31   GLY D N   1 
ATOM   1076 C CA  . GLY D 1 32 ? -1.462  -46.346 2.341   1.00 26.94 ? 31   GLY D CA  1 
ATOM   1077 C C   . GLY D 1 32 ? -0.654  -47.565 1.900   1.00 27.55 ? 31   GLY D C   1 
ATOM   1078 O O   . GLY D 1 32 ? -1.166  -48.397 1.149   1.00 27.84 ? 31   GLY D O   1 
ATOM   1079 N N   . GLU D 1 33 ? 0.595   -47.661 2.350   1.00 27.75 ? 32   GLU D N   1 
ATOM   1080 C CA  . GLU D 1 33 ? 1.479   -48.786 2.027   1.00 28.48 ? 32   GLU D CA  1 
ATOM   1081 C C   . GLU D 1 33 ? 1.569   -49.824 3.152   1.00 28.78 ? 32   GLU D C   1 
ATOM   1082 O O   . GLU D 1 33 ? 2.419   -50.718 3.113   1.00 29.02 ? 32   GLU D O   1 
ATOM   1083 C CB  . GLU D 1 33 ? 2.884   -48.270 1.715   1.00 28.04 ? 32   GLU D CB  1 
ATOM   1084 C CG  . GLU D 1 33 ? 2.955   -47.387 0.481   1.00 28.94 ? 32   GLU D CG  1 
ATOM   1085 N N   . ARG D 1 34 ? 0.699   -49.708 4.147   1.00 28.99 ? 33   ARG D N   1 
ATOM   1086 C CA  . ARG D 1 34 ? 0.770   -50.567 5.325   1.00 29.33 ? 33   ARG D CA  1 
ATOM   1087 C C   . ARG D 1 34 ? -0.048  -51.838 5.122   1.00 29.52 ? 33   ARG D C   1 
ATOM   1088 O O   . ARG D 1 34 ? -0.907  -51.899 4.236   1.00 29.77 ? 33   ARG D O   1 
ATOM   1089 C CB  . ARG D 1 34 ? 0.294   -49.802 6.558   1.00 29.57 ? 33   ARG D CB  1 
ATOM   1090 C CG  . ARG D 1 34 ? 1.328   -48.818 7.090   1.00 29.92 ? 33   ARG D CG  1 
ATOM   1091 C CD  . ARG D 1 34 ? 0.806   -47.887 8.172   1.00 30.93 ? 33   ARG D CD  1 
ATOM   1092 N NE  . ARG D 1 34 ? 0.689   -48.569 9.460   1.00 31.35 ? 33   ARG D NE  1 
ATOM   1093 C CZ  . ARG D 1 34 ? 1.697   -48.816 10.291  1.00 32.65 ? 33   ARG D CZ  1 
ATOM   1094 N NH1 . ARG D 1 34 ? 1.466   -49.454 11.430  1.00 32.85 ? 33   ARG D NH1 1 
ATOM   1095 N NH2 . ARG D 1 34 ? 2.933   -48.423 10.001  1.00 33.63 ? 33   ARG D NH2 1 
ATOM   1096 O OXT . ARG D 1 34 ? 0.169   -52.816 5.837   1.00 28.92 ? 33   ARG D OXT 1 
HETATM 1097 O O   . HOH E 2 .  ? -9.362  8.607   -7.619  1.00 38.23 ? 2001 HOH A O   1 
HETATM 1098 O O   . HOH E 2 .  ? -1.605  3.298   -9.213  1.00 39.37 ? 2002 HOH A O   1 
HETATM 1099 O O   . HOH E 2 .  ? 2.752   10.681  -7.639  1.00 29.63 ? 2003 HOH A O   1 
HETATM 1100 O O   . HOH E 2 .  ? 1.507   29.583  -6.793  1.00 25.64 ? 2004 HOH A O   1 
HETATM 1101 O O   . HOH E 2 .  ? 2.433   26.954  -11.952 1.00 35.38 ? 2005 HOH A O   1 
HETATM 1102 O O   . HOH E 2 .  ? 8.237   5.179   1.478   1.00 51.60 ? 2006 HOH A O   1 
HETATM 1103 O O   . HOH E 2 .  ? 11.844  39.786  -1.549  1.00 42.91 ? 2007 HOH A O   1 
HETATM 1104 O O   . HOH E 2 .  ? 8.074   9.712   -1.543  1.00 49.64 ? 2008 HOH A O   1 
HETATM 1105 O O   . HOH E 2 .  ? 6.309   20.702  -6.828  1.00 27.81 ? 2009 HOH A O   1 
HETATM 1106 O O   . HOH E 2 .  ? 1.998   19.444  -6.771  1.00 43.71 ? 2010 HOH A O   1 
HETATM 1107 O O   . HOH E 2 .  ? 11.654  21.650  -3.002  1.00 47.53 ? 2011 HOH A O   1 
HETATM 1108 O O   . HOH E 2 .  ? 9.677   20.980  0.119   1.00 44.29 ? 2012 HOH A O   1 
HETATM 1109 O O   . HOH E 2 .  ? 7.593   23.014  -6.892  1.00 34.99 ? 2013 HOH A O   1 
HETATM 1110 O O   . HOH E 2 .  ? 3.683   28.456  -8.630  1.00 26.51 ? 2014 HOH A O   1 
HETATM 1111 O O   . HOH E 2 .  ? 7.278   25.888  -7.318  1.00 31.48 ? 2015 HOH A O   1 
HETATM 1112 O O   . HOH E 2 .  ? 3.618   24.795  -11.146 1.00 37.99 ? 2016 HOH A O   1 
HETATM 1113 O O   . HOH E 2 .  ? 7.609   21.291  5.157   1.00 41.20 ? 2017 HOH A O   1 
HETATM 1114 O O   . HOH E 2 .  ? 9.269   28.298  2.584   1.00 33.02 ? 2018 HOH A O   1 
HETATM 1115 O O   . HOH E 2 .  ? 9.726   26.926  4.875   1.00 59.84 ? 2019 HOH A O   1 
HETATM 1116 O O   . HOH E 2 .  ? 10.326  35.403  0.113   1.00 37.77 ? 2020 HOH A O   1 
HETATM 1117 O O   . HOH E 2 .  ? 11.542  27.280  0.930   1.00 49.67 ? 2021 HOH A O   1 
HETATM 1118 O O   . HOH E 2 .  ? 7.272   39.123  4.286   1.00 31.06 ? 2022 HOH A O   1 
HETATM 1119 O O   . HOH E 2 .  ? 10.726  38.135  0.419   1.00 37.67 ? 2023 HOH A O   1 
HETATM 1120 O O   . HOH E 2 .  ? 7.915   52.113  2.043   1.00 43.85 ? 2024 HOH A O   1 
HETATM 1121 O O   . HOH E 2 .  ? 5.631   55.061  2.145   1.00 23.46 ? 2025 HOH A O   1 
HETATM 1122 O O   . HOH F 2 .  ? 2.336   49.385  -12.836 1.00 51.32 ? 2001 HOH B O   1 
HETATM 1123 O O   . HOH F 2 .  ? 4.225   41.064  -8.063  1.00 43.01 ? 2002 HOH B O   1 
HETATM 1124 O O   . HOH F 2 .  ? -5.552  40.246  -10.986 1.00 34.90 ? 2003 HOH B O   1 
HETATM 1125 O O   . HOH F 2 .  ? -1.255  9.333   -5.736  1.00 28.36 ? 2004 HOH B O   1 
HETATM 1126 O O   . HOH F 2 .  ? -9.813  35.619  -6.483  1.00 31.80 ? 2005 HOH B O   1 
HETATM 1127 O O   . HOH F 2 .  ? -0.352  29.613  -10.608 1.00 33.32 ? 2006 HOH B O   1 
HETATM 1128 O O   . HOH F 2 .  ? -7.931  30.777  -8.591  1.00 35.73 ? 2007 HOH B O   1 
HETATM 1129 O O   . HOH F 2 .  ? -2.532  26.953  -11.239 1.00 40.92 ? 2008 HOH B O   1 
HETATM 1130 O O   . HOH F 2 .  ? -7.416  26.379  -9.615  1.00 28.08 ? 2009 HOH B O   1 
HETATM 1131 O O   . HOH F 2 .  ? 2.666   21.662  -8.026  1.00 37.77 ? 2010 HOH B O   1 
HETATM 1132 O O   . HOH F 2 .  ? -10.620 31.418  -3.669  1.00 26.77 ? 2011 HOH B O   1 
HETATM 1133 O O   . HOH F 2 .  ? -10.245 16.568  -5.870  1.00 28.36 ? 2012 HOH B O   1 
HETATM 1134 O O   . HOH F 2 .  ? -12.230 22.912  -5.626  1.00 37.19 ? 2013 HOH B O   1 
HETATM 1135 O O   . HOH F 2 .  ? -10.174 23.898  -4.308  1.00 25.35 ? 2014 HOH B O   1 
HETATM 1136 O O   . HOH F 2 .  ? -7.150  20.919  -9.664  1.00 33.82 ? 2015 HOH B O   1 
HETATM 1137 O O   . HOH F 2 .  ? -8.690  24.155  -9.610  1.00 36.17 ? 2016 HOH B O   1 
HETATM 1138 O O   . HOH F 2 .  ? -6.514  16.594  -8.318  1.00 31.11 ? 2017 HOH B O   1 
HETATM 1139 O O   . HOH F 2 .  ? -3.325  13.895  -5.643  1.00 33.12 ? 2018 HOH B O   1 
HETATM 1140 O O   . HOH F 2 .  ? -11.602 14.298  0.485   1.00 42.57 ? 2019 HOH B O   1 
HETATM 1141 O O   . HOH F 2 .  ? -3.335  11.144  -6.426  1.00 28.88 ? 2020 HOH B O   1 
HETATM 1142 O O   . HOH F 2 .  ? -4.997  12.029  -12.403 1.00 63.78 ? 2021 HOH B O   1 
HETATM 1143 O O   . HOH F 2 .  ? -13.428 12.067  0.904   1.00 37.91 ? 2022 HOH B O   1 
HETATM 1144 O O   . HOH F 2 .  ? -10.821 10.023  -6.072  1.00 26.36 ? 2023 HOH B O   1 
HETATM 1145 O O   . HOH F 2 .  ? -12.648 17.870  -4.073  1.00 36.44 ? 2024 HOH B O   1 
HETATM 1146 O O   . HOH F 2 .  ? -13.363 14.486  -1.161  1.00 34.89 ? 2025 HOH B O   1 
HETATM 1147 O O   . HOH G 2 .  ? -12.462 -50.006 9.087   1.00 58.32 ? 2001 HOH C O   1 
HETATM 1148 O O   . HOH G 2 .  ? -12.790 -39.828 6.675   1.00 29.94 ? 2002 HOH C O   1 
HETATM 1149 O O   . HOH G 2 .  ? -14.335 -41.971 4.987   1.00 34.26 ? 2003 HOH C O   1 
HETATM 1150 O O   . HOH G 2 .  ? -8.555  -43.620 1.285   1.00 45.06 ? 2004 HOH C O   1 
HETATM 1151 O O   . HOH G 2 .  ? -14.426 -42.197 0.351   1.00 27.51 ? 2005 HOH C O   1 
HETATM 1152 O O   . HOH G 2 .  ? -10.949 -30.843 1.221   1.00 35.85 ? 2006 HOH C O   1 
HETATM 1153 O O   . HOH G 2 .  ? -1.105  -24.900 -2.813  1.00 36.08 ? 2007 HOH C O   1 
HETATM 1154 O O   . HOH G 2 .  ? -2.211  -17.894 -5.065  1.00 43.99 ? 2008 HOH C O   1 
HETATM 1155 O O   . HOH G 2 .  ? -6.979  -21.389 -4.917  1.00 38.33 ? 2009 HOH C O   1 
HETATM 1156 O O   . HOH G 2 .  ? 2.516   -14.102 -2.808  1.00 34.35 ? 2010 HOH C O   1 
HETATM 1157 O O   . HOH G 2 .  ? -4.158  -11.396 -5.198  1.00 51.59 ? 2011 HOH C O   1 
HETATM 1158 O O   . HOH G 2 .  ? 2.577   -7.706  -5.480  1.00 29.68 ? 2012 HOH C O   1 
HETATM 1159 O O   . HOH G 2 .  ? -2.996  -7.436  -9.705  1.00 47.51 ? 2013 HOH C O   1 
HETATM 1160 O O   . HOH G 2 .  ? -6.208  -6.171  -6.260  1.00 46.75 ? 2014 HOH C O   1 
HETATM 1161 O O   . HOH G 2 .  ? 0.095   0.855   3.831   1.00 73.49 ? 2015 HOH C O   1 
HETATM 1162 O O   . HOH G 2 .  ? 3.785   1.910   -2.475  1.00 27.18 ? 2016 HOH C O   1 
HETATM 1163 O O   . HOH H 2 .  ? 4.876   -3.404  10.647  1.00 52.82 ? 2001 HOH D O   1 
HETATM 1164 O O   . HOH H 2 .  ? 7.272   -41.106 9.812   1.00 33.77 ? 2002 HOH D O   1 
HETATM 1165 O O   . HOH H 2 .  ? 4.107   -16.188 -2.139  1.00 33.56 ? 2003 HOH D O   1 
HETATM 1166 O O   . HOH H 2 .  ? 9.996   -20.267 7.373   1.00 45.86 ? 2004 HOH D O   1 
HETATM 1167 O O   . HOH H 2 .  ? 10.488  -22.851 6.369   1.00 47.51 ? 2005 HOH D O   1 
HETATM 1168 O O   . HOH H 2 .  ? 8.075   -24.757 1.214   1.00 28.48 ? 2006 HOH D O   1 
HETATM 1169 O O   . HOH H 2 .  ? 7.500   -26.342 8.663   1.00 45.42 ? 2007 HOH D O   1 
HETATM 1170 O O   . HOH H 2 .  ? 3.091   -28.026 -0.704  1.00 25.24 ? 2008 HOH D O   1 
HETATM 1171 O O   . HOH H 2 .  ? 1.733   -20.732 -2.059  1.00 37.13 ? 2009 HOH D O   1 
HETATM 1172 O O   . HOH H 2 .  ? 9.824   -25.341 7.428   1.00 45.64 ? 2010 HOH D O   1 
HETATM 1173 O O   . HOH H 2 .  ? 0.815   -31.987 -0.889  1.00 39.31 ? 2011 HOH D O   1 
HETATM 1174 O O   . HOH H 2 .  ? 5.547   -35.134 0.073   1.00 36.13 ? 2012 HOH D O   1 
HETATM 1175 O O   . HOH H 2 .  ? 8.789   -30.354 2.516   1.00 40.04 ? 2013 HOH D O   1 
HETATM 1176 O O   . HOH H 2 .  ? 8.246   -27.147 0.110   1.00 36.94 ? 2014 HOH D O   1 
HETATM 1177 O O   . HOH H 2 .  ? 7.599   -29.681 10.071  1.00 54.48 ? 2015 HOH D O   1 
HETATM 1178 O O   . HOH H 2 .  ? 10.323  -36.734 5.906   1.00 44.80 ? 2016 HOH D O   1 
HETATM 1179 O O   . HOH H 2 .  ? 8.367   -34.319 3.815   1.00 42.73 ? 2017 HOH D O   1 
HETATM 1180 O O   . HOH H 2 .  ? 9.186   -29.983 6.889   1.00 43.34 ? 2018 HOH D O   1 
HETATM 1181 O O   . HOH H 2 .  ? -0.407  -38.307 -0.191  1.00 26.99 ? 2019 HOH D O   1 
HETATM 1182 O O   . HOH H 2 .  ? 8.985   -40.806 7.841   1.00 34.47 ? 2020 HOH D O   1 
HETATM 1183 O O   . HOH H 2 .  ? -3.405  -43.346 1.523   1.00 46.77 ? 2021 HOH D O   1 
HETATM 1184 O O   . HOH H 2 .  ? 6.097   -41.767 -0.039  1.00 24.19 ? 2022 HOH D O   1 
HETATM 1185 O O   . HOH H 2 .  ? 0.259   -45.122 -0.551  1.00 31.98 ? 2023 HOH D O   1 
HETATM 1186 O O   . HOH H 2 .  ? -3.120  -49.107 4.973   1.00 39.54 ? 2024 HOH D O   1 
HETATM 1187 O O   . HOH H 2 .  ? -1.448  -50.322 10.379  1.00 39.00 ? 2025 HOH D O   1 
HETATM 1188 O O   . HOH H 2 .  ? 3.942   -46.677 7.790   1.00 29.56 ? 2026 HOH D O   1 
HETATM 1189 O O   . HOH H 2 .  ? -2.152  -54.056 3.460   1.00 30.90 ? 2027 HOH D O   1 
# 
